data_6H3N
#
_entry.id   6H3N
#
_cell.length_a   1
_cell.length_b   1
_cell.length_c   1
_cell.angle_alpha   90
_cell.angle_beta   90
_cell.angle_gamma   90
#
_symmetry.space_group_name_H-M   'P 1'
#
_entity_poly.entity_id   1
_entity_poly.type   'polypeptide(L)'
_entity_poly.pdbx_seq_one_letter_code
;MQLTRLVQVDCPLGPDVLLLQRMEGREELGRLFAYELHLVSENPNLPLEQLLGKPMSLSLELPGGSRRFFHGIVARCSQV
AGHGQFAGYQATLRPWPWLLTRTSDCRIFQNQSVPEIIKQVFRNLGFSDFEDALTRPYREWEYCVQYRETSFDFISRLME
QEGIYYWFRHEQKRHILVLSDAYGAHRSPGGYASVPYYPPTLGHRERDHFFDWQMAREVQPGSLTLNDYDFQRPGARLEV
RSNIARPHAAADYPLYDYPGEYVQSQDGEQYARNRIEAIQAQHERVRLRGVVRGIGAGHLFRLSGYPRDDQNREYLVVGA
EYRVVQELYETGSGGAGSQFESELDCIDASQSFRLLPQTPVPVVRGPQTAVVVGPKGEEIWTDQYGRVKVHFHWDRHDQS
NENSSCWIRVSQAWAGKNWGSMQIPRIGQEVIVSFLEGDPDRPIITGRVYNAEQTVPYELPANATQSGMKSRSSKGGTPA
NFNEIRMEDKKGAEQLYIHAERNQDNLVENDASLSVGHDRNKSIGHDELARIGNNRTRAVKLNDTLLVGGAKSDSVTGTY
LIEAGAQIRLVCGKSVVEFNADGTINISGSAFNLYASGNGNIDTGGRLDLNSGGASEVDAKGKGVQGTIDGQVQAMFPPP
AKG
;
_entity_poly.pdbx_strand_id   A,B,C
#
# COMPACT_ATOMS: atom_id res chain seq x y z
N ARG A 5 27.28 -5.55 -58.37
CA ARG A 5 26.37 -5.63 -59.50
C ARG A 5 24.93 -5.66 -59.05
N LEU A 6 24.66 -6.43 -58.00
CA LEU A 6 23.31 -6.55 -57.48
C LEU A 6 23.31 -7.10 -56.06
N VAL A 7 22.13 -7.51 -55.62
CA VAL A 7 21.97 -8.15 -54.33
C VAL A 7 21.62 -9.61 -54.52
N GLN A 8 22.51 -10.47 -54.03
CA GLN A 8 22.34 -11.91 -54.09
C GLN A 8 21.74 -12.43 -52.79
N VAL A 9 20.77 -13.30 -52.91
CA VAL A 9 20.17 -13.88 -51.72
C VAL A 9 20.83 -15.21 -51.37
N ASP A 10 21.17 -15.39 -50.10
CA ASP A 10 21.74 -16.61 -49.56
C ASP A 10 20.84 -17.14 -48.48
N CYS A 11 19.99 -18.12 -48.81
CA CYS A 11 19.03 -18.58 -47.82
C CYS A 11 18.60 -20.03 -48.00
N PRO A 12 17.84 -20.55 -47.04
CA PRO A 12 17.22 -21.86 -47.03
C PRO A 12 16.30 -21.99 -48.21
N LEU A 13 16.17 -23.22 -48.68
CA LEU A 13 15.41 -23.60 -49.87
C LEU A 13 16.10 -23.20 -51.16
N GLY A 14 17.33 -22.68 -51.08
CA GLY A 14 18.08 -22.33 -52.28
C GLY A 14 18.25 -20.82 -52.36
N PRO A 15 19.36 -20.35 -52.94
CA PRO A 15 19.69 -18.93 -53.02
C PRO A 15 19.06 -18.25 -54.23
N ASP A 16 19.28 -18.80 -55.42
CA ASP A 16 18.74 -18.22 -56.64
C ASP A 16 17.24 -18.38 -56.74
N VAL A 17 16.69 -19.30 -55.95
CA VAL A 17 15.28 -19.54 -55.86
C VAL A 17 14.49 -18.26 -55.58
N LEU A 18 15.07 -17.36 -54.79
CA LEU A 18 14.40 -16.10 -54.48
C LEU A 18 15.20 -14.92 -54.95
N LEU A 19 14.57 -14.10 -55.75
CA LEU A 19 15.25 -12.94 -56.27
C LEU A 19 14.72 -11.71 -55.60
N LEU A 20 15.63 -10.84 -55.20
CA LEU A 20 15.19 -9.67 -54.49
C LEU A 20 14.64 -8.62 -55.43
N GLN A 21 13.32 -8.55 -55.48
CA GLN A 21 12.66 -7.55 -56.27
C GLN A 21 12.92 -6.18 -55.73
N ARG A 22 12.91 -6.07 -54.41
CA ARG A 22 13.21 -4.81 -53.75
C ARG A 22 13.35 -4.97 -52.25
N MET A 23 14.05 -4.05 -51.61
CA MET A 23 14.24 -4.08 -50.18
C MET A 23 14.13 -2.72 -49.56
N GLU A 24 13.50 -2.67 -48.41
CA GLU A 24 13.39 -1.40 -47.72
C GLU A 24 13.52 -1.59 -46.24
N GLY A 25 14.29 -0.76 -45.56
CA GLY A 25 14.40 -1.03 -44.13
C GLY A 25 15.12 0.01 -43.30
N ARG A 26 15.27 -0.31 -42.02
CA ARG A 26 15.83 0.61 -41.07
C ARG A 26 16.78 0.02 -40.06
N GLU A 27 17.82 0.79 -39.76
CA GLU A 27 18.82 0.46 -38.76
C GLU A 27 18.83 1.54 -37.70
N GLU A 28 19.19 1.20 -36.47
CA GLU A 28 19.21 2.20 -35.39
C GLU A 28 19.90 1.70 -34.13
N LEU A 29 20.71 2.56 -33.50
CA LEU A 29 21.44 2.16 -32.31
C LEU A 29 20.51 1.89 -31.16
N GLY A 30 20.76 0.80 -30.45
CA GLY A 30 19.96 0.40 -29.33
C GLY A 30 18.66 -0.27 -29.74
N ARG A 31 18.44 -0.45 -31.04
CA ARG A 31 17.19 -0.99 -31.50
C ARG A 31 17.32 -2.14 -32.44
N LEU A 32 16.20 -2.81 -32.66
CA LEU A 32 16.16 -3.95 -33.54
C LEU A 32 15.96 -3.45 -34.95
N PHE A 33 16.63 -4.03 -35.92
CA PHE A 33 16.46 -3.56 -37.28
C PHE A 33 15.31 -4.23 -37.93
N ALA A 34 14.88 -3.68 -39.06
CA ALA A 34 13.84 -4.33 -39.81
C ALA A 34 14.02 -4.10 -41.29
N TYR A 35 13.95 -5.17 -42.07
CA TYR A 35 14.01 -4.98 -43.50
C TYR A 35 12.85 -5.69 -44.17
N GLU A 36 12.28 -5.04 -45.16
CA GLU A 36 11.18 -5.58 -45.93
C GLU A 36 11.71 -6.17 -47.18
N LEU A 37 11.49 -7.46 -47.36
CA LEU A 37 12.00 -8.10 -48.53
C LEU A 37 10.89 -8.49 -49.46
N HIS A 38 11.00 -8.08 -50.69
CA HIS A 38 10.06 -8.48 -51.71
C HIS A 38 10.81 -9.40 -52.61
N LEU A 39 10.50 -10.68 -52.48
CA LEU A 39 11.22 -11.72 -53.17
C LEU A 39 10.35 -12.39 -54.20
N VAL A 40 10.94 -12.82 -55.30
CA VAL A 40 10.15 -13.54 -56.27
C VAL A 40 10.81 -14.84 -56.68
N SER A 41 9.99 -15.79 -57.11
CA SER A 41 10.52 -17.10 -57.48
C SER A 41 9.87 -17.72 -58.70
N GLU A 42 10.20 -18.99 -58.91
CA GLU A 42 9.64 -19.80 -59.97
C GLU A 42 8.75 -20.87 -59.35
N ASN A 43 9.00 -21.17 -58.07
CA ASN A 43 8.21 -22.14 -57.33
C ASN A 43 7.00 -21.45 -56.72
N PRO A 44 5.78 -21.70 -57.25
CA PRO A 44 4.50 -21.13 -56.84
C PRO A 44 4.05 -21.54 -55.45
N ASN A 45 4.71 -22.55 -54.88
CA ASN A 45 4.38 -23.04 -53.57
C ASN A 45 5.64 -23.21 -52.74
N LEU A 46 6.45 -22.16 -52.68
CA LEU A 46 7.69 -22.26 -51.94
C LEU A 46 7.37 -22.18 -50.45
N PRO A 47 7.36 -23.32 -49.75
CA PRO A 47 7.03 -23.48 -48.33
C PRO A 47 7.39 -22.31 -47.41
N LEU A 48 6.41 -21.50 -47.04
CA LEU A 48 6.67 -20.36 -46.13
C LEU A 48 7.19 -20.79 -44.78
N GLU A 49 6.71 -21.93 -44.27
CA GLU A 49 7.12 -22.40 -42.96
C GLU A 49 8.57 -22.89 -42.94
N GLN A 50 9.17 -23.05 -44.11
CA GLN A 50 10.54 -23.48 -44.19
C GLN A 50 11.45 -22.27 -44.27
N LEU A 51 10.85 -21.08 -44.20
CA LEU A 51 11.56 -19.83 -44.21
C LEU A 51 11.29 -19.05 -42.96
N LEU A 52 10.07 -19.17 -42.45
CA LEU A 52 9.70 -18.46 -41.24
C LEU A 52 10.55 -18.92 -40.09
N GLY A 53 11.21 -17.96 -39.44
CA GLY A 53 12.07 -18.24 -38.32
C GLY A 53 13.45 -18.70 -38.74
N LYS A 54 13.72 -18.71 -40.03
CA LYS A 54 15.00 -19.15 -40.51
C LYS A 54 15.92 -18.01 -40.79
N PRO A 55 17.23 -18.24 -40.72
CA PRO A 55 18.29 -17.32 -41.06
C PRO A 55 18.26 -16.97 -42.53
N MET A 56 18.49 -15.70 -42.80
CA MET A 56 18.58 -15.13 -44.14
C MET A 56 19.86 -14.38 -44.27
N SER A 57 20.32 -14.19 -45.49
CA SER A 57 21.54 -13.43 -45.69
C SER A 57 21.57 -12.74 -47.03
N LEU A 58 21.55 -11.41 -47.02
CA LEU A 58 21.64 -10.68 -48.28
C LEU A 58 23.08 -10.40 -48.58
N SER A 59 23.42 -10.47 -49.85
CA SER A 59 24.78 -10.24 -50.32
C SER A 59 24.87 -9.07 -51.27
N LEU A 60 25.20 -7.91 -50.73
CA LEU A 60 25.35 -6.72 -51.54
C LEU A 60 26.76 -6.58 -52.03
N GLU A 61 26.94 -6.61 -53.34
CA GLU A 61 28.29 -6.46 -53.83
C GLU A 61 28.75 -5.03 -53.67
N LEU A 62 29.92 -4.88 -53.08
CA LEU A 62 30.52 -3.59 -52.84
C LEU A 62 31.70 -3.36 -53.76
N PRO A 63 32.21 -2.14 -53.79
CA PRO A 63 33.40 -1.75 -54.51
C PRO A 63 34.56 -2.57 -54.01
N GLY A 64 35.47 -2.86 -54.92
CA GLY A 64 36.65 -3.64 -54.60
C GLY A 64 36.36 -5.13 -54.51
N GLY A 65 35.12 -5.55 -54.80
CA GLY A 65 34.78 -6.95 -54.74
C GLY A 65 34.43 -7.38 -53.33
N SER A 66 34.36 -6.44 -52.39
CA SER A 66 33.97 -6.80 -51.02
C SER A 66 32.46 -6.89 -51.00
N ARG A 67 31.90 -7.38 -49.90
CA ARG A 67 30.45 -7.49 -49.84
C ARG A 67 29.86 -7.08 -48.50
N ARG A 68 28.65 -6.54 -48.55
CA ARG A 68 27.95 -6.15 -47.34
C ARG A 68 26.88 -7.16 -47.08
N PHE A 69 26.83 -7.61 -45.85
CA PHE A 69 25.86 -8.63 -45.56
C PHE A 69 24.79 -8.18 -44.65
N PHE A 70 23.63 -8.75 -44.86
CA PHE A 70 22.50 -8.48 -44.01
C PHE A 70 21.98 -9.79 -43.49
N HIS A 71 22.45 -10.17 -42.31
CA HIS A 71 22.03 -11.44 -41.78
C HIS A 71 20.99 -11.24 -40.70
N GLY A 72 20.01 -12.12 -40.66
CA GLY A 72 18.94 -12.03 -39.67
C GLY A 72 17.97 -13.16 -39.87
N ILE A 73 16.78 -13.08 -39.27
CA ILE A 73 15.81 -14.15 -39.43
C ILE A 73 14.45 -13.67 -39.89
N VAL A 74 13.69 -14.59 -40.44
CA VAL A 74 12.39 -14.22 -40.92
C VAL A 74 11.38 -14.17 -39.80
N ALA A 75 11.14 -12.98 -39.31
CA ALA A 75 10.16 -12.77 -38.25
C ALA A 75 8.75 -12.98 -38.77
N ARG A 76 8.54 -12.52 -39.99
CA ARG A 76 7.24 -12.63 -40.63
C ARG A 76 7.40 -12.94 -42.10
N CYS A 77 6.47 -13.70 -42.66
CA CYS A 77 6.56 -13.98 -44.08
C CYS A 77 5.19 -13.99 -44.68
N SER A 78 5.12 -13.88 -45.99
CA SER A 78 3.84 -13.87 -46.63
C SER A 78 3.89 -14.25 -48.08
N GLN A 79 2.84 -14.88 -48.55
CA GLN A 79 2.77 -15.22 -49.95
C GLN A 79 1.72 -14.34 -50.56
N VAL A 80 2.05 -13.74 -51.68
CA VAL A 80 1.16 -12.79 -52.31
C VAL A 80 0.88 -13.15 -53.74
N ALA A 81 -0.12 -12.48 -54.29
CA ALA A 81 -0.45 -12.63 -55.70
C ALA A 81 0.74 -12.16 -56.53
N GLY A 82 0.90 -12.72 -57.72
CA GLY A 82 2.04 -12.38 -58.54
C GLY A 82 1.71 -12.47 -60.02
N HIS A 83 2.44 -13.31 -60.73
CA HIS A 83 2.25 -13.41 -62.17
C HIS A 83 2.68 -14.76 -62.68
N GLY A 84 2.18 -15.18 -63.82
CA GLY A 84 2.61 -16.46 -64.40
C GLY A 84 4.15 -16.54 -64.49
N GLN A 85 4.81 -15.40 -64.66
CA GLN A 85 6.26 -15.34 -64.71
C GLN A 85 6.94 -15.49 -63.35
N PHE A 86 6.24 -15.16 -62.26
CA PHE A 86 6.87 -15.27 -60.95
C PHE A 86 5.93 -15.45 -59.77
N ALA A 87 6.45 -16.08 -58.74
CA ALA A 87 5.71 -16.24 -57.49
C ALA A 87 6.16 -15.15 -56.54
N GLY A 88 5.24 -14.55 -55.80
CA GLY A 88 5.63 -13.45 -54.92
C GLY A 88 5.66 -13.84 -53.45
N TYR A 89 6.76 -13.48 -52.79
CA TYR A 89 6.91 -13.75 -51.38
C TYR A 89 7.45 -12.53 -50.65
N GLN A 90 7.01 -12.33 -49.43
CA GLN A 90 7.50 -11.20 -48.67
C GLN A 90 8.05 -11.66 -47.35
N ALA A 91 9.01 -10.93 -46.83
CA ALA A 91 9.54 -11.32 -45.54
C ALA A 91 10.02 -10.12 -44.74
N THR A 92 9.79 -10.20 -43.43
CA THR A 92 10.27 -9.20 -42.52
C THR A 92 11.48 -9.77 -41.85
N LEU A 93 12.60 -9.14 -42.10
CA LEU A 93 13.87 -9.59 -41.61
C LEU A 93 14.21 -8.87 -40.32
N ARG A 94 14.45 -9.63 -39.24
CA ARG A 94 14.75 -9.06 -37.92
C ARG A 94 15.90 -9.79 -37.22
N PRO A 95 16.62 -9.13 -36.31
CA PRO A 95 17.76 -9.63 -35.56
C PRO A 95 17.30 -10.62 -34.50
N TRP A 96 18.17 -11.55 -34.10
CA TRP A 96 17.78 -12.57 -33.13
C TRP A 96 17.30 -12.13 -31.73
N PRO A 97 17.65 -10.94 -31.18
CA PRO A 97 17.14 -10.44 -29.92
C PRO A 97 15.65 -10.22 -30.02
N TRP A 98 15.14 -10.09 -31.24
CA TRP A 98 13.71 -9.96 -31.47
C TRP A 98 12.94 -11.13 -30.89
N LEU A 99 13.54 -12.31 -30.94
CA LEU A 99 12.92 -13.51 -30.41
C LEU A 99 12.71 -13.43 -28.90
N LEU A 100 13.38 -12.49 -28.25
CA LEU A 100 13.25 -12.34 -26.83
C LEU A 100 11.96 -11.58 -26.50
N THR A 101 11.25 -11.12 -27.53
CA THR A 101 9.97 -10.49 -27.33
C THR A 101 8.89 -11.55 -27.38
N ARG A 102 9.26 -12.76 -27.83
CA ARG A 102 8.34 -13.88 -27.94
C ARG A 102 8.28 -14.68 -26.64
N THR A 103 9.03 -14.25 -25.63
CA THR A 103 9.08 -14.97 -24.37
C THR A 103 9.10 -14.03 -23.20
N SER A 104 8.54 -14.50 -22.09
CA SER A 104 8.45 -13.68 -20.89
C SER A 104 8.60 -14.51 -19.65
N ASP A 105 8.92 -13.85 -18.57
CA ASP A 105 9.09 -14.55 -17.31
C ASP A 105 9.29 -13.56 -16.19
N CYS A 106 9.28 -14.08 -14.98
CA CYS A 106 9.59 -13.28 -13.82
C CYS A 106 10.86 -13.88 -13.23
N ARG A 107 11.76 -13.06 -12.72
CA ARG A 107 13.02 -13.64 -12.26
C ARG A 107 13.87 -12.68 -11.46
N ILE A 108 14.43 -13.17 -10.38
CA ILE A 108 15.27 -12.36 -9.53
C ILE A 108 16.74 -12.58 -9.78
N PHE A 109 17.47 -11.50 -10.00
CA PHE A 109 18.90 -11.57 -10.16
C PHE A 109 19.56 -10.97 -8.94
N GLN A 110 20.64 -11.57 -8.47
CA GLN A 110 21.29 -11.03 -7.30
C GLN A 110 22.79 -10.97 -7.42
N ASN A 111 23.36 -9.88 -6.92
CA ASN A 111 24.80 -9.68 -6.91
C ASN A 111 25.45 -9.82 -8.28
N GLN A 112 24.91 -9.10 -9.26
CA GLN A 112 25.45 -9.13 -10.61
C GLN A 112 25.41 -7.77 -11.26
N SER A 113 26.38 -7.48 -12.10
CA SER A 113 26.35 -6.23 -12.84
C SER A 113 25.40 -6.41 -13.99
N VAL A 114 24.91 -5.32 -14.54
CA VAL A 114 23.99 -5.45 -15.66
C VAL A 114 24.56 -6.17 -16.86
N PRO A 115 25.80 -5.88 -17.29
CA PRO A 115 26.49 -6.59 -18.35
C PRO A 115 26.43 -8.08 -18.10
N GLU A 116 26.67 -8.49 -16.86
CA GLU A 116 26.59 -9.90 -16.54
C GLU A 116 25.19 -10.43 -16.66
N ILE A 117 24.21 -9.66 -16.21
CA ILE A 117 22.82 -10.07 -16.29
C ILE A 117 22.37 -10.29 -17.71
N ILE A 118 22.73 -9.38 -18.59
CA ILE A 118 22.36 -9.52 -19.98
C ILE A 118 22.95 -10.77 -20.58
N LYS A 119 24.23 -11.00 -20.30
CA LYS A 119 24.89 -12.18 -20.80
C LYS A 119 24.20 -13.42 -20.27
N GLN A 120 23.80 -13.37 -19.00
CA GLN A 120 23.12 -14.49 -18.37
C GLN A 120 21.87 -14.85 -19.14
N VAL A 121 21.10 -13.84 -19.52
CA VAL A 121 19.88 -14.07 -20.27
C VAL A 121 20.15 -14.72 -21.61
N PHE A 122 21.13 -14.21 -22.33
CA PHE A 122 21.44 -14.75 -23.63
C PHE A 122 21.85 -16.21 -23.52
N ARG A 123 22.63 -16.51 -22.50
CA ARG A 123 23.09 -17.86 -22.29
C ARG A 123 21.97 -18.78 -21.90
N ASN A 124 21.05 -18.27 -21.08
CA ASN A 124 19.92 -19.05 -20.65
C ASN A 124 19.08 -19.49 -21.82
N LEU A 125 18.98 -18.63 -22.83
CA LEU A 125 18.17 -18.94 -23.98
C LEU A 125 18.94 -19.46 -25.19
N GLY A 126 20.20 -19.88 -25.00
CA GLY A 126 20.94 -20.50 -26.08
C GLY A 126 21.54 -19.58 -27.14
N PHE A 127 21.77 -18.31 -26.82
CA PHE A 127 22.35 -17.42 -27.81
C PHE A 127 23.82 -17.20 -27.54
N SER A 128 24.61 -17.13 -28.60
CA SER A 128 26.04 -16.95 -28.45
C SER A 128 26.63 -15.87 -29.35
N ASP A 129 25.88 -15.41 -30.35
CA ASP A 129 26.44 -14.43 -31.27
C ASP A 129 26.34 -13.01 -30.76
N PHE A 130 27.17 -12.70 -29.79
CA PHE A 130 27.26 -11.37 -29.22
C PHE A 130 28.66 -11.14 -28.70
N GLU A 131 29.01 -9.89 -28.51
CA GLU A 131 30.34 -9.58 -28.05
C GLU A 131 30.36 -8.35 -27.17
N ASP A 132 31.09 -8.45 -26.09
CA ASP A 132 31.24 -7.39 -25.12
C ASP A 132 32.36 -6.43 -25.44
N ALA A 133 32.03 -5.23 -25.90
CA ALA A 133 33.06 -4.24 -26.16
C ALA A 133 32.90 -3.05 -25.21
N LEU A 134 32.49 -3.32 -23.99
CA LEU A 134 32.29 -2.26 -23.01
C LEU A 134 33.60 -1.83 -22.40
N THR A 135 33.73 -0.53 -22.14
CA THR A 135 34.94 0.03 -21.58
C THR A 135 34.77 0.58 -20.17
N ARG A 136 33.54 0.89 -19.78
CA ARG A 136 33.26 1.47 -18.47
C ARG A 136 32.90 0.39 -17.48
N PRO A 137 33.29 0.52 -16.21
CA PRO A 137 32.95 -0.35 -15.10
C PRO A 137 31.53 -0.09 -14.65
N TYR A 138 30.85 -1.14 -14.20
CA TYR A 138 29.48 -1.01 -13.77
C TYR A 138 29.28 -1.51 -12.36
N ARG A 139 28.33 -0.90 -11.67
CA ARG A 139 28.04 -1.26 -10.30
C ARG A 139 27.43 -2.62 -10.23
N GLU A 140 27.63 -3.27 -9.10
CA GLU A 140 27.05 -4.58 -8.90
C GLU A 140 25.68 -4.42 -8.30
N TRP A 141 24.68 -4.99 -8.94
CA TRP A 141 23.34 -4.88 -8.42
C TRP A 141 23.06 -5.97 -7.44
N GLU A 142 22.65 -5.56 -6.26
CA GLU A 142 22.33 -6.49 -5.22
C GLU A 142 21.08 -7.24 -5.57
N TYR A 143 20.06 -6.52 -6.00
CA TYR A 143 18.78 -7.12 -6.30
C TYR A 143 18.15 -6.46 -7.51
N CYS A 144 17.90 -7.25 -8.55
CA CYS A 144 17.30 -6.76 -9.78
C CYS A 144 16.27 -7.72 -10.30
N VAL A 145 15.06 -7.25 -10.54
CA VAL A 145 14.00 -8.18 -10.89
C VAL A 145 13.32 -8.02 -12.25
N GLN A 146 13.25 -9.12 -12.99
CA GLN A 146 12.48 -9.19 -14.22
C GLN A 146 11.06 -9.43 -13.80
N TYR A 147 10.14 -8.60 -14.23
CA TYR A 147 8.79 -8.80 -13.74
C TYR A 147 7.74 -8.42 -14.72
N ARG A 148 6.82 -9.35 -14.99
CA ARG A 148 5.73 -9.17 -15.94
C ARG A 148 6.17 -8.43 -17.20
N GLU A 149 7.28 -8.87 -17.77
CA GLU A 149 7.82 -8.24 -18.95
C GLU A 149 8.54 -9.27 -19.77
N THR A 150 8.75 -8.95 -21.05
CA THR A 150 9.43 -9.88 -21.90
C THR A 150 10.90 -9.79 -21.63
N SER A 151 11.61 -10.83 -22.01
CA SER A 151 13.04 -10.86 -21.80
C SER A 151 13.70 -9.74 -22.54
N PHE A 152 13.24 -9.46 -23.75
CA PHE A 152 13.76 -8.35 -24.51
C PHE A 152 13.59 -7.04 -23.79
N ASP A 153 12.36 -6.77 -23.34
CA ASP A 153 12.07 -5.52 -22.66
C ASP A 153 12.91 -5.35 -21.43
N PHE A 154 13.09 -6.42 -20.69
CA PHE A 154 13.91 -6.41 -19.51
C PHE A 154 15.30 -5.94 -19.85
N ILE A 155 15.88 -6.55 -20.88
CA ILE A 155 17.20 -6.16 -21.29
C ILE A 155 17.26 -4.73 -21.74
N SER A 156 16.34 -4.35 -22.59
CA SER A 156 16.31 -3.02 -23.16
C SER A 156 16.22 -1.97 -22.07
N ARG A 157 15.34 -2.22 -21.12
CA ARG A 157 15.14 -1.34 -19.98
C ARG A 157 16.40 -1.15 -19.18
N LEU A 158 17.10 -2.24 -18.91
CA LEU A 158 18.33 -2.14 -18.17
C LEU A 158 19.36 -1.33 -18.91
N MET A 159 19.45 -1.53 -20.21
CA MET A 159 20.46 -0.86 -20.96
C MET A 159 20.21 0.63 -21.04
N GLU A 160 18.96 1.02 -21.20
CA GLU A 160 18.65 2.44 -21.25
C GLU A 160 18.99 3.08 -19.92
N GLN A 161 18.70 2.38 -18.83
CA GLN A 161 19.01 2.87 -17.50
C GLN A 161 20.50 2.99 -17.21
N GLU A 162 21.27 1.96 -17.59
CA GLU A 162 22.68 1.96 -17.26
C GLU A 162 23.54 2.72 -18.25
N GLY A 163 22.96 3.09 -19.39
CA GLY A 163 23.70 3.84 -20.38
C GLY A 163 24.54 2.94 -21.25
N ILE A 164 23.96 1.82 -21.65
CA ILE A 164 24.63 0.87 -22.51
C ILE A 164 23.81 0.75 -23.77
N TYR A 165 24.46 0.69 -24.91
CA TYR A 165 23.70 0.58 -26.14
C TYR A 165 24.36 -0.45 -27.03
N TYR A 166 23.72 -0.80 -28.11
CA TYR A 166 24.30 -1.83 -28.93
C TYR A 166 24.06 -1.64 -30.39
N TRP A 167 24.85 -2.35 -31.15
CA TRP A 167 24.77 -2.31 -32.58
C TRP A 167 25.16 -3.64 -33.13
N PHE A 168 24.84 -3.89 -34.37
CA PHE A 168 25.11 -5.20 -34.88
C PHE A 168 26.16 -5.25 -35.94
N ARG A 169 26.84 -6.38 -35.99
CA ARG A 169 27.86 -6.62 -36.98
C ARG A 169 27.46 -7.84 -37.77
N HIS A 170 27.60 -7.77 -39.08
CA HIS A 170 27.13 -8.84 -39.92
C HIS A 170 28.24 -9.64 -40.57
N GLU A 171 28.07 -10.95 -40.56
CA GLU A 171 28.95 -11.85 -41.26
C GLU A 171 28.05 -12.62 -42.17
N GLN A 172 28.52 -12.97 -43.36
CA GLN A 172 27.68 -13.72 -44.30
C GLN A 172 26.80 -14.81 -43.68
N LYS A 173 27.33 -15.52 -42.68
CA LYS A 173 26.61 -16.63 -42.09
C LYS A 173 26.08 -16.39 -40.67
N ARG A 174 26.24 -15.20 -40.10
CA ARG A 174 25.69 -14.99 -38.77
C ARG A 174 25.51 -13.54 -38.39
N HIS A 175 24.79 -13.34 -37.30
CA HIS A 175 24.44 -12.02 -36.86
C HIS A 175 24.89 -11.72 -35.44
N ILE A 176 25.77 -10.73 -35.28
CA ILE A 176 26.39 -10.45 -33.98
C ILE A 176 25.96 -9.18 -33.28
N LEU A 177 25.60 -9.32 -31.99
CA LEU A 177 25.23 -8.16 -31.18
C LEU A 177 26.38 -7.64 -30.36
N VAL A 178 26.90 -6.48 -30.73
CA VAL A 178 28.03 -5.91 -30.01
C VAL A 178 27.59 -4.86 -29.01
N LEU A 179 28.03 -5.04 -27.76
CA LEU A 179 27.71 -4.09 -26.70
C LEU A 179 28.72 -2.97 -26.69
N SER A 180 28.26 -1.73 -26.52
CA SER A 180 29.18 -0.60 -26.49
C SER A 180 28.76 0.51 -25.58
N ASP A 181 29.76 1.18 -25.06
CA ASP A 181 29.52 2.32 -24.23
C ASP A 181 30.58 3.34 -24.52
N ALA A 182 31.14 3.28 -25.74
CA ALA A 182 32.18 4.22 -26.13
C ALA A 182 32.33 4.28 -27.64
N TYR A 183 32.68 5.46 -28.16
CA TYR A 183 32.86 5.64 -29.59
C TYR A 183 33.97 4.72 -30.10
N GLY A 184 34.89 4.35 -29.20
CA GLY A 184 36.02 3.51 -29.53
C GLY A 184 35.63 2.10 -29.96
N ALA A 185 34.40 1.69 -29.70
CA ALA A 185 33.95 0.38 -30.11
C ALA A 185 33.36 0.42 -31.52
N HIS A 186 33.33 1.59 -32.13
CA HIS A 186 32.77 1.74 -33.46
C HIS A 186 33.84 1.77 -34.51
N ARG A 187 33.47 1.45 -35.75
CA ARG A 187 34.43 1.35 -36.82
C ARG A 187 33.96 1.96 -38.12
N SER A 188 34.93 2.31 -38.96
CA SER A 188 34.64 2.79 -40.30
C SER A 188 34.76 1.61 -41.25
N PRO A 189 33.83 1.43 -42.17
CA PRO A 189 33.82 0.40 -43.20
C PRO A 189 35.01 0.61 -44.13
N GLY A 190 35.51 -0.48 -44.68
CA GLY A 190 36.65 -0.42 -45.59
C GLY A 190 36.37 0.45 -46.79
N GLY A 191 37.12 1.53 -46.91
CA GLY A 191 36.97 2.46 -48.04
C GLY A 191 35.97 3.57 -47.75
N TYR A 192 35.32 3.50 -46.59
CA TYR A 192 34.34 4.49 -46.21
C TYR A 192 34.77 5.28 -45.00
N ALA A 193 36.06 5.56 -44.92
CA ALA A 193 36.59 6.36 -43.83
C ALA A 193 36.04 7.77 -43.93
N SER A 194 35.91 8.24 -45.16
CA SER A 194 35.37 9.55 -45.45
C SER A 194 34.58 9.51 -46.72
N VAL A 195 33.45 10.20 -46.70
CA VAL A 195 32.59 10.20 -47.85
C VAL A 195 32.34 11.62 -48.33
N PRO A 196 32.60 11.89 -49.61
CA PRO A 196 32.48 13.15 -50.29
C PRO A 196 31.05 13.52 -50.60
N TYR A 197 30.82 14.82 -50.60
CA TYR A 197 29.57 15.43 -50.95
C TYR A 197 29.64 16.04 -52.32
N TYR A 198 28.71 15.69 -53.20
CA TYR A 198 28.72 16.26 -54.54
C TYR A 198 27.43 16.94 -54.99
N PRO A 199 27.16 18.14 -54.46
CA PRO A 199 26.05 19.01 -54.92
C PRO A 199 25.26 18.43 -56.08
N PRO A 200 24.12 17.76 -55.82
CA PRO A 200 23.31 16.94 -56.75
C PRO A 200 22.93 17.62 -58.06
N THR A 201 22.98 18.95 -58.12
CA THR A 201 22.68 19.69 -59.33
C THR A 201 23.73 19.43 -60.41
N LEU A 202 24.89 18.92 -60.00
CA LEU A 202 25.98 18.53 -60.88
C LEU A 202 25.66 17.27 -61.68
N GLY A 203 24.68 16.49 -61.22
CA GLY A 203 24.36 15.23 -61.86
C GLY A 203 24.85 14.11 -60.95
N HIS A 204 24.36 12.91 -61.19
CA HIS A 204 24.73 11.78 -60.36
C HIS A 204 26.20 11.38 -60.52
N ARG A 205 26.87 11.18 -59.40
CA ARG A 205 28.26 10.77 -59.36
C ARG A 205 28.34 9.27 -59.21
N GLU A 206 29.19 8.62 -60.00
CA GLU A 206 29.29 7.16 -59.94
C GLU A 206 29.84 6.65 -58.61
N ARG A 207 30.80 7.36 -58.05
CA ARG A 207 31.39 6.99 -56.76
C ARG A 207 30.37 7.19 -55.65
N ASP A 208 30.39 6.30 -54.64
CA ASP A 208 29.44 6.43 -53.54
C ASP A 208 29.61 7.80 -52.92
N HIS A 209 28.51 8.50 -52.73
CA HIS A 209 28.59 9.87 -52.28
C HIS A 209 27.32 10.37 -51.67
N PHE A 210 27.41 11.56 -51.08
CA PHE A 210 26.25 12.22 -50.51
C PHE A 210 25.76 13.32 -51.42
N PHE A 211 24.49 13.62 -51.30
CA PHE A 211 23.91 14.65 -52.10
C PHE A 211 22.81 15.43 -51.37
N ASP A 212 22.24 14.87 -50.32
CA ASP A 212 21.28 15.65 -49.55
C ASP A 212 21.86 15.87 -48.19
N TRP A 213 21.39 16.92 -47.51
CA TRP A 213 21.93 17.27 -46.22
C TRP A 213 21.02 18.19 -45.42
N GLN A 214 20.90 17.90 -44.13
CA GLN A 214 20.10 18.70 -43.22
C GLN A 214 20.59 18.64 -41.79
N MET A 215 20.60 19.79 -41.13
CA MET A 215 20.99 19.81 -39.73
C MET A 215 19.89 20.42 -38.89
N ALA A 216 19.49 19.71 -37.85
CA ALA A 216 18.42 20.21 -37.01
C ALA A 216 18.87 20.40 -35.58
N ARG A 217 18.43 21.50 -34.99
CA ARG A 217 18.74 21.80 -33.62
C ARG A 217 17.49 22.09 -32.81
N GLU A 218 17.53 21.68 -31.54
CA GLU A 218 16.36 21.87 -30.69
C GLU A 218 16.72 22.16 -29.26
N VAL A 219 15.93 23.03 -28.63
CA VAL A 219 16.18 23.41 -27.25
C VAL A 219 15.95 22.25 -26.30
N GLN A 220 17.01 21.83 -25.60
CA GLN A 220 16.93 20.76 -24.63
C GLN A 220 17.23 21.30 -23.22
N PRO A 221 16.87 20.56 -22.18
CA PRO A 221 17.16 20.83 -20.77
C PRO A 221 18.66 20.88 -20.54
N GLY A 222 19.10 21.79 -19.69
CA GLY A 222 20.53 21.96 -19.43
C GLY A 222 21.05 21.22 -18.20
N SER A 223 20.17 20.79 -17.30
CA SER A 223 20.68 20.13 -16.10
C SER A 223 19.76 19.11 -15.50
N LEU A 224 20.35 18.09 -14.89
CA LEU A 224 19.58 17.05 -14.24
C LEU A 224 20.07 16.75 -12.84
N THR A 225 19.16 16.87 -11.88
CA THR A 225 19.47 16.58 -10.49
C THR A 225 18.70 15.35 -10.03
N LEU A 226 19.40 14.40 -9.44
CA LEU A 226 18.77 13.19 -8.95
C LEU A 226 18.87 13.11 -7.45
N ASN A 227 18.10 12.21 -6.87
CA ASN A 227 18.11 12.04 -5.44
C ASN A 227 17.67 10.62 -5.07
N ASP A 228 17.95 10.21 -3.86
CA ASP A 228 17.55 8.89 -3.36
C ASP A 228 17.67 8.89 -1.83
N TYR A 229 17.40 7.75 -1.20
CA TYR A 229 17.48 7.64 0.25
C TYR A 229 18.02 6.31 0.71
N ASP A 230 19.11 6.36 1.45
CA ASP A 230 19.70 5.17 2.01
C ASP A 230 19.42 5.09 3.49
N PHE A 231 18.51 4.22 3.88
CA PHE A 231 18.17 4.06 5.30
C PHE A 231 19.34 3.68 6.18
N GLN A 232 20.42 3.14 5.61
CA GLN A 232 21.56 2.77 6.40
C GLN A 232 22.43 3.97 6.71
N ARG A 233 22.19 5.07 6.03
CA ARG A 233 22.93 6.31 6.25
C ARG A 233 22.00 7.51 6.14
N PRO A 234 20.77 7.41 6.65
CA PRO A 234 19.67 8.37 6.48
C PRO A 234 20.04 9.84 6.25
N GLY A 235 20.99 10.38 7.03
CA GLY A 235 21.32 11.80 6.93
C GLY A 235 22.33 12.15 5.85
N ALA A 236 22.78 11.17 5.08
CA ALA A 236 23.74 11.43 4.02
C ALA A 236 23.12 12.19 2.88
N ARG A 237 23.89 13.07 2.27
CA ARG A 237 23.41 13.84 1.15
C ARG A 237 23.64 13.08 -0.13
N LEU A 238 22.57 12.51 -0.69
CA LEU A 238 22.70 11.75 -1.92
C LEU A 238 22.30 12.53 -3.15
N GLU A 239 22.03 13.79 -3.00
CA GLU A 239 21.67 14.60 -4.14
C GLU A 239 22.84 14.73 -5.09
N VAL A 240 22.60 14.48 -6.37
CA VAL A 240 23.66 14.59 -7.37
C VAL A 240 23.18 15.43 -8.53
N ARG A 241 24.11 15.98 -9.28
CA ARG A 241 23.72 16.82 -10.40
C ARG A 241 24.71 16.78 -11.56
N SER A 242 24.16 16.71 -12.77
CA SER A 242 24.97 16.71 -13.98
C SER A 242 24.56 17.85 -14.87
N ASN A 243 25.55 18.55 -15.42
CA ASN A 243 25.26 19.72 -16.24
C ASN A 243 25.93 19.68 -17.59
N ILE A 244 25.20 20.07 -18.64
CA ILE A 244 25.75 20.18 -19.98
C ILE A 244 25.37 21.52 -20.58
N ALA A 245 26.36 22.28 -20.99
CA ALA A 245 26.11 23.62 -21.49
C ALA A 245 26.12 23.73 -23.00
N ARG A 246 25.21 24.53 -23.52
CA ARG A 246 25.12 24.84 -24.94
C ARG A 246 25.26 26.33 -25.11
N PRO A 247 25.80 26.78 -26.25
CA PRO A 247 26.11 28.15 -26.61
C PRO A 247 24.91 29.03 -26.91
N HIS A 248 23.76 28.42 -27.16
CA HIS A 248 22.60 29.22 -27.50
C HIS A 248 21.85 29.73 -26.28
N ALA A 249 20.89 30.60 -26.55
CA ALA A 249 20.07 31.22 -25.52
C ALA A 249 19.10 30.24 -24.89
N ALA A 250 18.76 30.48 -23.64
CA ALA A 250 17.79 29.65 -22.92
C ALA A 250 18.21 28.20 -22.87
N ALA A 251 19.42 27.94 -22.41
CA ALA A 251 19.95 26.60 -22.32
C ALA A 251 20.23 26.23 -20.87
N ASP A 252 19.37 26.65 -19.96
CA ASP A 252 19.61 26.41 -18.54
C ASP A 252 18.41 25.89 -17.78
N TYR A 253 17.59 25.05 -18.42
CA TYR A 253 16.44 24.51 -17.72
C TYR A 253 16.78 23.21 -16.99
N PRO A 254 16.50 23.15 -15.68
CA PRO A 254 16.75 22.07 -14.76
C PRO A 254 15.68 21.01 -14.74
N LEU A 255 16.11 19.79 -14.52
CA LEU A 255 15.24 18.67 -14.34
C LEU A 255 15.50 18.07 -12.98
N TYR A 256 14.50 17.48 -12.38
CA TYR A 256 14.70 16.85 -11.09
C TYR A 256 13.91 15.59 -10.96
N ASP A 257 14.56 14.54 -10.49
CA ASP A 257 13.88 13.26 -10.38
C ASP A 257 14.19 12.58 -9.05
N TYR A 258 13.36 11.60 -8.72
CA TYR A 258 13.43 10.85 -7.49
C TYR A 258 12.50 9.67 -7.53
N PRO A 259 13.01 8.48 -7.19
CA PRO A 259 14.35 8.08 -6.83
C PRO A 259 15.20 7.84 -8.07
N GLY A 260 16.50 8.01 -7.94
CA GLY A 260 17.40 7.80 -9.07
C GLY A 260 18.06 6.41 -9.12
N GLU A 261 17.66 5.49 -8.24
CA GLU A 261 18.22 4.13 -8.19
C GLU A 261 19.70 4.04 -7.86
N TYR A 262 20.11 4.65 -6.78
CA TYR A 262 21.49 4.52 -6.37
C TYR A 262 21.67 4.75 -4.90
N VAL A 263 22.77 4.23 -4.35
CA VAL A 263 23.08 4.45 -2.96
C VAL A 263 24.41 5.15 -2.81
N GLN A 264 25.23 5.10 -3.84
CA GLN A 264 26.48 5.82 -3.79
C GLN A 264 26.37 7.06 -4.62
N SER A 265 27.01 8.12 -4.18
CA SER A 265 26.97 9.36 -4.93
C SER A 265 27.66 9.19 -6.27
N GLN A 266 28.62 8.27 -6.33
CA GLN A 266 29.32 7.97 -7.55
C GLN A 266 28.41 7.35 -8.58
N ASP A 267 27.55 6.46 -8.12
CA ASP A 267 26.61 5.80 -9.00
C ASP A 267 25.59 6.79 -9.47
N GLY A 268 25.17 7.65 -8.56
CA GLY A 268 24.21 8.68 -8.88
C GLY A 268 24.75 9.59 -9.94
N GLU A 269 26.01 9.98 -9.80
CA GLU A 269 26.64 10.84 -10.78
C GLU A 269 26.58 10.21 -12.15
N GLN A 270 26.97 8.94 -12.23
CA GLN A 270 26.93 8.24 -13.49
C GLN A 270 25.54 8.22 -14.10
N TYR A 271 24.53 7.88 -13.29
CA TYR A 271 23.19 7.78 -13.83
C TYR A 271 22.63 9.13 -14.28
N ALA A 272 22.94 10.19 -13.54
CA ALA A 272 22.49 11.50 -13.93
C ALA A 272 23.12 11.89 -15.22
N ARG A 273 24.42 11.62 -15.32
CA ARG A 273 25.18 11.91 -16.51
C ARG A 273 24.62 11.17 -17.70
N ASN A 274 24.35 9.90 -17.55
CA ASN A 274 23.83 9.12 -18.65
C ASN A 274 22.54 9.69 -19.18
N ARG A 275 21.64 10.05 -18.29
CA ARG A 275 20.36 10.54 -18.73
C ARG A 275 20.43 11.91 -19.38
N ILE A 276 21.19 12.81 -18.80
CA ILE A 276 21.27 14.13 -19.41
C ILE A 276 22.00 14.07 -20.74
N GLU A 277 22.94 13.13 -20.90
CA GLU A 277 23.61 12.99 -22.16
C GLU A 277 22.68 12.41 -23.21
N ALA A 278 21.79 11.51 -22.80
CA ALA A 278 20.81 10.98 -23.72
C ALA A 278 19.93 12.08 -24.26
N ILE A 279 19.53 12.97 -23.37
CA ILE A 279 18.72 14.12 -23.77
C ILE A 279 19.50 15.04 -24.68
N GLN A 280 20.72 15.35 -24.29
CA GLN A 280 21.58 16.22 -25.07
C GLN A 280 22.00 15.64 -26.39
N ALA A 281 21.97 14.32 -26.52
CA ALA A 281 22.24 13.67 -27.80
C ALA A 281 21.19 14.06 -28.85
N GLN A 282 20.06 14.62 -28.42
CA GLN A 282 19.02 15.02 -29.33
C GLN A 282 19.13 16.48 -29.72
N HIS A 283 20.10 17.18 -29.14
CA HIS A 283 20.28 18.59 -29.43
C HIS A 283 20.57 18.85 -30.88
N GLU A 284 21.45 18.06 -31.48
CA GLU A 284 21.79 18.25 -32.88
C GLU A 284 21.83 16.93 -33.64
N ARG A 285 21.04 16.87 -34.70
CA ARG A 285 20.97 15.67 -35.54
C ARG A 285 21.23 16.03 -36.99
N VAL A 286 21.92 15.16 -37.71
CA VAL A 286 22.23 15.45 -39.11
C VAL A 286 21.74 14.36 -40.04
N ARG A 287 21.03 14.79 -41.09
CA ARG A 287 20.45 13.88 -42.06
C ARG A 287 21.15 13.98 -43.40
N LEU A 288 21.62 12.86 -43.94
CA LEU A 288 22.26 12.90 -45.25
C LEU A 288 21.71 11.85 -46.18
N ARG A 289 21.64 12.15 -47.46
CA ARG A 289 21.21 11.12 -48.40
C ARG A 289 22.29 10.89 -49.39
N GLY A 290 22.43 9.64 -49.79
CA GLY A 290 23.47 9.26 -50.72
C GLY A 290 23.23 7.86 -51.23
N VAL A 291 24.23 7.35 -51.92
CA VAL A 291 24.16 6.01 -52.46
C VAL A 291 25.22 5.15 -51.81
N VAL A 292 25.61 5.54 -50.61
CA VAL A 292 26.66 4.88 -49.87
C VAL A 292 26.27 3.50 -49.45
N ARG A 293 26.97 2.52 -49.98
CA ARG A 293 26.66 1.14 -49.70
C ARG A 293 27.35 0.49 -48.50
N GLY A 294 28.50 1.00 -48.08
CA GLY A 294 29.20 0.33 -46.99
C GLY A 294 28.89 0.82 -45.58
N ILE A 295 28.26 1.97 -45.44
CA ILE A 295 28.00 2.53 -44.12
C ILE A 295 26.61 2.24 -43.61
N GLY A 296 26.53 1.77 -42.36
CA GLY A 296 25.27 1.53 -41.68
C GLY A 296 25.30 2.05 -40.26
N ALA A 297 24.26 1.72 -39.48
CA ALA A 297 24.21 2.20 -38.11
C ALA A 297 25.36 1.64 -37.32
N GLY A 298 25.95 2.50 -36.51
CA GLY A 298 27.08 2.13 -35.68
C GLY A 298 28.40 2.40 -36.36
N HIS A 299 28.38 2.83 -37.61
CA HIS A 299 29.63 3.09 -38.28
C HIS A 299 30.06 4.53 -38.18
N LEU A 300 31.35 4.74 -38.31
CA LEU A 300 31.92 6.07 -38.24
C LEU A 300 32.36 6.55 -39.62
N PHE A 301 32.09 7.81 -39.93
CA PHE A 301 32.58 8.31 -41.20
C PHE A 301 32.83 9.79 -41.13
N ARG A 302 33.70 10.28 -42.00
CA ARG A 302 33.96 11.70 -42.02
C ARG A 302 33.39 12.34 -43.27
N LEU A 303 32.61 13.38 -43.08
CA LEU A 303 32.03 14.08 -44.21
C LEU A 303 33.05 14.99 -44.84
N SER A 304 33.14 14.94 -46.17
CA SER A 304 34.05 15.83 -46.84
C SER A 304 33.41 16.44 -48.07
N GLY A 305 33.92 17.59 -48.47
CA GLY A 305 33.43 18.29 -49.64
C GLY A 305 32.15 19.11 -49.43
N TYR A 306 31.69 19.24 -48.18
CA TYR A 306 30.49 20.02 -47.97
C TYR A 306 30.88 21.48 -47.84
N PRO A 307 30.32 22.39 -48.65
CA PRO A 307 30.58 23.83 -48.70
C PRO A 307 30.80 24.45 -47.31
N ARG A 308 29.88 24.20 -46.39
CA ARG A 308 30.04 24.74 -45.06
C ARG A 308 31.08 23.95 -44.31
N ASP A 309 32.31 24.45 -44.33
CA ASP A 309 33.47 23.86 -43.66
C ASP A 309 33.19 23.17 -42.33
N ASP A 310 32.36 23.81 -41.50
CA ASP A 310 31.98 23.33 -40.19
C ASP A 310 31.45 21.91 -40.16
N GLN A 311 30.81 21.51 -41.24
CA GLN A 311 30.15 20.22 -41.29
C GLN A 311 31.06 19.11 -41.76
N ASN A 312 32.27 19.45 -42.17
CA ASN A 312 33.18 18.41 -42.62
C ASN A 312 33.87 17.83 -41.40
N ARG A 313 33.17 16.92 -40.76
CA ARG A 313 33.58 16.32 -39.50
C ARG A 313 33.15 14.87 -39.38
N GLU A 314 33.68 14.18 -38.38
CA GLU A 314 33.37 12.79 -38.16
C GLU A 314 32.03 12.61 -37.48
N TYR A 315 31.26 11.67 -38.00
CA TYR A 315 29.94 11.39 -37.50
C TYR A 315 29.73 9.93 -37.13
N LEU A 316 28.82 9.72 -36.19
CA LEU A 316 28.39 8.41 -35.75
C LEU A 316 27.01 8.13 -36.26
N VAL A 317 26.84 7.07 -37.03
CA VAL A 317 25.53 6.83 -37.57
C VAL A 317 24.63 6.26 -36.51
N VAL A 318 23.58 6.99 -36.15
CA VAL A 318 22.69 6.51 -35.12
C VAL A 318 21.50 5.82 -35.74
N GLY A 319 21.28 6.03 -37.03
CA GLY A 319 20.22 5.31 -37.71
C GLY A 319 20.33 5.43 -39.22
N ALA A 320 19.59 4.60 -39.95
CA ALA A 320 19.68 4.66 -41.38
C ALA A 320 18.47 4.06 -42.09
N GLU A 321 18.18 4.59 -43.28
CA GLU A 321 17.09 4.09 -44.10
C GLU A 321 17.66 3.48 -45.35
N TYR A 322 17.03 2.43 -45.84
CA TYR A 322 17.50 1.79 -47.06
C TYR A 322 16.42 1.56 -48.06
N ARG A 323 16.77 1.73 -49.32
CA ARG A 323 15.85 1.49 -50.41
C ARG A 323 16.57 0.87 -51.59
N VAL A 324 16.21 -0.36 -51.90
CA VAL A 324 16.84 -1.09 -52.97
C VAL A 324 15.84 -1.62 -53.95
N VAL A 325 16.07 -1.41 -55.22
CA VAL A 325 15.19 -2.01 -56.20
C VAL A 325 16.02 -2.73 -57.23
N GLN A 326 15.47 -3.80 -57.78
CA GLN A 326 16.20 -4.51 -58.82
C GLN A 326 15.25 -4.83 -59.96
N GLU A 327 15.77 -4.87 -61.17
CA GLU A 327 14.92 -5.11 -62.33
C GLU A 327 15.25 -6.38 -63.07
N LEU A 328 14.22 -7.10 -63.46
CA LEU A 328 14.38 -8.33 -64.23
C LEU A 328 13.08 -8.72 -64.90
N SER A 338 18.78 -1.54 -61.59
CA SER A 338 18.84 -1.66 -60.15
C SER A 338 19.38 -0.40 -59.49
N GLN A 339 18.78 -0.01 -58.38
CA GLN A 339 19.20 1.19 -57.67
C GLN A 339 19.36 0.95 -56.19
N PHE A 340 20.24 1.73 -55.59
CA PHE A 340 20.50 1.66 -54.16
C PHE A 340 20.54 3.03 -53.54
N GLU A 341 19.60 3.30 -52.64
CA GLU A 341 19.56 4.57 -51.96
C GLU A 341 19.60 4.38 -50.47
N SER A 342 20.31 5.27 -49.80
CA SER A 342 20.33 5.21 -48.36
C SER A 342 20.27 6.60 -47.75
N GLU A 343 19.78 6.65 -46.53
CA GLU A 343 19.70 7.91 -45.82
C GLU A 343 20.28 7.72 -44.45
N LEU A 344 21.22 8.56 -44.08
CA LEU A 344 21.84 8.39 -42.80
C LEU A 344 21.41 9.43 -41.83
N ASP A 345 21.35 9.00 -40.59
CA ASP A 345 21.02 9.84 -39.47
C ASP A 345 22.17 9.73 -38.52
N CYS A 346 22.86 10.82 -38.31
CA CYS A 346 24.04 10.73 -37.49
C CYS A 346 24.30 11.94 -36.65
N ILE A 347 25.22 11.80 -35.72
CA ILE A 347 25.58 12.86 -34.81
C ILE A 347 27.06 13.10 -34.80
N ASP A 348 27.46 14.24 -34.27
CA ASP A 348 28.86 14.56 -34.17
C ASP A 348 29.50 13.55 -33.26
N ALA A 349 30.49 12.84 -33.78
CA ALA A 349 31.16 11.75 -33.05
C ALA A 349 31.78 12.18 -31.72
N SER A 350 31.98 13.47 -31.48
CA SER A 350 32.53 13.92 -30.21
C SER A 350 31.47 13.91 -29.11
N GLN A 351 30.21 13.69 -29.47
CA GLN A 351 29.15 13.67 -28.49
C GLN A 351 29.04 12.30 -27.90
N SER A 352 28.59 12.26 -26.65
CA SER A 352 28.46 11.00 -25.95
C SER A 352 27.10 10.40 -26.20
N PHE A 353 27.04 9.43 -27.08
CA PHE A 353 25.78 8.80 -27.41
C PHE A 353 25.21 7.96 -26.29
N ARG A 354 23.94 8.19 -26.00
CA ARG A 354 23.20 7.45 -25.00
C ARG A 354 21.79 7.22 -25.49
N LEU A 355 21.13 6.21 -24.96
CA LEU A 355 19.76 5.90 -25.36
C LEU A 355 18.73 6.65 -24.56
N LEU A 356 17.63 7.00 -25.22
CA LEU A 356 16.52 7.61 -24.53
C LEU A 356 15.67 6.54 -23.88
N PRO A 357 15.17 6.79 -22.67
CA PRO A 357 14.29 5.95 -21.86
C PRO A 357 12.93 5.66 -22.52
N GLN A 358 12.94 5.06 -23.69
CA GLN A 358 11.71 4.79 -24.43
C GLN A 358 11.07 3.46 -24.06
N THR A 359 11.82 2.58 -23.41
CA THR A 359 11.29 1.29 -23.04
C THR A 359 10.47 1.42 -21.78
N PRO A 360 9.23 0.92 -21.76
CA PRO A 360 8.30 0.93 -20.63
C PRO A 360 8.89 0.23 -19.43
N VAL A 361 8.63 0.79 -18.27
CA VAL A 361 9.09 0.23 -17.01
C VAL A 361 7.95 -0.48 -16.32
N PRO A 362 8.14 -1.72 -15.86
CA PRO A 362 7.17 -2.52 -15.18
C PRO A 362 6.91 -1.93 -13.84
N VAL A 363 5.66 -1.92 -13.46
CA VAL A 363 5.24 -1.37 -12.21
C VAL A 363 4.42 -2.36 -11.45
N VAL A 364 4.77 -2.58 -10.21
CA VAL A 364 3.97 -3.46 -9.40
C VAL A 364 2.78 -2.62 -9.06
N ARG A 365 1.60 -3.11 -9.35
CA ARG A 365 0.44 -2.24 -9.25
C ARG A 365 -0.18 -2.19 -7.87
N GLY A 366 0.28 -3.06 -7.00
CA GLY A 366 -0.21 -3.09 -5.63
C GLY A 366 0.53 -4.19 -4.90
N PRO A 367 0.21 -4.40 -3.65
CA PRO A 367 0.79 -5.36 -2.74
C PRO A 367 0.70 -6.80 -3.23
N GLN A 368 1.65 -7.61 -2.78
CA GLN A 368 1.68 -9.04 -3.08
C GLN A 368 1.94 -9.82 -1.82
N THR A 369 1.48 -11.04 -1.75
CA THR A 369 1.80 -11.80 -0.55
C THR A 369 3.08 -12.58 -0.76
N ALA A 370 3.73 -12.97 0.33
CA ALA A 370 4.97 -13.71 0.24
C ALA A 370 5.21 -14.49 1.52
N VAL A 371 6.10 -15.46 1.45
CA VAL A 371 6.40 -16.26 2.63
C VAL A 371 7.80 -16.02 3.15
N VAL A 372 7.93 -15.85 4.46
CA VAL A 372 9.25 -15.61 5.02
C VAL A 372 10.08 -16.87 4.99
N VAL A 373 11.29 -16.77 4.47
CA VAL A 373 12.16 -17.93 4.37
C VAL A 373 13.52 -17.72 4.98
N GLY A 374 14.24 -18.82 5.16
CA GLY A 374 15.57 -18.80 5.74
C GLY A 374 16.14 -20.22 5.71
N PRO A 375 17.30 -20.41 6.33
CA PRO A 375 18.07 -21.64 6.45
C PRO A 375 17.25 -22.75 7.05
N LYS A 376 17.53 -23.96 6.61
CA LYS A 376 16.78 -25.15 7.02
C LYS A 376 16.78 -25.41 8.52
N GLY A 377 17.88 -25.07 9.20
CA GLY A 377 17.94 -25.32 10.63
C GLY A 377 17.50 -24.13 11.48
N GLU A 378 16.95 -23.09 10.87
CA GLU A 378 16.54 -21.93 11.63
C GLU A 378 15.04 -21.77 11.73
N GLU A 379 14.64 -20.99 12.73
CA GLU A 379 13.25 -20.63 12.95
C GLU A 379 13.06 -19.15 12.67
N ILE A 380 14.02 -18.36 13.12
CA ILE A 380 14.02 -16.93 12.94
C ILE A 380 15.29 -16.55 12.18
N TRP A 381 15.16 -15.69 11.19
CA TRP A 381 16.32 -15.31 10.41
C TRP A 381 16.33 -13.83 10.07
N THR A 382 17.18 -13.06 10.76
CA THR A 382 17.24 -11.62 10.52
C THR A 382 18.66 -11.04 10.60
N ASP A 383 18.75 -9.72 10.78
CA ASP A 383 20.03 -9.03 10.90
C ASP A 383 19.89 -7.87 11.86
N GLN A 384 20.89 -6.98 11.92
CA GLN A 384 20.85 -5.88 12.87
C GLN A 384 19.80 -4.82 12.61
N TYR A 385 19.15 -4.85 11.46
CA TYR A 385 18.12 -3.88 11.17
C TYR A 385 16.75 -4.51 11.24
N GLY A 386 16.70 -5.78 11.59
CA GLY A 386 15.42 -6.46 11.67
C GLY A 386 14.88 -6.82 10.29
N ARG A 387 15.77 -6.91 9.30
CA ARG A 387 15.30 -7.23 7.97
C ARG A 387 15.15 -8.72 7.79
N VAL A 388 14.32 -9.12 6.83
CA VAL A 388 14.10 -10.54 6.57
C VAL A 388 14.10 -10.85 5.10
N LYS A 389 14.11 -12.13 4.78
CA LYS A 389 14.06 -12.58 3.40
C LYS A 389 12.78 -13.32 3.12
N VAL A 390 12.24 -13.18 1.91
CA VAL A 390 10.99 -13.83 1.57
C VAL A 390 11.05 -14.51 0.24
N HIS A 391 10.06 -15.36 0.00
CA HIS A 391 9.86 -16.06 -1.24
C HIS A 391 8.55 -15.64 -1.88
N PHE A 392 8.65 -14.96 -3.02
CA PHE A 392 7.48 -14.51 -3.75
C PHE A 392 6.83 -15.66 -4.47
N HIS A 393 5.52 -15.64 -4.57
CA HIS A 393 4.81 -16.75 -5.16
C HIS A 393 5.15 -16.95 -6.62
N TRP A 394 5.44 -15.86 -7.33
CA TRP A 394 5.80 -15.97 -8.72
C TRP A 394 7.23 -16.40 -8.98
N ASP A 395 8.04 -16.54 -7.95
CA ASP A 395 9.41 -16.92 -8.22
C ASP A 395 9.52 -18.42 -8.33
N ARG A 396 9.46 -18.89 -9.57
CA ARG A 396 9.53 -20.31 -9.86
C ARG A 396 10.94 -20.86 -9.98
N HIS A 397 11.95 -20.07 -9.66
CA HIS A 397 13.30 -20.54 -9.89
C HIS A 397 14.17 -20.67 -8.63
N ASP A 398 13.72 -20.17 -7.49
CA ASP A 398 14.56 -20.29 -6.30
C ASP A 398 14.20 -21.55 -5.52
N GLN A 399 14.84 -21.73 -4.36
CA GLN A 399 14.62 -22.91 -3.53
C GLN A 399 13.98 -22.60 -2.18
N SER A 400 13.24 -21.49 -2.10
CA SER A 400 12.58 -21.08 -0.84
C SER A 400 13.53 -21.02 0.36
N ASN A 401 14.76 -20.59 0.14
CA ASN A 401 15.75 -20.54 1.21
C ASN A 401 16.38 -19.17 1.31
N GLU A 402 17.46 -19.05 2.07
CA GLU A 402 18.15 -17.78 2.28
C GLU A 402 18.74 -17.12 1.02
N ASN A 403 18.70 -17.79 -0.12
CA ASN A 403 19.18 -17.19 -1.33
C ASN A 403 18.03 -16.69 -2.19
N SER A 404 16.81 -16.74 -1.65
CA SER A 404 15.61 -16.32 -2.37
C SER A 404 15.59 -14.85 -2.73
N SER A 405 15.70 -13.99 -1.73
CA SER A 405 15.63 -12.56 -1.98
C SER A 405 16.54 -11.79 -1.04
N CYS A 406 16.74 -10.52 -1.37
CA CYS A 406 17.56 -9.64 -0.54
C CYS A 406 16.88 -9.36 0.77
N TRP A 407 17.59 -8.70 1.66
CA TRP A 407 17.02 -8.34 2.93
C TRP A 407 15.94 -7.28 2.75
N ILE A 408 14.85 -7.41 3.49
CA ILE A 408 13.72 -6.51 3.40
C ILE A 408 13.34 -5.89 4.72
N ARG A 409 13.22 -4.57 4.79
CA ARG A 409 12.82 -3.93 6.04
C ARG A 409 11.38 -4.24 6.34
N VAL A 410 11.06 -4.35 7.62
CA VAL A 410 9.73 -4.75 8.03
C VAL A 410 9.05 -3.72 8.89
N SER A 411 7.90 -3.22 8.45
CA SER A 411 7.16 -2.25 9.25
C SER A 411 6.72 -2.82 10.58
N GLN A 412 6.94 -2.05 11.63
CA GLN A 412 6.56 -2.44 12.97
C GLN A 412 5.46 -1.56 13.46
N ALA A 413 4.88 -1.91 14.58
CA ALA A 413 3.79 -1.13 15.14
C ALA A 413 4.26 0.26 15.55
N TRP A 414 5.48 0.38 16.08
CA TRP A 414 5.97 1.69 16.48
C TRP A 414 7.50 1.74 16.44
N ALA A 415 8.08 2.67 15.69
CA ALA A 415 9.54 2.74 15.61
C ALA A 415 10.08 3.99 16.27
N GLY A 416 11.33 3.92 16.74
CA GLY A 416 12.02 5.04 17.39
C GLY A 416 13.48 4.68 17.75
N LYS A 417 14.22 5.64 18.30
CA LYS A 417 15.65 5.48 18.60
C LYS A 417 16.01 4.45 19.63
N ASN A 418 16.01 3.19 19.24
CA ASN A 418 16.31 2.08 20.13
C ASN A 418 15.17 1.85 21.08
N TRP A 419 13.96 2.09 20.59
CA TRP A 419 12.77 1.83 21.38
C TRP A 419 11.58 1.76 20.49
N GLY A 420 10.50 1.23 21.00
CA GLY A 420 9.30 1.09 20.22
C GLY A 420 8.85 -0.34 20.26
N SER A 421 8.05 -0.72 19.29
CA SER A 421 7.57 -2.07 19.24
C SER A 421 8.32 -2.89 18.25
N MET A 422 8.44 -4.17 18.54
CA MET A 422 9.08 -5.05 17.59
C MET A 422 8.56 -6.47 17.70
N GLN A 423 8.15 -7.00 16.57
CA GLN A 423 7.59 -8.33 16.45
C GLN A 423 8.10 -8.98 15.19
N ILE A 424 9.35 -9.43 15.23
CA ILE A 424 10.02 -10.03 14.09
C ILE A 424 9.29 -11.24 13.57
N PRO A 425 8.95 -11.28 12.28
CA PRO A 425 8.26 -12.36 11.61
C PRO A 425 9.19 -13.53 11.49
N ARG A 426 8.63 -14.72 11.48
CA ARG A 426 9.42 -15.92 11.49
C ARG A 426 9.26 -16.69 10.22
N ILE A 427 10.10 -17.71 10.06
CA ILE A 427 10.07 -18.49 8.84
C ILE A 427 8.79 -19.27 8.72
N GLY A 428 8.18 -19.18 7.55
CA GLY A 428 6.94 -19.86 7.28
C GLY A 428 5.73 -18.96 7.43
N GLN A 429 5.93 -17.74 7.92
CA GLN A 429 4.79 -16.84 8.08
C GLN A 429 4.52 -16.09 6.79
N GLU A 430 3.26 -15.76 6.56
CA GLU A 430 2.87 -15.04 5.35
C GLU A 430 2.75 -13.56 5.61
N VAL A 431 3.34 -12.77 4.72
CA VAL A 431 3.36 -11.34 4.85
C VAL A 431 2.93 -10.60 3.60
N ILE A 432 2.57 -9.34 3.77
CA ILE A 432 2.20 -8.47 2.68
C ILE A 432 3.36 -7.63 2.26
N VAL A 433 3.75 -7.73 1.01
CA VAL A 433 4.87 -6.99 0.49
C VAL A 433 4.42 -5.83 -0.37
N SER A 434 4.90 -4.65 -0.04
CA SER A 434 4.61 -3.47 -0.83
C SER A 434 5.89 -3.03 -1.49
N PHE A 435 5.78 -2.31 -2.59
CA PHE A 435 6.98 -1.88 -3.27
C PHE A 435 7.05 -0.38 -3.31
N LEU A 436 8.21 0.17 -3.00
CA LEU A 436 8.31 1.60 -2.97
C LEU A 436 8.19 2.08 -4.38
N GLU A 437 7.30 3.04 -4.58
CA GLU A 437 6.98 3.53 -5.91
C GLU A 437 6.73 2.46 -6.97
N GLY A 438 6.23 1.29 -6.56
CA GLY A 438 5.89 0.25 -7.50
C GLY A 438 7.11 -0.41 -8.15
N ASP A 439 8.30 -0.09 -7.66
CA ASP A 439 9.50 -0.63 -8.24
C ASP A 439 9.80 -1.98 -7.64
N PRO A 440 9.74 -3.07 -8.43
CA PRO A 440 10.02 -4.46 -8.08
C PRO A 440 11.31 -4.64 -7.29
N ASP A 441 12.25 -3.73 -7.46
CA ASP A 441 13.54 -3.81 -6.79
C ASP A 441 13.54 -3.19 -5.40
N ARG A 442 12.40 -2.69 -4.93
CA ARG A 442 12.30 -2.06 -3.62
C ARG A 442 11.12 -2.54 -2.78
N PRO A 443 11.08 -3.78 -2.37
CA PRO A 443 10.08 -4.42 -1.52
C PRO A 443 10.19 -3.97 -0.08
N ILE A 444 9.08 -4.02 0.64
CA ILE A 444 9.04 -3.68 2.06
C ILE A 444 7.84 -4.37 2.71
N ILE A 445 7.99 -4.85 3.93
CA ILE A 445 6.88 -5.58 4.52
C ILE A 445 5.91 -4.66 5.22
N THR A 446 4.65 -4.73 4.82
CA THR A 446 3.65 -3.85 5.36
C THR A 446 2.44 -4.52 6.01
N GLY A 447 2.58 -5.76 6.49
CA GLY A 447 1.45 -6.38 7.16
C GLY A 447 1.57 -7.89 7.29
N ARG A 448 1.00 -8.45 8.36
CA ARG A 448 1.05 -9.88 8.55
C ARG A 448 -0.31 -10.48 8.36
N VAL A 449 -0.38 -11.63 7.72
CA VAL A 449 -1.69 -12.24 7.52
C VAL A 449 -1.75 -13.71 7.86
N TYR A 450 -2.95 -14.17 8.16
CA TYR A 450 -3.20 -15.56 8.49
C TYR A 450 -3.75 -16.27 7.27
N ASN A 451 -3.53 -17.58 7.19
CA ASN A 451 -4.02 -18.37 6.07
C ASN A 451 -4.45 -19.74 6.59
N ALA A 452 -4.81 -20.66 5.71
CA ALA A 452 -5.28 -21.97 6.18
C ALA A 452 -4.25 -22.79 6.97
N GLU A 453 -2.97 -22.45 6.87
CA GLU A 453 -1.96 -23.16 7.63
C GLU A 453 -1.57 -22.32 8.82
N GLN A 454 -1.33 -21.04 8.56
CA GLN A 454 -1.02 -20.11 9.61
C GLN A 454 -2.33 -19.65 10.19
N THR A 455 -2.92 -20.44 11.06
CA THR A 455 -4.26 -20.12 11.55
C THR A 455 -4.27 -19.10 12.65
N VAL A 456 -5.46 -18.55 12.90
CA VAL A 456 -5.64 -17.56 13.94
C VAL A 456 -5.50 -18.19 15.31
N PRO A 457 -5.06 -17.43 16.30
CA PRO A 457 -4.81 -17.82 17.68
C PRO A 457 -6.05 -18.18 18.46
N TYR A 458 -7.21 -17.74 18.01
CA TYR A 458 -8.44 -18.07 18.73
C TYR A 458 -9.49 -18.56 17.76
N GLU A 459 -10.26 -19.56 18.14
CA GLU A 459 -11.27 -20.09 17.25
C GLU A 459 -12.30 -19.06 16.88
N LEU A 460 -12.53 -18.88 15.60
CA LEU A 460 -13.50 -17.92 15.11
C LEU A 460 -14.65 -18.58 14.41
N PRO A 461 -15.81 -17.94 14.45
CA PRO A 461 -16.16 -16.68 15.07
C PRO A 461 -16.54 -16.80 16.54
N ALA A 462 -16.41 -18.00 17.10
CA ALA A 462 -16.75 -18.28 18.49
C ALA A 462 -16.08 -17.33 19.46
N ASN A 463 -14.80 -17.04 19.23
CA ASN A 463 -14.06 -16.16 20.09
C ASN A 463 -13.79 -14.83 19.44
N ALA A 464 -14.70 -14.36 18.59
CA ALA A 464 -14.52 -13.08 17.92
C ALA A 464 -14.44 -11.90 18.88
N THR A 465 -14.87 -12.08 20.12
CA THR A 465 -14.81 -11.05 21.13
C THR A 465 -13.49 -11.04 21.88
N GLN A 466 -12.57 -11.94 21.51
CA GLN A 466 -11.27 -11.97 22.12
C GLN A 466 -10.22 -11.32 21.26
N SER A 467 -9.26 -10.69 21.90
CA SER A 467 -8.17 -10.06 21.20
C SER A 467 -6.91 -10.14 22.02
N GLY A 468 -5.77 -9.91 21.41
CA GLY A 468 -4.56 -9.93 22.21
C GLY A 468 -3.34 -10.46 21.48
N MET A 469 -2.36 -10.87 22.26
CA MET A 469 -1.10 -11.38 21.74
C MET A 469 -0.71 -12.70 22.35
N LYS A 470 -0.43 -13.69 21.51
CA LYS A 470 -0.01 -15.01 21.97
C LYS A 470 1.26 -15.39 21.27
N SER A 471 2.33 -15.62 22.02
CA SER A 471 3.62 -15.90 21.40
C SER A 471 3.87 -17.39 21.26
N ARG A 472 5.13 -17.77 21.03
CA ARG A 472 5.45 -19.19 20.90
C ARG A 472 6.93 -19.46 21.07
N SER A 473 7.24 -20.39 21.97
CA SER A 473 8.63 -20.75 22.23
C SER A 473 9.37 -21.20 21.00
N SER A 474 10.65 -20.86 20.97
CA SER A 474 11.52 -21.21 19.86
C SER A 474 12.93 -21.45 20.34
N LYS A 475 13.60 -22.49 19.85
CA LYS A 475 13.12 -23.44 18.86
C LYS A 475 12.40 -24.63 19.47
N GLY A 476 11.53 -25.25 18.69
CA GLY A 476 10.85 -26.47 19.11
C GLY A 476 9.63 -26.28 20.01
N GLY A 477 9.09 -25.08 20.07
CA GLY A 477 7.91 -24.86 20.91
C GLY A 477 6.68 -25.58 20.39
N THR A 478 5.85 -26.03 21.32
CA THR A 478 4.62 -26.71 21.02
C THR A 478 3.52 -25.73 21.34
N PRO A 479 2.26 -26.04 21.03
CA PRO A 479 1.06 -25.27 21.33
C PRO A 479 0.92 -24.92 22.81
N ALA A 480 1.55 -25.66 23.70
CA ALA A 480 1.46 -25.38 25.12
C ALA A 480 2.58 -24.48 25.62
N ASN A 481 3.45 -24.01 24.73
CA ASN A 481 4.59 -23.20 25.13
C ASN A 481 4.49 -21.77 24.64
N PHE A 482 3.77 -20.93 25.38
CA PHE A 482 3.56 -19.57 24.92
C PHE A 482 3.33 -18.55 26.00
N ASN A 483 3.57 -17.29 25.68
CA ASN A 483 3.26 -16.21 26.59
C ASN A 483 2.09 -15.47 26.02
N GLU A 484 1.16 -15.02 26.84
CA GLU A 484 0.12 -14.25 26.20
C GLU A 484 -0.57 -13.24 27.06
N ILE A 485 -1.12 -12.24 26.39
CA ILE A 485 -1.98 -11.26 27.01
C ILE A 485 -3.26 -11.27 26.24
N ARG A 486 -4.34 -11.69 26.89
CA ARG A 486 -5.61 -11.83 26.23
C ARG A 486 -6.67 -10.96 26.82
N MET A 487 -7.47 -10.37 25.98
CA MET A 487 -8.56 -9.57 26.43
C MET A 487 -9.87 -10.12 25.91
N GLU A 488 -10.80 -10.31 26.81
CA GLU A 488 -12.12 -10.79 26.50
C GLU A 488 -13.13 -9.70 26.72
N ASP A 489 -13.79 -9.27 25.64
CA ASP A 489 -14.80 -8.23 25.77
C ASP A 489 -16.22 -8.74 25.86
N LYS A 490 -16.42 -10.06 25.88
CA LYS A 490 -17.77 -10.58 25.99
C LYS A 490 -18.51 -9.96 27.14
N LYS A 491 -19.65 -9.37 26.83
CA LYS A 491 -20.46 -8.67 27.81
C LYS A 491 -20.84 -9.55 28.97
N GLY A 492 -20.41 -9.16 30.16
CA GLY A 492 -20.73 -9.89 31.37
C GLY A 492 -19.76 -11.04 31.66
N ALA A 493 -18.75 -11.21 30.83
CA ALA A 493 -17.76 -12.25 31.04
C ALA A 493 -16.39 -11.76 30.65
N GLU A 494 -16.14 -10.48 30.89
CA GLU A 494 -14.89 -9.86 30.53
C GLU A 494 -13.70 -10.45 31.27
N GLN A 495 -12.57 -10.44 30.62
CA GLN A 495 -11.38 -11.01 31.22
C GLN A 495 -10.08 -10.44 30.72
N LEU A 496 -9.15 -10.23 31.64
CA LEU A 496 -7.80 -9.87 31.26
C LEU A 496 -6.92 -10.99 31.72
N TYR A 497 -6.39 -11.74 30.77
CA TYR A 497 -5.64 -12.93 31.09
C TYR A 497 -4.20 -12.82 30.69
N ILE A 498 -3.32 -13.16 31.61
CA ILE A 498 -1.91 -13.11 31.32
C ILE A 498 -1.24 -14.42 31.64
N HIS A 499 -0.51 -14.98 30.69
CA HIS A 499 0.15 -16.24 30.91
C HIS A 499 1.63 -16.18 30.64
N ALA A 500 2.43 -16.58 31.60
CA ALA A 500 3.85 -16.65 31.38
C ALA A 500 4.27 -18.10 31.32
N GLU A 501 4.99 -18.46 30.28
CA GLU A 501 5.43 -19.83 30.12
C GLU A 501 6.46 -20.23 31.15
N ARG A 502 7.34 -19.31 31.47
CA ARG A 502 8.33 -19.46 32.51
C ARG A 502 8.24 -18.37 33.53
N ASN A 503 9.26 -17.53 33.57
CA ASN A 503 9.37 -16.55 34.60
C ASN A 503 8.69 -15.24 34.25
N GLN A 504 8.25 -14.54 35.28
CA GLN A 504 7.61 -13.24 35.14
C GLN A 504 8.25 -12.26 36.08
N ASP A 505 8.58 -11.09 35.58
CA ASP A 505 9.25 -10.11 36.40
C ASP A 505 8.68 -8.73 36.22
N ASN A 506 7.94 -8.29 37.23
CA ASN A 506 7.31 -6.99 37.25
C ASN A 506 8.10 -6.02 38.11
N LEU A 507 8.77 -5.08 37.46
CA LEU A 507 9.57 -4.09 38.16
C LEU A 507 9.00 -2.70 38.06
N VAL A 508 8.66 -2.14 39.21
CA VAL A 508 8.13 -0.79 39.31
C VAL A 508 9.12 0.08 40.02
N GLU A 509 9.59 1.11 39.38
CA GLU A 509 10.59 1.95 40.01
C GLU A 509 10.07 2.81 41.14
N ASN A 510 8.84 3.31 41.07
CA ASN A 510 8.35 4.13 42.15
C ASN A 510 7.19 3.48 42.91
N ASP A 511 5.98 4.00 42.79
CA ASP A 511 4.88 3.48 43.59
C ASP A 511 3.99 2.56 42.80
N ALA A 512 3.57 1.48 43.42
CA ALA A 512 2.71 0.51 42.77
C ALA A 512 1.40 0.43 43.52
N SER A 513 0.35 0.11 42.80
CA SER A 513 -0.93 -0.02 43.44
C SER A 513 -1.77 -1.11 42.83
N LEU A 514 -2.45 -1.83 43.68
CA LEU A 514 -3.33 -2.90 43.26
C LEU A 514 -4.67 -2.76 43.91
N SER A 515 -5.71 -2.66 43.12
CA SER A 515 -7.03 -2.56 43.69
C SER A 515 -7.94 -3.54 43.05
N VAL A 516 -8.60 -4.33 43.88
CA VAL A 516 -9.50 -5.36 43.42
C VAL A 516 -10.86 -5.13 44.00
N GLY A 517 -11.85 -4.90 43.15
CA GLY A 517 -13.19 -4.60 43.61
C GLY A 517 -13.84 -5.69 44.45
N HIS A 518 -13.53 -6.95 44.17
CA HIS A 518 -14.16 -8.02 44.93
C HIS A 518 -13.12 -9.04 45.46
N ASP A 519 -13.17 -10.28 45.00
CA ASP A 519 -12.35 -11.37 45.53
C ASP A 519 -10.98 -11.53 44.88
N ARG A 520 -9.95 -11.75 45.70
CA ARG A 520 -8.60 -11.98 45.19
C ARG A 520 -7.99 -13.27 45.70
N ASN A 521 -7.58 -14.14 44.78
CA ASN A 521 -6.97 -15.40 45.17
C ASN A 521 -5.55 -15.51 44.72
N LYS A 522 -4.71 -16.08 45.57
CA LYS A 522 -3.32 -16.29 45.24
C LYS A 522 -2.89 -17.69 45.58
N SER A 523 -2.27 -18.37 44.64
CA SER A 523 -1.81 -19.71 44.89
C SER A 523 -0.44 -19.90 44.35
N ILE A 524 0.47 -20.27 45.23
CA ILE A 524 1.85 -20.43 44.86
C ILE A 524 2.32 -21.84 45.13
N GLY A 525 2.82 -22.50 44.11
CA GLY A 525 3.23 -23.89 44.20
C GLY A 525 4.38 -24.17 45.15
N HIS A 526 5.32 -23.25 45.29
CA HIS A 526 6.45 -23.55 46.16
C HIS A 526 6.70 -22.44 47.20
N ASP A 527 7.83 -21.75 47.14
CA ASP A 527 8.16 -20.79 48.20
C ASP A 527 7.86 -19.35 47.88
N GLU A 528 7.43 -18.60 48.90
CA GLU A 528 7.21 -17.17 48.75
C GLU A 528 8.07 -16.39 49.72
N LEU A 529 8.72 -15.37 49.21
CA LEU A 529 9.56 -14.51 50.02
C LEU A 529 9.26 -13.06 49.83
N ALA A 530 8.88 -12.38 50.88
CA ALA A 530 8.59 -10.97 50.79
C ALA A 530 9.50 -10.17 51.71
N ARG A 531 10.02 -9.08 51.20
CA ARG A 531 10.88 -8.23 52.00
C ARG A 531 10.48 -6.77 51.91
N ILE A 532 10.11 -6.20 53.04
CA ILE A 532 9.65 -4.83 53.12
C ILE A 532 10.72 -3.89 53.60
N GLY A 533 11.09 -2.96 52.74
CA GLY A 533 12.10 -1.96 52.99
C GLY A 533 11.97 -1.26 54.32
N ASN A 534 10.80 -0.72 54.64
CA ASN A 534 10.59 -0.10 55.94
C ASN A 534 9.38 -0.63 56.73
N ASN A 535 8.23 0.01 56.55
CA ASN A 535 7.06 -0.33 57.35
C ASN A 535 5.99 -1.06 56.58
N ARG A 536 5.23 -1.87 57.27
CA ARG A 536 4.13 -2.57 56.65
C ARG A 536 2.90 -2.52 57.50
N THR A 537 1.80 -2.10 56.93
CA THR A 537 0.55 -2.04 57.66
C THR A 537 -0.53 -2.81 56.97
N ARG A 538 -1.16 -3.71 57.69
CA ARG A 538 -2.23 -4.46 57.10
C ARG A 538 -3.48 -4.36 57.95
N ALA A 539 -4.61 -4.25 57.30
CA ALA A 539 -5.84 -4.20 58.02
C ALA A 539 -6.86 -5.06 57.36
N VAL A 540 -7.60 -5.78 58.16
CA VAL A 540 -8.65 -6.64 57.69
C VAL A 540 -9.90 -6.27 58.40
N LYS A 541 -10.93 -5.93 57.66
CA LYS A 541 -12.15 -5.45 58.29
C LYS A 541 -12.87 -6.50 59.10
N LEU A 542 -12.68 -7.78 58.80
CA LEU A 542 -13.36 -8.81 59.56
C LEU A 542 -12.43 -9.95 60.00
N ASN A 543 -12.60 -11.16 59.49
CA ASN A 543 -11.82 -12.26 60.05
C ASN A 543 -10.51 -12.51 59.35
N ASP A 544 -9.53 -13.00 60.10
CA ASP A 544 -8.20 -13.28 59.58
C ASP A 544 -7.71 -14.63 60.07
N THR A 545 -7.73 -15.62 59.18
CA THR A 545 -7.36 -16.97 59.52
C THR A 545 -6.02 -17.38 58.94
N LEU A 546 -5.21 -18.06 59.75
CA LEU A 546 -3.93 -18.55 59.33
C LEU A 546 -3.73 -20.01 59.64
N LEU A 547 -3.52 -20.81 58.63
CA LEU A 547 -3.30 -22.23 58.83
C LEU A 547 -1.90 -22.61 58.42
N VAL A 548 -1.11 -23.10 59.34
CA VAL A 548 0.27 -23.45 59.05
C VAL A 548 0.54 -24.92 59.26
N GLY A 549 0.88 -25.62 58.19
CA GLY A 549 1.14 -27.04 58.26
C GLY A 549 2.47 -27.38 58.88
N GLY A 550 3.40 -26.45 58.88
CA GLY A 550 4.69 -26.68 59.50
C GLY A 550 4.79 -25.95 60.83
N ALA A 551 5.90 -25.23 61.00
CA ALA A 551 6.17 -24.47 62.21
C ALA A 551 6.18 -22.99 61.90
N LYS A 552 5.83 -22.19 62.88
CA LYS A 552 5.78 -20.76 62.69
C LYS A 552 6.74 -20.08 63.64
N SER A 553 7.46 -19.12 63.12
CA SER A 553 8.45 -18.43 63.93
C SER A 553 8.45 -16.95 63.72
N ASP A 554 7.95 -16.22 64.71
CA ASP A 554 7.91 -14.77 64.65
C ASP A 554 9.09 -14.27 65.44
N SER A 555 9.84 -13.32 64.90
CA SER A 555 10.97 -12.81 65.64
C SER A 555 11.09 -11.31 65.48
N VAL A 556 10.71 -10.61 66.53
CA VAL A 556 10.66 -9.17 66.53
C VAL A 556 11.79 -8.58 67.38
N THR A 557 12.60 -7.69 66.81
CA THR A 557 13.73 -7.12 67.57
C THR A 557 13.29 -6.28 68.74
N GLY A 558 12.13 -5.70 68.64
CA GLY A 558 11.65 -4.85 69.69
C GLY A 558 10.51 -5.44 70.49
N THR A 559 9.47 -4.62 70.60
CA THR A 559 8.26 -4.93 71.31
C THR A 559 7.24 -5.59 70.41
N TYR A 560 6.66 -6.65 70.90
CA TYR A 560 5.61 -7.36 70.20
C TYR A 560 4.34 -7.26 71.01
N LEU A 561 3.50 -6.29 70.67
CA LEU A 561 2.26 -6.06 71.37
C LEU A 561 1.10 -6.80 70.76
N ILE A 562 0.53 -7.70 71.52
CA ILE A 562 -0.64 -8.41 71.08
C ILE A 562 -1.83 -7.92 71.83
N GLU A 563 -2.66 -7.17 71.14
CA GLU A 563 -3.82 -6.56 71.72
C GLU A 563 -5.12 -7.18 71.23
N ALA A 564 -6.00 -7.52 72.16
CA ALA A 564 -7.30 -8.07 71.79
C ALA A 564 -8.40 -7.30 72.50
N GLY A 565 -9.52 -7.12 71.83
CA GLY A 565 -10.61 -6.39 72.42
C GLY A 565 -11.56 -7.26 73.23
N ALA A 566 -11.48 -8.58 73.08
CA ALA A 566 -12.38 -9.44 73.83
C ALA A 566 -11.68 -10.58 74.52
N GLN A 567 -10.96 -11.42 73.77
CA GLN A 567 -10.35 -12.57 74.42
C GLN A 567 -9.12 -13.09 73.72
N ILE A 568 -8.11 -13.46 74.49
CA ILE A 568 -6.91 -14.06 73.93
C ILE A 568 -6.85 -15.51 74.36
N ARG A 569 -6.66 -16.41 73.41
CA ARG A 569 -6.60 -17.81 73.78
C ARG A 569 -5.34 -18.47 73.30
N LEU A 570 -4.67 -19.17 74.19
CA LEU A 570 -3.48 -19.89 73.82
C LEU A 570 -3.77 -21.34 74.02
N VAL A 571 -3.86 -22.09 72.96
CA VAL A 571 -4.21 -23.49 73.14
C VAL A 571 -3.20 -24.39 72.50
N CYS A 572 -2.83 -25.42 73.23
CA CYS A 572 -1.84 -26.36 72.77
C CYS A 572 -2.06 -27.68 73.42
N GLY A 573 -2.93 -28.49 72.84
CA GLY A 573 -3.24 -29.78 73.42
C GLY A 573 -3.96 -29.59 74.72
N LYS A 574 -3.31 -30.02 75.79
CA LYS A 574 -3.86 -29.91 77.12
C LYS A 574 -3.50 -28.59 77.80
N SER A 575 -2.61 -27.80 77.21
CA SER A 575 -2.27 -26.51 77.80
C SER A 575 -3.24 -25.46 77.30
N VAL A 576 -3.91 -24.79 78.22
CA VAL A 576 -4.88 -23.78 77.80
C VAL A 576 -4.77 -22.49 78.59
N VAL A 577 -4.65 -21.38 77.90
CA VAL A 577 -4.66 -20.12 78.61
C VAL A 577 -5.71 -19.19 78.05
N GLU A 578 -6.50 -18.61 78.93
CA GLU A 578 -7.57 -17.72 78.50
C GLU A 578 -7.51 -16.37 79.17
N PHE A 579 -7.43 -15.31 78.37
CA PHE A 579 -7.40 -13.97 78.91
C PHE A 579 -8.66 -13.23 78.53
N ASN A 580 -9.47 -12.87 79.50
CA ASN A 580 -10.70 -12.17 79.22
C ASN A 580 -10.61 -10.69 79.46
N ALA A 581 -11.34 -9.93 78.65
CA ALA A 581 -11.42 -8.48 78.73
C ALA A 581 -11.81 -7.99 80.12
N ASP A 582 -12.60 -8.77 80.85
CA ASP A 582 -12.97 -8.34 82.20
C ASP A 582 -11.87 -8.62 83.23
N GLY A 583 -10.70 -9.08 82.80
CA GLY A 583 -9.58 -9.33 83.67
C GLY A 583 -9.48 -10.77 84.17
N THR A 584 -10.35 -11.65 83.71
CA THR A 584 -10.25 -13.03 84.18
C THR A 584 -9.12 -13.77 83.48
N ILE A 585 -8.18 -14.31 84.23
CA ILE A 585 -7.07 -15.05 83.65
C ILE A 585 -7.07 -16.49 84.05
N ASN A 586 -7.38 -17.37 83.12
CA ASN A 586 -7.39 -18.78 83.45
C ASN A 586 -6.22 -19.50 82.84
N ILE A 587 -5.55 -20.31 83.64
CA ILE A 587 -4.44 -21.07 83.12
C ILE A 587 -4.57 -22.51 83.52
N SER A 588 -4.74 -23.38 82.54
CA SER A 588 -4.91 -24.78 82.85
C SER A 588 -3.89 -25.64 82.18
N GLY A 589 -3.39 -26.60 82.93
CA GLY A 589 -2.46 -27.54 82.37
C GLY A 589 -2.48 -28.81 83.18
N SER A 590 -1.63 -29.73 82.84
CA SER A 590 -1.53 -30.96 83.58
C SER A 590 -0.55 -30.72 84.69
N ALA A 591 0.39 -29.82 84.44
CA ALA A 591 1.37 -29.49 85.43
C ALA A 591 1.96 -28.15 85.14
N PHE A 592 2.55 -27.53 86.14
CA PHE A 592 3.22 -26.29 85.84
C PHE A 592 4.41 -26.06 86.71
N ASN A 593 5.31 -25.25 86.20
CA ASN A 593 6.57 -24.94 86.86
C ASN A 593 6.90 -23.47 86.77
N LEU A 594 6.38 -22.71 87.71
CA LEU A 594 6.65 -21.29 87.76
C LEU A 594 7.93 -21.07 88.52
N TYR A 595 8.90 -20.44 87.88
CA TYR A 595 10.21 -20.26 88.48
C TYR A 595 10.83 -18.91 88.30
N ALA A 596 11.36 -18.35 89.40
CA ALA A 596 12.09 -17.10 89.34
C ALA A 596 13.47 -17.30 89.88
N SER A 597 14.47 -16.80 89.16
CA SER A 597 15.83 -16.89 89.67
C SER A 597 16.01 -15.94 90.85
N GLY A 598 15.17 -14.91 90.91
CA GLY A 598 15.15 -13.96 92.00
C GLY A 598 13.87 -14.13 92.81
N ASN A 599 13.23 -13.01 93.14
CA ASN A 599 12.03 -12.98 93.97
C ASN A 599 10.75 -13.14 93.15
N GLY A 600 9.73 -13.71 93.78
CA GLY A 600 8.44 -13.86 93.12
C GLY A 600 7.34 -13.40 94.05
N ASN A 601 6.40 -12.65 93.51
CA ASN A 601 5.28 -12.15 94.29
C ASN A 601 3.97 -12.70 93.78
N ILE A 602 3.10 -13.11 94.68
CA ILE A 602 1.77 -13.52 94.32
C ILE A 602 0.80 -12.83 95.23
N ASP A 603 0.24 -11.74 94.76
CA ASP A 603 -0.63 -10.93 95.59
C ASP A 603 -2.07 -10.86 95.08
N THR A 604 -3.02 -10.82 95.99
CA THR A 604 -4.42 -10.63 95.60
C THR A 604 -5.00 -9.46 96.35
N GLY A 605 -6.00 -8.82 95.78
CA GLY A 605 -6.66 -7.71 96.46
C GLY A 605 -7.72 -8.31 97.34
N GLY A 606 -8.27 -9.43 96.87
CA GLY A 606 -9.22 -10.22 97.59
C GLY A 606 -8.47 -11.36 98.26
N ARG A 607 -9.12 -12.52 98.33
CA ARG A 607 -8.54 -13.66 98.98
C ARG A 607 -7.73 -14.56 98.05
N LEU A 608 -6.57 -15.01 98.53
CA LEU A 608 -5.75 -15.96 97.81
C LEU A 608 -5.97 -17.34 98.35
N ASP A 609 -6.49 -18.23 97.53
CA ASP A 609 -6.75 -19.59 97.96
C ASP A 609 -5.89 -20.59 97.23
N LEU A 610 -5.45 -21.61 97.94
CA LEU A 610 -4.66 -22.64 97.33
C LEU A 610 -5.30 -24.00 97.57
N ASN A 611 -5.37 -24.81 96.53
CA ASN A 611 -6.02 -26.13 96.56
C ASN A 611 -7.42 -26.07 97.17
N SER A 612 -8.20 -25.06 96.78
CA SER A 612 -9.54 -24.87 97.32
C SER A 612 -10.63 -25.49 96.48
N GLY A 613 -10.32 -25.72 95.21
CA GLY A 613 -11.31 -26.23 94.27
C GLY A 613 -11.91 -25.10 93.44
N GLY A 614 -11.50 -23.85 93.72
CA GLY A 614 -12.01 -22.70 92.98
C GLY A 614 -11.53 -22.65 91.51
N ALA A 615 -10.45 -23.35 91.19
CA ALA A 615 -9.93 -23.37 89.83
C ALA A 615 -10.07 -24.76 89.22
N SER A 616 -10.25 -24.82 87.91
CA SER A 616 -10.43 -26.09 87.22
C SER A 616 -10.00 -26.01 85.76
N GLU A 617 -10.13 -27.13 85.06
CA GLU A 617 -9.78 -27.21 83.65
C GLU A 617 -10.55 -26.23 82.79
N VAL A 618 -9.87 -25.69 81.79
CA VAL A 618 -10.50 -24.78 80.85
C VAL A 618 -10.86 -25.52 79.59
N ASP A 619 -12.11 -25.43 79.20
CA ASP A 619 -12.60 -26.11 78.02
C ASP A 619 -11.96 -25.53 76.77
N ALA A 620 -11.16 -26.34 76.09
CA ALA A 620 -10.47 -25.92 74.88
C ALA A 620 -11.36 -25.90 73.65
N LYS A 621 -12.62 -26.33 73.78
CA LYS A 621 -13.59 -26.34 72.69
C LYS A 621 -13.09 -27.02 71.43
N GLY A 622 -12.32 -28.09 71.57
CA GLY A 622 -11.84 -28.85 70.43
C GLY A 622 -10.65 -28.21 69.72
N LYS A 623 -10.12 -27.15 70.29
CA LYS A 623 -9.01 -26.47 69.67
C LYS A 623 -7.71 -27.06 70.13
N GLY A 624 -6.66 -26.87 69.35
CA GLY A 624 -5.34 -27.33 69.71
C GLY A 624 -5.12 -28.81 69.53
N VAL A 625 -5.99 -29.47 68.76
CA VAL A 625 -5.85 -30.88 68.50
C VAL A 625 -5.06 -31.09 67.23
N GLN A 626 -3.92 -31.72 67.33
CA GLN A 626 -3.02 -31.91 66.20
C GLN A 626 -3.69 -32.46 64.96
N GLY A 627 -4.45 -33.53 65.13
CA GLY A 627 -5.11 -34.17 63.99
C GLY A 627 -6.08 -33.23 63.30
N THR A 628 -6.87 -32.51 64.09
CA THR A 628 -7.82 -31.58 63.55
C THR A 628 -7.15 -30.45 62.81
N ILE A 629 -6.09 -29.92 63.41
CA ILE A 629 -5.36 -28.82 62.83
C ILE A 629 -4.80 -29.22 61.48
N ASP A 630 -4.17 -30.40 61.44
CA ASP A 630 -3.63 -30.90 60.22
C ASP A 630 -4.69 -31.03 59.16
N GLY A 631 -5.84 -31.59 59.52
CA GLY A 631 -6.92 -31.75 58.58
C GLY A 631 -7.29 -30.41 57.95
N GLN A 632 -7.34 -29.36 58.76
CA GLN A 632 -7.68 -28.05 58.25
C GLN A 632 -6.65 -27.54 57.27
N VAL A 633 -5.38 -27.81 57.54
CA VAL A 633 -4.35 -27.39 56.62
C VAL A 633 -4.41 -28.17 55.34
N GLN A 634 -4.58 -29.49 55.45
CA GLN A 634 -4.60 -30.35 54.27
C GLN A 634 -5.75 -29.99 53.36
N ALA A 635 -6.86 -29.57 53.93
CA ALA A 635 -8.02 -29.15 53.16
C ALA A 635 -7.73 -27.96 52.24
N MET A 636 -6.68 -27.19 52.55
CA MET A 636 -6.33 -26.03 51.75
C MET A 636 -5.43 -26.44 50.61
N PHE A 637 -4.84 -27.62 50.70
CA PHE A 637 -3.95 -28.09 49.67
C PHE A 637 -4.30 -29.48 49.17
N PRO A 638 -5.44 -29.64 48.49
CA PRO A 638 -5.93 -30.86 47.91
C PRO A 638 -5.06 -31.21 46.71
N PRO A 639 -4.97 -32.48 46.36
CA PRO A 639 -4.26 -33.03 45.23
C PRO A 639 -4.97 -32.64 43.96
N PRO A 640 -4.26 -32.58 42.85
CA PRO A 640 -4.70 -32.21 41.51
C PRO A 640 -5.44 -33.35 40.83
N ARG B 5 -0.26 42.60 -48.44
CA ARG B 5 0.85 42.52 -49.38
C ARG B 5 1.73 41.30 -49.15
N LEU B 6 2.24 41.19 -47.93
CA LEU B 6 3.10 40.07 -47.59
C LEU B 6 3.25 39.91 -46.08
N VAL B 7 4.20 39.08 -45.67
CA VAL B 7 4.49 38.86 -44.27
C VAL B 7 5.89 39.34 -43.95
N GLN B 8 6.02 40.24 -43.00
CA GLN B 8 7.33 40.72 -42.64
C GLN B 8 7.83 40.00 -41.40
N VAL B 9 9.14 39.86 -41.31
CA VAL B 9 9.72 39.14 -40.19
C VAL B 9 10.56 40.02 -39.30
N ASP B 10 10.20 40.09 -38.04
CA ASP B 10 10.95 40.82 -37.04
C ASP B 10 11.80 39.83 -36.29
N CYS B 11 13.09 39.82 -36.55
CA CYS B 11 13.90 38.81 -35.92
C CYS B 11 15.32 39.23 -35.57
N PRO B 12 15.97 38.45 -34.72
CA PRO B 12 17.36 38.53 -34.34
C PRO B 12 18.17 38.37 -35.59
N LEU B 13 19.33 38.99 -35.62
CA LEU B 13 20.22 39.04 -36.78
C LEU B 13 19.76 40.05 -37.85
N GLY B 14 18.52 40.55 -37.77
CA GLY B 14 18.06 41.56 -38.71
C GLY B 14 16.82 41.10 -39.48
N PRO B 15 15.75 41.91 -39.47
CA PRO B 15 14.44 41.69 -40.09
C PRO B 15 14.51 41.64 -41.63
N ASP B 16 15.58 42.18 -42.20
CA ASP B 16 15.74 42.19 -43.64
C ASP B 16 16.58 41.02 -44.12
N VAL B 17 16.95 40.12 -43.22
CA VAL B 17 17.78 38.99 -43.57
C VAL B 17 16.98 37.78 -44.02
N LEU B 18 15.85 37.53 -43.36
CA LEU B 18 15.05 36.36 -43.66
C LEU B 18 13.83 36.64 -44.51
N LEU B 19 13.54 35.73 -45.43
CA LEU B 19 12.40 35.86 -46.31
C LEU B 19 11.44 34.69 -46.13
N LEU B 20 10.28 34.95 -45.57
CA LEU B 20 9.34 33.87 -45.31
C LEU B 20 8.74 33.28 -46.56
N GLN B 21 9.30 32.16 -47.00
CA GLN B 21 8.81 31.47 -48.18
C GLN B 21 7.41 30.95 -47.97
N ARG B 22 7.14 30.41 -46.80
CA ARG B 22 5.82 29.92 -46.48
C ARG B 22 5.66 29.60 -45.02
N MET B 23 4.43 29.57 -44.54
CA MET B 23 4.18 29.26 -43.16
C MET B 23 2.95 28.43 -42.93
N GLU B 24 3.06 27.48 -42.02
CA GLU B 24 1.91 26.67 -41.66
C GLU B 24 1.69 26.77 -40.16
N GLY B 25 0.47 27.03 -39.73
CA GLY B 25 0.30 27.26 -38.31
C GLY B 25 -0.89 26.59 -37.67
N ARG B 26 -0.78 26.37 -36.37
CA ARG B 26 -1.86 25.78 -35.59
C ARG B 26 -2.09 26.51 -34.27
N GLU B 27 -3.35 26.87 -34.04
CA GLU B 27 -3.75 27.54 -32.82
C GLU B 27 -4.88 26.79 -32.14
N GLU B 28 -4.95 26.85 -30.82
CA GLU B 28 -6.02 26.18 -30.10
C GLU B 28 -6.11 26.59 -28.63
N LEU B 29 -7.34 26.74 -28.13
CA LEU B 29 -7.56 27.16 -26.76
C LEU B 29 -7.02 26.16 -25.79
N GLY B 30 -6.30 26.64 -24.79
CA GLY B 30 -5.73 25.80 -23.78
C GLY B 30 -4.50 25.04 -24.27
N ARG B 31 -4.00 25.37 -25.45
CA ARG B 31 -2.87 24.63 -25.99
C ARG B 31 -1.79 25.52 -26.52
N LEU B 32 -0.64 24.94 -26.77
CA LEU B 32 0.48 25.68 -27.29
C LEU B 32 0.41 25.82 -28.79
N PHE B 33 0.60 27.06 -29.25
CA PHE B 33 0.62 27.39 -30.65
C PHE B 33 1.84 26.84 -31.34
N ALA B 34 1.72 26.56 -32.62
CA ALA B 34 2.87 26.07 -33.34
C ALA B 34 2.88 26.61 -34.74
N TYR B 35 4.01 27.18 -35.14
CA TYR B 35 4.09 27.68 -36.50
C TYR B 35 5.33 27.15 -37.17
N GLU B 36 5.16 26.67 -38.40
CA GLU B 36 6.25 26.15 -39.19
C GLU B 36 6.71 27.19 -40.16
N LEU B 37 7.95 27.61 -40.02
CA LEU B 37 8.46 28.60 -40.91
C LEU B 37 9.39 28.01 -41.91
N HIS B 38 9.18 28.37 -43.16
CA HIS B 38 10.08 28.00 -44.21
C HIS B 38 10.56 29.29 -44.78
N LEU B 39 11.83 29.56 -44.63
CA LEU B 39 12.29 30.84 -45.08
C LEU B 39 13.69 30.77 -45.61
N VAL B 40 14.07 31.80 -46.34
CA VAL B 40 15.36 31.77 -46.96
C VAL B 40 16.15 33.04 -46.74
N SER B 41 17.45 32.97 -46.99
CA SER B 41 18.28 34.14 -46.79
C SER B 41 19.52 34.21 -47.65
N GLU B 42 19.93 35.45 -47.92
CA GLU B 42 21.13 35.73 -48.70
C GLU B 42 22.38 35.21 -48.01
N ASN B 43 22.36 35.11 -46.68
CA ASN B 43 23.51 34.59 -45.95
C ASN B 43 23.44 33.06 -45.94
N PRO B 44 24.32 32.38 -46.69
CA PRO B 44 24.40 30.93 -46.89
C PRO B 44 24.67 30.14 -45.61
N ASN B 45 25.10 30.82 -44.57
CA ASN B 45 25.37 30.17 -43.30
C ASN B 45 25.03 31.09 -42.15
N LEU B 46 23.75 31.39 -42.02
CA LEU B 46 23.28 32.31 -41.01
C LEU B 46 23.07 31.67 -39.62
N PRO B 47 24.14 31.55 -38.84
CA PRO B 47 24.14 31.01 -37.44
C PRO B 47 22.79 30.55 -36.85
N LEU B 48 22.47 29.25 -36.94
CA LEU B 48 21.21 28.76 -36.38
C LEU B 48 21.07 29.01 -34.88
N GLU B 49 22.17 28.89 -34.14
CA GLU B 49 22.15 29.05 -32.69
C GLU B 49 21.88 30.50 -32.27
N GLN B 50 21.93 31.42 -33.23
CA GLN B 50 21.68 32.80 -32.92
C GLN B 50 20.21 33.12 -33.10
N LEU B 51 19.42 32.11 -33.49
CA LEU B 51 17.99 32.25 -33.62
C LEU B 51 17.29 31.29 -32.69
N LEU B 52 17.89 30.12 -32.50
CA LEU B 52 17.31 29.10 -31.64
C LEU B 52 17.13 29.59 -30.24
N GLY B 53 15.92 29.44 -29.74
CA GLY B 53 15.59 29.81 -28.38
C GLY B 53 15.32 31.29 -28.24
N LYS B 54 15.23 32.02 -29.33
CA LYS B 54 14.98 33.44 -29.20
C LYS B 54 13.63 33.87 -29.72
N PRO B 55 13.16 35.03 -29.25
CA PRO B 55 11.96 35.72 -29.65
C PRO B 55 12.00 36.08 -31.12
N MET B 56 10.84 36.02 -31.75
CA MET B 56 10.70 36.32 -33.16
C MET B 56 9.26 36.60 -33.49
N SER B 57 9.00 37.47 -34.46
CA SER B 57 7.60 37.63 -34.79
C SER B 57 7.33 37.88 -36.25
N LEU B 58 6.15 37.45 -36.68
CA LEU B 58 5.72 37.67 -38.05
C LEU B 58 4.78 38.84 -38.05
N SER B 59 4.69 39.53 -39.17
CA SER B 59 3.80 40.67 -39.26
C SER B 59 2.99 40.62 -40.55
N LEU B 60 1.74 40.24 -40.42
CA LEU B 60 0.86 40.09 -41.56
C LEU B 60 0.12 41.35 -41.90
N GLU B 61 0.35 41.85 -43.11
CA GLU B 61 -0.32 43.04 -43.60
C GLU B 61 -1.84 42.93 -43.49
N LEU B 62 -2.44 43.65 -42.56
CA LEU B 62 -3.89 43.64 -42.44
C LEU B 62 -4.46 44.89 -43.08
N PRO B 63 -5.78 44.94 -43.28
CA PRO B 63 -6.54 46.05 -43.77
C PRO B 63 -6.31 47.24 -42.87
N GLY B 64 -6.31 48.41 -43.48
CA GLY B 64 -6.13 49.66 -42.75
C GLY B 64 -4.67 49.89 -42.39
N GLY B 65 -3.76 49.03 -42.84
CA GLY B 65 -2.36 49.19 -42.52
C GLY B 65 -2.03 48.63 -41.14
N SER B 66 -2.99 47.95 -40.52
CA SER B 66 -2.73 47.34 -39.23
C SER B 66 -1.98 46.04 -39.46
N ARG B 67 -1.48 45.44 -38.40
CA ARG B 67 -0.72 44.21 -38.57
C ARG B 67 -1.09 43.12 -37.60
N ARG B 68 -1.09 41.89 -38.07
CA ARG B 68 -1.32 40.78 -37.18
C ARG B 68 0.00 40.22 -36.82
N PHE B 69 0.25 40.12 -35.53
CA PHE B 69 1.54 39.64 -35.14
C PHE B 69 1.50 38.25 -34.66
N PHE B 70 2.59 37.56 -34.92
CA PHE B 70 2.76 36.19 -34.48
C PHE B 70 4.04 36.11 -33.72
N HIS B 71 4.02 36.53 -32.47
CA HIS B 71 5.23 36.52 -31.69
C HIS B 71 5.42 35.17 -31.04
N GLY B 72 6.65 34.68 -31.02
CA GLY B 72 6.91 33.38 -30.41
C GLY B 72 8.40 33.11 -30.27
N ILE B 73 8.72 31.89 -29.87
CA ILE B 73 10.10 31.52 -29.64
C ILE B 73 10.54 30.36 -30.49
N VAL B 74 11.71 30.50 -31.09
CA VAL B 74 12.22 29.45 -31.94
C VAL B 74 12.57 28.20 -31.16
N ALA B 75 11.60 27.33 -31.01
CA ALA B 75 11.78 26.07 -30.29
C ALA B 75 12.73 25.14 -31.02
N ARG B 76 12.63 25.15 -32.34
CA ARG B 76 13.46 24.30 -33.18
C ARG B 76 13.89 25.02 -34.44
N CYS B 77 15.06 24.70 -34.95
CA CYS B 77 15.49 25.31 -36.19
C CYS B 77 16.27 24.33 -37.02
N SER B 78 16.43 24.64 -38.30
CA SER B 78 17.16 23.73 -39.16
C SER B 78 17.72 24.39 -40.40
N GLN B 79 18.85 23.88 -40.85
CA GLN B 79 19.50 24.39 -42.04
C GLN B 79 19.35 23.33 -43.12
N VAL B 80 18.78 23.73 -44.25
CA VAL B 80 18.51 22.79 -45.33
C VAL B 80 19.04 23.27 -46.67
N ALA B 81 18.83 22.47 -47.69
CA ALA B 81 19.18 22.87 -49.04
C ALA B 81 18.20 23.96 -49.47
N GLY B 82 18.69 24.92 -50.25
CA GLY B 82 17.85 26.01 -50.70
C GLY B 82 18.20 26.40 -52.11
N HIS B 83 18.07 27.69 -52.40
CA HIS B 83 18.40 28.23 -53.70
C HIS B 83 19.92 28.51 -53.67
N GLY B 84 20.43 29.24 -54.65
CA GLY B 84 21.83 29.59 -54.66
C GLY B 84 21.94 31.01 -54.14
N GLN B 85 20.93 31.81 -54.45
CA GLN B 85 20.87 33.17 -53.99
C GLN B 85 20.37 33.21 -52.55
N PHE B 86 19.49 32.27 -52.22
CA PHE B 86 18.91 32.25 -50.90
C PHE B 86 18.95 30.85 -50.30
N ALA B 87 19.66 30.70 -49.18
CA ALA B 87 19.77 29.41 -48.50
C ALA B 87 18.51 29.12 -47.71
N GLY B 88 18.14 27.85 -47.59
CA GLY B 88 16.93 27.49 -46.87
C GLY B 88 17.13 27.28 -45.37
N TYR B 89 16.21 27.82 -44.58
CA TYR B 89 16.21 27.65 -43.15
C TYR B 89 14.80 27.36 -42.66
N GLN B 90 14.69 26.55 -41.62
CA GLN B 90 13.38 26.25 -41.08
C GLN B 90 13.33 26.55 -39.62
N ALA B 91 12.15 26.88 -39.12
CA ALA B 91 12.02 27.14 -37.71
C ALA B 91 10.64 26.86 -37.19
N THR B 92 10.58 26.43 -35.95
CA THR B 92 9.31 26.17 -35.30
C THR B 92 9.12 27.14 -34.19
N LEU B 93 8.02 27.90 -34.24
CA LEU B 93 7.74 28.87 -33.23
C LEU B 93 6.77 28.33 -32.21
N ARG B 94 7.08 28.56 -30.94
CA ARG B 94 6.19 28.13 -29.88
C ARG B 94 6.10 29.18 -28.77
N PRO B 95 5.02 29.18 -28.01
CA PRO B 95 4.73 30.01 -26.85
C PRO B 95 5.72 29.85 -25.74
N TRP B 96 5.94 30.90 -24.95
CA TRP B 96 6.89 30.75 -23.85
C TRP B 96 6.52 29.73 -22.77
N PRO B 97 5.25 29.31 -22.57
CA PRO B 97 4.89 28.25 -21.65
C PRO B 97 5.48 26.93 -22.13
N TRP B 98 5.81 26.83 -23.42
CA TRP B 98 6.45 25.65 -23.96
C TRP B 98 7.75 25.35 -23.25
N LEU B 99 8.46 26.40 -22.84
CA LEU B 99 9.72 26.24 -22.14
C LEU B 99 9.55 25.58 -20.79
N LEU B 100 8.31 25.50 -20.30
CA LEU B 100 8.04 24.88 -19.04
C LEU B 100 8.00 23.37 -19.20
N THR B 101 8.12 22.88 -20.44
CA THR B 101 8.21 21.47 -20.69
C THR B 101 9.66 21.05 -20.65
N ARG B 102 10.57 22.04 -20.65
CA ARG B 102 12.00 21.78 -20.61
C ARG B 102 12.51 21.67 -19.19
N THR B 103 11.61 21.80 -18.21
CA THR B 103 12.00 21.76 -16.81
C THR B 103 11.00 20.98 -15.99
N SER B 104 11.50 20.34 -14.95
CA SER B 104 10.66 19.53 -14.09
C SER B 104 11.09 19.62 -12.67
N ASP B 105 10.18 19.28 -11.78
CA ASP B 105 10.51 19.33 -10.37
C ASP B 105 9.40 18.75 -9.54
N CYS B 106 9.65 18.63 -8.25
CA CYS B 106 8.63 18.19 -7.31
C CYS B 106 8.43 19.35 -6.35
N ARG B 107 7.21 19.59 -5.92
CA ARG B 107 7.00 20.76 -5.08
C ARG B 107 5.64 20.81 -4.43
N ILE B 108 5.62 21.16 -3.16
CA ILE B 108 4.37 21.25 -2.44
C ILE B 108 3.86 22.67 -2.32
N PHE B 109 2.61 22.88 -2.67
CA PHE B 109 1.98 24.17 -2.53
C PHE B 109 0.94 24.09 -1.44
N GLN B 110 0.84 25.11 -0.61
CA GLN B 110 -0.13 25.06 0.47
C GLN B 110 -0.91 26.35 0.63
N ASN B 111 -2.20 26.20 0.90
CA ASN B 111 -3.10 27.33 1.13
C ASN B 111 -3.09 28.33 -0.01
N GLN B 112 -3.26 27.86 -1.23
CA GLN B 112 -3.28 28.74 -2.40
C GLN B 112 -4.32 28.29 -3.41
N SER B 113 -4.93 29.24 -4.09
CA SER B 113 -5.86 28.90 -5.15
C SER B 113 -5.07 28.55 -6.38
N VAL B 114 -5.69 27.85 -7.31
CA VAL B 114 -4.96 27.49 -8.53
C VAL B 114 -4.43 28.68 -9.30
N PRO B 115 -5.18 29.76 -9.52
CA PRO B 115 -4.74 30.98 -10.15
C PRO B 115 -3.47 31.47 -9.49
N GLU B 116 -3.45 31.45 -8.16
CA GLU B 116 -2.27 31.88 -7.45
C GLU B 116 -1.09 30.97 -7.69
N ILE B 117 -1.34 29.67 -7.70
CA ILE B 117 -0.28 28.70 -7.91
C ILE B 117 0.37 28.86 -9.26
N ILE B 118 -0.45 29.01 -10.29
CA ILE B 118 0.07 29.17 -11.63
C ILE B 118 0.91 30.41 -11.74
N LYS B 119 0.41 31.51 -11.18
CA LYS B 119 1.16 32.74 -11.21
C LYS B 119 2.48 32.57 -10.49
N GLN B 120 2.47 31.82 -9.39
CA GLN B 120 3.67 31.57 -8.63
C GLN B 120 4.71 30.85 -9.46
N VAL B 121 4.27 29.89 -10.26
CA VAL B 121 5.17 29.19 -11.15
C VAL B 121 5.84 30.12 -12.12
N PHE B 122 5.05 31.00 -12.72
CA PHE B 122 5.61 31.93 -13.68
C PHE B 122 6.62 32.85 -13.03
N ARG B 123 6.31 33.31 -11.82
CA ARG B 123 7.21 34.17 -11.11
C ARG B 123 8.50 33.47 -10.79
N ASN B 124 8.39 32.22 -10.37
CA ASN B 124 9.54 31.44 -10.01
C ASN B 124 10.50 31.30 -11.16
N LEU B 125 9.96 31.17 -12.37
CA LEU B 125 10.79 31.00 -13.53
C LEU B 125 11.04 32.27 -14.35
N GLY B 126 10.76 33.44 -13.79
CA GLY B 126 11.08 34.69 -14.46
C GLY B 126 10.15 35.14 -15.59
N PHE B 127 8.92 34.67 -15.60
CA PHE B 127 8.01 35.09 -16.66
C PHE B 127 7.03 36.13 -16.16
N SER B 128 6.78 37.14 -16.98
CA SER B 128 5.84 38.19 -16.61
C SER B 128 4.81 38.49 -17.68
N ASP B 129 4.99 37.94 -18.87
CA ASP B 129 4.09 38.23 -19.98
C ASP B 129 2.78 37.44 -19.97
N PHE B 130 1.95 37.73 -18.98
CA PHE B 130 0.67 37.09 -18.83
C PHE B 130 -0.32 38.00 -18.14
N GLU B 131 -1.60 37.72 -18.33
CA GLU B 131 -2.67 38.50 -17.74
C GLU B 131 -3.73 37.63 -17.12
N ASP B 132 -4.35 38.15 -16.08
CA ASP B 132 -5.42 37.47 -15.38
C ASP B 132 -6.78 38.03 -15.76
N ALA B 133 -7.53 37.29 -16.57
CA ALA B 133 -8.87 37.75 -16.93
C ALA B 133 -9.91 36.78 -16.40
N LEU B 134 -9.66 36.22 -15.22
CA LEU B 134 -10.60 35.29 -14.62
C LEU B 134 -11.74 36.04 -13.95
N THR B 135 -12.95 35.52 -14.10
CA THR B 135 -14.14 36.15 -13.52
C THR B 135 -14.77 35.33 -12.40
N ARG B 136 -14.47 34.05 -12.36
CA ARG B 136 -15.03 33.14 -11.36
C ARG B 136 -14.11 33.03 -10.15
N PRO B 137 -14.66 32.89 -8.95
CA PRO B 137 -13.95 32.67 -7.70
C PRO B 137 -13.44 31.25 -7.64
N TYR B 138 -12.28 31.06 -7.01
CA TYR B 138 -11.70 29.73 -6.94
C TYR B 138 -11.39 29.27 -5.54
N ARG B 139 -11.40 27.95 -5.39
CA ARG B 139 -11.14 27.29 -4.13
C ARG B 139 -9.70 27.36 -3.72
N GLU B 140 -9.49 27.59 -2.45
CA GLU B 140 -8.15 27.61 -1.91
C GLU B 140 -7.75 26.20 -1.60
N TRP B 141 -6.65 25.75 -2.19
CA TRP B 141 -6.18 24.42 -1.95
C TRP B 141 -5.31 24.37 -0.73
N GLU B 142 -5.66 23.49 0.17
CA GLU B 142 -4.87 23.30 1.36
C GLU B 142 -3.53 22.70 1.00
N TYR B 143 -3.57 21.67 0.18
CA TYR B 143 -2.36 20.96 -0.18
C TYR B 143 -2.43 20.51 -1.64
N CYS B 144 -1.46 20.95 -2.44
CA CYS B 144 -1.39 20.59 -3.86
C CYS B 144 0.03 20.30 -4.26
N VAL B 145 0.26 19.14 -4.86
CA VAL B 145 1.64 18.75 -5.15
C VAL B 145 2.04 18.53 -6.60
N GLN B 146 3.14 19.18 -6.99
CA GLN B 146 3.78 18.95 -8.26
C GLN B 146 4.63 17.73 -8.08
N TYR B 147 4.45 16.72 -8.91
CA TYR B 147 5.24 15.53 -8.65
C TYR B 147 5.59 14.78 -9.91
N ARG B 148 6.89 14.50 -10.06
CA ARG B 148 7.41 13.80 -11.23
C ARG B 148 6.76 14.23 -12.53
N GLU B 149 6.66 15.53 -12.73
CA GLU B 149 6.03 16.08 -13.90
C GLU B 149 6.67 17.38 -14.25
N THR B 150 6.49 17.81 -15.49
CA THR B 150 7.06 19.07 -15.90
C THR B 150 6.23 20.18 -15.39
N SER B 151 6.82 21.35 -15.30
CA SER B 151 6.10 22.50 -14.81
C SER B 151 4.92 22.82 -15.70
N PHE B 152 5.10 22.66 -17.00
CA PHE B 152 4.02 22.86 -17.92
C PHE B 152 2.88 21.92 -17.64
N ASP B 153 3.18 20.63 -17.55
CA ASP B 153 2.16 19.64 -17.31
C ASP B 153 1.41 19.90 -16.04
N PHE B 154 2.14 20.31 -15.01
CA PHE B 154 1.54 20.62 -13.75
C PHE B 154 0.49 21.69 -13.88
N ILE B 155 0.85 22.81 -14.49
CA ILE B 155 -0.14 23.86 -14.59
C ILE B 155 -1.22 23.53 -15.58
N SER B 156 -0.90 22.71 -16.57
CA SER B 156 -1.89 22.31 -17.56
C SER B 156 -2.96 21.50 -16.88
N ARG B 157 -2.52 20.55 -16.07
CA ARG B 157 -3.38 19.68 -15.31
C ARG B 157 -4.29 20.45 -14.37
N LEU B 158 -3.73 21.43 -13.69
CA LEU B 158 -4.52 22.22 -12.78
C LEU B 158 -5.62 22.98 -13.49
N MET B 159 -5.29 23.52 -14.65
CA MET B 159 -6.25 24.28 -15.41
C MET B 159 -7.36 23.41 -15.95
N GLU B 160 -7.02 22.22 -16.41
CA GLU B 160 -8.08 21.35 -16.89
C GLU B 160 -9.04 21.03 -15.76
N GLN B 161 -8.50 20.71 -14.60
CA GLN B 161 -9.31 20.41 -13.43
C GLN B 161 -10.22 21.55 -13.00
N GLU B 162 -9.69 22.75 -12.96
CA GLU B 162 -10.47 23.91 -12.54
C GLU B 162 -11.33 24.53 -13.62
N GLY B 163 -11.26 24.04 -14.85
CA GLY B 163 -12.05 24.66 -15.91
C GLY B 163 -11.45 25.97 -16.38
N ILE B 164 -10.16 26.16 -16.15
CA ILE B 164 -9.48 27.37 -16.59
C ILE B 164 -8.85 27.11 -17.94
N TYR B 165 -8.93 28.07 -18.82
CA TYR B 165 -8.33 27.86 -20.12
C TYR B 165 -7.65 29.12 -20.55
N TYR B 166 -6.91 29.06 -21.64
CA TYR B 166 -6.19 30.24 -22.00
C TYR B 166 -5.95 30.42 -23.47
N TRP B 167 -5.58 31.64 -23.80
CA TRP B 167 -5.30 32.00 -25.16
C TRP B 167 -4.24 33.05 -25.19
N PHE B 168 -3.64 33.28 -26.34
CA PHE B 168 -2.57 34.23 -26.38
C PHE B 168 -2.92 35.48 -27.13
N ARG B 169 -2.40 36.59 -26.63
CA ARG B 169 -2.60 37.88 -27.27
C ARG B 169 -1.26 38.35 -27.79
N HIS B 170 -1.22 38.72 -29.06
CA HIS B 170 0.04 39.08 -29.68
C HIS B 170 0.27 40.57 -29.79
N GLU B 171 1.46 40.98 -29.37
CA GLU B 171 1.90 42.34 -29.53
C GLU B 171 3.15 42.28 -30.35
N GLN B 172 3.41 43.31 -31.14
CA GLN B 172 4.61 43.39 -31.96
C GLN B 172 5.88 42.85 -31.31
N LYS B 173 6.06 43.09 -30.02
CA LYS B 173 7.25 42.65 -29.33
C LYS B 173 7.06 41.58 -28.26
N ARG B 174 5.87 41.01 -28.10
CA ARG B 174 5.74 39.98 -27.08
C ARG B 174 4.51 39.07 -27.21
N HIS B 175 4.58 37.97 -26.47
CA HIS B 175 3.59 36.93 -26.51
C HIS B 175 2.87 36.83 -25.16
N ILE B 176 1.62 37.29 -25.10
CA ILE B 176 0.88 37.34 -23.83
C ILE B 176 -0.02 36.19 -23.53
N LEU B 177 0.17 35.58 -22.38
CA LEU B 177 -0.70 34.50 -21.93
C LEU B 177 -1.86 35.01 -21.13
N VAL B 178 -3.06 34.90 -21.67
CA VAL B 178 -4.23 35.39 -20.97
C VAL B 178 -5.04 34.27 -20.37
N LEU B 179 -5.21 34.29 -19.06
CA LEU B 179 -6.02 33.28 -18.39
C LEU B 179 -7.46 33.70 -18.43
N SER B 180 -8.35 32.76 -18.73
CA SER B 180 -9.76 33.11 -18.81
C SER B 180 -10.68 31.99 -18.40
N ASP B 181 -11.93 32.34 -18.18
CA ASP B 181 -12.92 31.36 -17.80
C ASP B 181 -14.32 31.73 -18.25
N ALA B 182 -14.45 32.87 -18.94
CA ALA B 182 -15.75 33.32 -19.44
C ALA B 182 -15.60 33.98 -20.78
N TYR B 183 -16.65 33.93 -21.59
CA TYR B 183 -16.64 34.50 -22.94
C TYR B 183 -16.32 35.99 -22.92
N GLY B 184 -16.60 36.65 -21.79
CA GLY B 184 -16.35 38.07 -21.61
C GLY B 184 -14.89 38.44 -21.67
N ALA B 185 -14.00 37.45 -21.53
CA ALA B 185 -12.57 37.69 -21.62
C ALA B 185 -12.08 37.60 -23.06
N HIS B 186 -12.98 37.38 -24.01
CA HIS B 186 -12.61 37.25 -25.40
C HIS B 186 -12.98 38.48 -26.18
N ARG B 187 -12.34 38.66 -27.32
CA ARG B 187 -12.54 39.87 -28.11
C ARG B 187 -12.70 39.62 -29.59
N SER B 188 -13.27 40.59 -30.27
CA SER B 188 -13.43 40.56 -31.72
C SER B 188 -12.39 41.50 -32.32
N PRO B 189 -11.59 41.03 -33.28
CA PRO B 189 -10.57 41.78 -34.01
C PRO B 189 -11.20 42.94 -34.76
N GLY B 190 -10.45 44.03 -34.88
CA GLY B 190 -10.93 45.23 -35.55
C GLY B 190 -11.30 44.95 -36.99
N GLY B 191 -12.58 45.14 -37.31
CA GLY B 191 -13.08 44.95 -38.66
C GLY B 191 -13.55 43.51 -38.91
N TYR B 192 -13.36 42.65 -37.92
CA TYR B 192 -13.75 41.26 -38.05
C TYR B 192 -14.80 40.88 -37.03
N ALA B 193 -15.65 41.83 -36.67
CA ALA B 193 -16.73 41.59 -35.74
C ALA B 193 -17.71 40.59 -36.34
N SER B 194 -17.92 40.71 -37.64
CA SER B 194 -18.79 39.82 -38.37
C SER B 194 -18.19 39.54 -39.71
N VAL B 195 -18.09 38.28 -40.05
CA VAL B 195 -17.49 37.89 -41.30
C VAL B 195 -18.50 37.26 -42.22
N PRO B 196 -18.65 37.80 -43.43
CA PRO B 196 -19.57 37.39 -44.46
C PRO B 196 -19.15 36.10 -45.11
N TYR B 197 -20.15 35.39 -45.57
CA TYR B 197 -20.02 34.15 -46.28
C TYR B 197 -20.39 34.29 -47.72
N TYR B 198 -19.53 33.78 -48.59
CA TYR B 198 -19.83 33.76 -50.01
C TYR B 198 -19.60 32.35 -50.51
N PRO B 199 -20.47 31.85 -51.36
CA PRO B 199 -20.38 30.54 -51.95
C PRO B 199 -19.11 30.40 -52.75
N PRO B 200 -18.49 29.23 -52.71
CA PRO B 200 -17.26 28.84 -53.38
C PRO B 200 -17.49 28.75 -54.88
N THR B 201 -18.76 28.67 -55.28
CA THR B 201 -19.16 28.62 -56.66
C THR B 201 -18.96 29.98 -57.35
N LEU B 202 -18.74 31.02 -56.54
CA LEU B 202 -18.47 32.35 -57.05
C LEU B 202 -16.99 32.52 -57.37
N GLY B 203 -16.18 31.49 -57.08
CA GLY B 203 -14.76 31.52 -57.37
C GLY B 203 -13.97 32.19 -56.27
N HIS B 204 -14.14 33.50 -56.14
CA HIS B 204 -13.44 34.23 -55.11
C HIS B 204 -13.98 35.64 -54.89
N ARG B 205 -14.09 36.00 -53.62
CA ARG B 205 -14.49 37.33 -53.21
C ARG B 205 -13.23 38.05 -52.73
N GLU B 206 -13.00 39.27 -53.18
CA GLU B 206 -11.79 39.98 -52.78
C GLU B 206 -11.75 40.30 -51.29
N ARG B 207 -12.91 40.64 -50.72
CA ARG B 207 -13.02 40.93 -49.30
C ARG B 207 -12.82 39.67 -48.48
N ASP B 208 -12.19 39.79 -47.31
CA ASP B 208 -11.96 38.62 -46.48
C ASP B 208 -13.29 37.98 -46.15
N HIS B 209 -13.37 36.67 -46.34
CA HIS B 209 -14.63 35.99 -46.21
C HIS B 209 -14.50 34.50 -46.00
N PHE B 210 -15.62 33.87 -45.71
CA PHE B 210 -15.69 32.43 -45.59
C PHE B 210 -16.29 31.84 -46.84
N PHE B 211 -15.96 30.61 -47.11
CA PHE B 211 -16.49 29.93 -48.27
C PHE B 211 -16.74 28.45 -48.03
N ASP B 212 -16.12 27.85 -47.02
CA ASP B 212 -16.40 26.46 -46.73
C ASP B 212 -17.03 26.38 -45.35
N TRP B 213 -17.95 25.44 -45.19
CA TRP B 213 -18.72 25.32 -43.95
C TRP B 213 -19.23 23.92 -43.63
N GLN B 214 -18.89 23.40 -42.43
CA GLN B 214 -19.43 22.12 -41.96
C GLN B 214 -19.84 22.16 -40.51
N MET B 215 -20.87 21.40 -40.17
CA MET B 215 -21.29 21.29 -38.78
C MET B 215 -21.42 19.86 -38.37
N ALA B 216 -20.77 19.51 -37.28
CA ALA B 216 -20.84 18.13 -36.81
C ALA B 216 -21.48 18.04 -35.46
N ARG B 217 -22.37 17.07 -35.32
CA ARG B 217 -23.00 16.85 -34.04
C ARG B 217 -22.81 15.40 -33.62
N GLU B 218 -22.53 15.18 -32.34
CA GLU B 218 -22.20 13.85 -31.88
C GLU B 218 -22.78 13.50 -30.53
N VAL B 219 -23.18 12.24 -30.38
CA VAL B 219 -23.78 11.79 -29.14
C VAL B 219 -22.80 11.82 -27.99
N GLN B 220 -23.14 12.60 -26.97
CA GLN B 220 -22.31 12.72 -25.77
C GLN B 220 -23.14 12.39 -24.54
N PRO B 221 -22.50 12.09 -23.41
CA PRO B 221 -23.08 11.82 -22.09
C PRO B 221 -23.90 13.00 -21.62
N GLY B 222 -24.97 12.71 -20.90
CA GLY B 222 -25.89 13.75 -20.44
C GLY B 222 -25.73 14.12 -18.98
N SER B 223 -25.18 13.22 -18.17
CA SER B 223 -25.09 13.55 -16.76
C SER B 223 -23.85 13.03 -16.08
N LEU B 224 -23.36 13.78 -15.11
CA LEU B 224 -22.18 13.39 -14.36
C LEU B 224 -22.39 13.50 -12.86
N THR B 225 -22.15 12.39 -12.17
CA THR B 225 -22.25 12.37 -10.73
C THR B 225 -20.88 12.11 -10.12
N LEU B 226 -20.49 12.97 -9.18
CA LEU B 226 -19.21 12.82 -8.50
C LEU B 226 -19.42 12.49 -7.06
N ASN B 227 -18.36 12.05 -6.42
CA ASN B 227 -18.44 11.70 -5.02
C ASN B 227 -17.06 11.80 -4.37
N ASP B 228 -17.03 11.86 -3.05
CA ASP B 228 -15.77 11.92 -2.30
C ASP B 228 -16.07 11.57 -0.85
N TYR B 229 -15.05 11.61 0.00
CA TYR B 229 -15.23 11.29 1.41
C TYR B 229 -14.45 12.18 2.34
N ASP B 230 -15.16 12.87 3.22
CA ASP B 230 -14.56 13.72 4.21
C ASP B 230 -14.58 13.06 5.56
N PHE B 231 -13.44 12.56 6.01
CA PHE B 231 -13.36 11.90 7.31
C PHE B 231 -13.76 12.79 8.47
N GLN B 232 -13.74 14.10 8.29
CA GLN B 232 -14.12 14.99 9.38
C GLN B 232 -15.62 15.10 9.50
N ARG B 233 -16.35 14.61 8.51
CA ARG B 233 -17.80 14.61 8.55
C ARG B 233 -18.38 13.34 7.94
N PRO B 234 -17.75 12.18 8.20
CA PRO B 234 -18.05 10.86 7.59
C PRO B 234 -19.48 10.55 7.12
N GLY B 235 -20.51 11.11 7.74
CA GLY B 235 -21.89 10.80 7.35
C GLY B 235 -22.47 11.81 6.36
N ALA B 236 -21.64 12.73 5.89
CA ALA B 236 -22.07 13.76 4.96
C ALA B 236 -22.36 13.18 3.60
N ARG B 237 -23.22 13.85 2.85
CA ARG B 237 -23.58 13.43 1.52
C ARG B 237 -22.92 14.31 0.50
N LEU B 238 -21.67 13.98 0.17
CA LEU B 238 -20.91 14.76 -0.79
C LEU B 238 -21.23 14.44 -2.22
N GLU B 239 -22.13 13.50 -2.47
CA GLU B 239 -22.52 13.18 -3.81
C GLU B 239 -23.11 14.39 -4.51
N VAL B 240 -22.61 14.71 -5.69
CA VAL B 240 -23.11 15.85 -6.47
C VAL B 240 -23.42 15.43 -7.88
N ARG B 241 -24.26 16.19 -8.56
CA ARG B 241 -24.61 15.84 -9.92
C ARG B 241 -24.86 17.04 -10.80
N SER B 242 -24.36 16.97 -12.02
CA SER B 242 -24.55 18.04 -12.99
C SER B 242 -25.19 17.48 -14.25
N ASN B 243 -26.15 18.20 -14.79
CA ASN B 243 -26.88 17.70 -15.93
C ASN B 243 -26.97 18.70 -17.07
N ILE B 244 -26.76 18.23 -18.30
CA ILE B 244 -26.92 19.08 -19.49
C ILE B 244 -27.78 18.34 -20.49
N ALA B 245 -28.85 18.98 -20.93
CA ALA B 245 -29.77 18.32 -21.83
C ALA B 245 -29.65 18.77 -23.28
N ARG B 246 -29.79 17.81 -24.18
CA ARG B 246 -29.80 18.04 -25.61
C ARG B 246 -31.13 17.56 -26.17
N PRO B 247 -31.62 18.17 -27.25
CA PRO B 247 -32.90 17.93 -27.89
C PRO B 247 -32.99 16.62 -28.65
N HIS B 248 -31.85 16.01 -28.95
CA HIS B 248 -31.88 14.78 -29.72
C HIS B 248 -32.11 13.55 -28.88
N ALA B 249 -32.29 12.44 -29.58
CA ALA B 249 -32.57 11.14 -28.99
C ALA B 249 -31.39 10.59 -28.22
N ALA B 250 -31.70 9.75 -27.23
CA ALA B 250 -30.69 9.06 -26.41
C ALA B 250 -29.76 9.99 -25.63
N ALA B 251 -30.13 11.25 -25.43
CA ALA B 251 -29.27 12.18 -24.71
C ALA B 251 -29.48 12.07 -23.20
N ASP B 252 -29.18 10.91 -22.64
CA ASP B 252 -29.39 10.71 -21.21
C ASP B 252 -28.48 9.68 -20.57
N TYR B 253 -27.24 9.58 -21.03
CA TYR B 253 -26.35 8.62 -20.41
C TYR B 253 -25.54 9.23 -19.28
N PRO B 254 -25.54 8.60 -18.10
CA PRO B 254 -24.89 8.98 -16.87
C PRO B 254 -23.46 8.55 -16.76
N LEU B 255 -22.68 9.38 -16.11
CA LEU B 255 -21.31 9.09 -15.80
C LEU B 255 -21.14 9.15 -14.30
N TYR B 256 -20.20 8.39 -13.78
CA TYR B 256 -19.97 8.43 -12.34
C TYR B 256 -18.52 8.31 -12.04
N ASP B 257 -18.03 9.16 -11.15
CA ASP B 257 -16.62 9.14 -10.83
C ASP B 257 -16.39 9.26 -9.33
N TYR B 258 -15.18 8.89 -8.92
CA TYR B 258 -14.77 8.86 -7.53
C TYR B 258 -13.29 8.63 -7.42
N PRO B 259 -12.58 9.44 -6.66
CA PRO B 259 -12.97 10.64 -5.93
C PRO B 259 -12.97 11.86 -6.82
N GLY B 260 -13.83 12.82 -6.52
CA GLY B 260 -13.88 14.04 -7.29
C GLY B 260 -12.92 15.13 -6.77
N GLU B 261 -12.18 14.85 -5.71
CA GLU B 261 -11.22 15.77 -5.11
C GLU B 261 -11.84 17.06 -4.56
N TYR B 262 -12.83 16.91 -3.71
CA TYR B 262 -13.46 18.07 -3.08
C TYR B 262 -14.04 17.71 -1.73
N VAL B 263 -14.24 18.70 -0.89
CA VAL B 263 -14.83 18.44 0.42
C VAL B 263 -16.13 19.20 0.63
N GLN B 264 -16.39 20.21 -0.17
CA GLN B 264 -17.66 20.89 -0.04
C GLN B 264 -18.54 20.50 -1.19
N SER B 265 -19.83 20.40 -0.95
CA SER B 265 -20.74 20.04 -2.01
C SER B 265 -20.79 21.13 -3.06
N GLN B 266 -20.55 22.37 -2.65
CA GLN B 266 -20.52 23.49 -3.56
C GLN B 266 -19.36 23.37 -4.52
N ASP B 267 -18.24 22.91 -4.00
CA ASP B 267 -17.06 22.75 -4.79
C ASP B 267 -17.22 21.60 -5.74
N GLY B 268 -17.86 20.55 -5.25
CA GLY B 268 -18.15 19.38 -6.05
C GLY B 268 -19.00 19.77 -7.22
N GLU B 269 -20.01 20.61 -6.97
CA GLU B 269 -20.86 21.10 -8.03
C GLU B 269 -20.06 21.74 -9.13
N GLN B 270 -19.16 22.65 -8.75
CA GLN B 270 -18.31 23.30 -9.72
C GLN B 270 -17.50 22.31 -10.54
N TYR B 271 -16.86 21.35 -9.87
CA TYR B 271 -16.03 20.41 -10.59
C TYR B 271 -16.82 19.52 -11.53
N ALA B 272 -18.01 19.09 -11.10
CA ALA B 272 -18.86 18.27 -11.94
C ALA B 272 -19.27 19.03 -13.15
N ARG B 273 -19.67 20.28 -12.92
CA ARG B 273 -20.09 21.16 -13.96
C ARG B 273 -19.00 21.36 -14.99
N ASN B 274 -17.79 21.62 -14.53
CA ASN B 274 -16.70 21.82 -15.46
C ASN B 274 -16.48 20.62 -16.34
N ARG B 275 -16.47 19.44 -15.75
CA ARG B 275 -16.24 18.24 -16.50
C ARG B 275 -17.30 17.98 -17.54
N ILE B 276 -18.57 18.06 -17.15
CA ILE B 276 -19.61 17.78 -18.10
C ILE B 276 -19.71 18.82 -19.18
N GLU B 277 -19.35 20.07 -18.87
CA GLU B 277 -19.36 21.09 -19.90
C GLU B 277 -18.25 20.87 -20.88
N ALA B 278 -17.11 20.35 -20.42
CA ALA B 278 -16.02 20.04 -21.34
C ALA B 278 -16.47 18.98 -22.32
N ILE B 279 -17.18 17.98 -21.82
CA ILE B 279 -17.70 16.93 -22.68
C ILE B 279 -18.70 17.49 -23.66
N GLN B 280 -19.64 18.27 -23.15
CA GLN B 280 -20.67 18.88 -23.97
C GLN B 280 -20.15 19.90 -24.95
N ALA B 281 -18.98 20.49 -24.67
CA ALA B 281 -18.35 21.40 -25.61
C ALA B 281 -18.02 20.71 -26.93
N GLN B 282 -17.98 19.37 -26.94
CA GLN B 282 -17.68 18.63 -28.13
C GLN B 282 -18.93 18.16 -28.86
N HIS B 283 -20.10 18.46 -28.31
CA HIS B 283 -21.33 18.06 -28.96
C HIS B 283 -21.48 18.66 -30.33
N GLU B 284 -21.18 19.94 -30.46
CA GLU B 284 -21.33 20.63 -31.73
C GLU B 284 -20.08 21.41 -32.11
N ARG B 285 -19.54 21.09 -33.29
CA ARG B 285 -18.36 21.78 -33.77
C ARG B 285 -18.57 22.30 -35.19
N VAL B 286 -18.01 23.47 -35.48
CA VAL B 286 -18.17 24.05 -36.81
C VAL B 286 -16.84 24.29 -37.49
N ARG B 287 -16.74 23.83 -38.73
CA ARG B 287 -15.55 23.98 -39.55
C ARG B 287 -15.72 25.03 -40.62
N LEU B 288 -14.87 26.06 -40.59
CA LEU B 288 -14.96 27.12 -41.59
C LEU B 288 -13.68 27.34 -42.36
N ARG B 289 -13.78 27.60 -43.65
CA ARG B 289 -12.59 27.98 -44.38
C ARG B 289 -12.80 29.31 -45.01
N GLY B 290 -11.76 30.11 -44.99
CA GLY B 290 -11.81 31.44 -45.55
C GLY B 290 -10.42 32.01 -45.68
N VAL B 291 -10.37 33.28 -45.99
CA VAL B 291 -9.11 33.98 -46.12
C VAL B 291 -9.00 35.05 -45.06
N VAL B 292 -9.72 34.85 -43.97
CA VAL B 292 -9.77 35.81 -42.89
C VAL B 292 -8.46 35.93 -42.18
N ARG B 293 -7.87 37.10 -42.26
CA ARG B 293 -6.56 37.35 -41.70
C ARG B 293 -6.52 37.84 -40.27
N GLY B 294 -7.58 38.48 -39.80
CA GLY B 294 -7.54 39.05 -38.45
C GLY B 294 -8.04 38.16 -37.32
N ILE B 295 -8.72 37.09 -37.65
CA ILE B 295 -9.26 36.23 -36.61
C ILE B 295 -8.42 35.00 -36.33
N GLY B 296 -8.15 34.77 -35.04
CA GLY B 296 -7.41 33.63 -34.58
C GLY B 296 -8.07 32.97 -33.37
N ALA B 297 -7.38 32.01 -32.77
CA ALA B 297 -7.93 31.30 -31.63
C ALA B 297 -8.23 32.26 -30.50
N GLY B 298 -9.40 32.08 -29.92
CA GLY B 298 -9.84 32.91 -28.80
C GLY B 298 -10.63 34.12 -29.24
N HIS B 299 -10.74 34.35 -30.53
CA HIS B 299 -11.49 35.50 -30.98
C HIS B 299 -12.96 35.21 -31.19
N LEU B 300 -13.75 36.27 -31.10
CA LEU B 300 -15.19 36.15 -31.31
C LEU B 300 -15.62 36.77 -32.61
N PHE B 301 -16.52 36.12 -33.33
CA PHE B 301 -17.03 36.73 -34.55
C PHE B 301 -18.41 36.22 -34.87
N ARG B 302 -19.13 36.97 -35.69
CA ARG B 302 -20.45 36.53 -36.09
C ARG B 302 -20.47 36.15 -37.55
N LEU B 303 -21.03 34.99 -37.85
CA LEU B 303 -21.12 34.56 -39.23
C LEU B 303 -22.27 35.25 -39.92
N SER B 304 -22.01 35.81 -41.10
CA SER B 304 -23.04 36.52 -41.83
C SER B 304 -23.23 36.01 -43.25
N GLY B 305 -24.48 35.95 -43.69
CA GLY B 305 -24.80 35.57 -45.06
C GLY B 305 -24.84 34.07 -45.36
N TYR B 306 -24.75 33.22 -44.35
CA TYR B 306 -24.83 31.80 -44.65
C TYR B 306 -26.31 31.51 -44.93
N PRO B 307 -26.65 30.77 -45.99
CA PRO B 307 -27.99 30.41 -46.42
C PRO B 307 -28.89 29.92 -45.29
N ARG B 308 -28.39 29.05 -44.43
CA ARG B 308 -29.18 28.60 -43.29
C ARG B 308 -29.15 29.66 -42.22
N ASP B 309 -30.31 30.23 -41.95
CA ASP B 309 -30.47 31.31 -40.97
C ASP B 309 -29.86 30.98 -39.63
N ASP B 310 -30.03 29.74 -39.21
CA ASP B 310 -29.57 29.27 -37.91
C ASP B 310 -28.06 29.29 -37.72
N GLN B 311 -27.31 29.41 -38.81
CA GLN B 311 -25.88 29.42 -38.68
C GLN B 311 -25.33 30.82 -38.59
N ASN B 312 -26.18 31.82 -38.75
CA ASN B 312 -25.71 33.19 -38.69
C ASN B 312 -25.76 33.63 -37.23
N ARG B 313 -24.73 33.21 -36.51
CA ARG B 313 -24.61 33.39 -35.08
C ARG B 313 -23.18 33.66 -34.65
N GLU B 314 -23.02 34.01 -33.39
CA GLU B 314 -21.70 34.31 -32.85
C GLU B 314 -20.95 33.05 -32.51
N TYR B 315 -19.66 33.06 -32.83
CA TYR B 315 -18.79 31.93 -32.61
C TYR B 315 -17.51 32.25 -31.86
N LEU B 316 -17.03 31.25 -31.16
CA LEU B 316 -15.76 31.29 -30.45
C LEU B 316 -14.75 30.46 -31.18
N VAL B 317 -13.62 31.05 -31.54
CA VAL B 317 -12.66 30.26 -32.25
C VAL B 317 -11.88 29.36 -31.34
N VAL B 318 -12.28 28.10 -31.34
CA VAL B 318 -11.61 27.10 -30.54
C VAL B 318 -10.23 26.80 -31.07
N GLY B 319 -10.10 26.73 -32.39
CA GLY B 319 -8.78 26.46 -32.95
C GLY B 319 -8.67 26.94 -34.39
N ALA B 320 -7.47 26.86 -34.95
CA ALA B 320 -7.29 27.32 -36.30
C ALA B 320 -6.07 26.76 -37.00
N GLU B 321 -6.15 26.65 -38.32
CA GLU B 321 -5.01 26.23 -39.13
C GLU B 321 -4.70 27.28 -40.16
N TYR B 322 -3.42 27.51 -40.41
CA TYR B 322 -3.03 28.56 -41.33
C TYR B 322 -2.12 28.11 -42.43
N ARG B 323 -2.27 28.73 -43.59
CA ARG B 323 -1.41 28.47 -44.71
C ARG B 323 -0.99 29.78 -45.35
N VAL B 324 0.31 30.01 -45.41
CA VAL B 324 0.87 31.21 -45.98
C VAL B 324 1.84 30.87 -47.07
N VAL B 325 1.65 31.42 -48.26
CA VAL B 325 2.59 31.14 -49.33
C VAL B 325 3.10 32.40 -49.99
N GLN B 326 4.39 32.60 -49.95
CA GLN B 326 4.98 33.79 -50.57
C GLN B 326 5.71 33.41 -51.84
N GLU B 327 6.15 34.41 -52.60
CA GLU B 327 6.85 34.14 -53.85
C GLU B 327 7.87 35.22 -54.17
N LEU B 328 9.01 34.79 -54.70
CA LEU B 328 10.08 35.69 -55.08
C LEU B 328 10.79 35.19 -56.33
N SER B 338 1.35 36.17 -53.03
CA SER B 338 1.08 36.03 -51.61
C SER B 338 -0.28 35.40 -51.36
N GLN B 339 -0.29 34.14 -50.98
CA GLN B 339 -1.53 33.45 -50.69
C GLN B 339 -1.74 33.31 -49.21
N PHE B 340 -2.99 33.24 -48.82
CA PHE B 340 -3.33 33.08 -47.43
C PHE B 340 -4.60 32.30 -47.24
N GLU B 341 -4.56 31.30 -46.37
CA GLU B 341 -5.74 30.51 -46.09
C GLU B 341 -5.84 30.20 -44.63
N SER B 342 -7.07 30.22 -44.13
CA SER B 342 -7.32 29.94 -42.73
C SER B 342 -8.52 29.04 -42.52
N GLU B 343 -8.31 27.99 -41.74
CA GLU B 343 -9.40 27.07 -41.39
C GLU B 343 -9.71 27.21 -39.91
N LEU B 344 -10.97 27.40 -39.57
CA LEU B 344 -11.30 27.60 -38.17
C LEU B 344 -12.16 26.53 -37.58
N ASP B 345 -11.91 26.25 -36.30
CA ASP B 345 -12.75 25.39 -35.50
C ASP B 345 -13.51 26.26 -34.54
N CYS B 346 -14.82 26.24 -34.63
CA CYS B 346 -15.59 27.12 -33.79
C CYS B 346 -16.75 26.48 -33.11
N ILE B 347 -17.19 27.11 -32.03
CA ILE B 347 -18.38 26.67 -31.34
C ILE B 347 -19.32 27.81 -31.13
N ASP B 348 -20.56 27.49 -30.86
CA ASP B 348 -21.55 28.49 -30.58
C ASP B 348 -21.16 29.22 -29.34
N ALA B 349 -20.96 30.54 -29.44
CA ALA B 349 -20.50 31.37 -28.34
C ALA B 349 -21.36 31.29 -27.08
N SER B 350 -22.60 30.81 -27.18
CA SER B 350 -23.44 30.68 -25.99
C SER B 350 -23.07 29.47 -25.15
N GLN B 351 -22.19 28.61 -25.67
CA GLN B 351 -21.78 27.42 -24.95
C GLN B 351 -20.64 27.75 -24.03
N SER B 352 -20.57 27.01 -22.94
CA SER B 352 -19.54 27.24 -21.96
C SER B 352 -18.31 26.41 -22.28
N PHE B 353 -17.32 27.05 -22.88
CA PHE B 353 -16.11 26.34 -23.24
C PHE B 353 -15.29 25.89 -22.05
N ARG B 354 -14.89 24.62 -22.09
CA ARG B 354 -14.03 24.03 -21.09
C ARG B 354 -13.04 23.10 -21.73
N LEU B 355 -11.91 22.90 -21.08
CA LEU B 355 -10.90 22.00 -21.61
C LEU B 355 -11.19 20.57 -21.24
N LEU B 356 -10.75 19.66 -22.10
CA LEU B 356 -10.95 18.26 -21.83
C LEU B 356 -9.69 17.67 -21.23
N PRO B 357 -9.84 16.87 -20.17
CA PRO B 357 -8.77 16.16 -19.47
C PRO B 357 -7.87 15.37 -20.40
N GLN B 358 -6.95 16.06 -21.08
CA GLN B 358 -6.01 15.39 -21.96
C GLN B 358 -4.61 15.37 -21.40
N THR B 359 -4.37 16.13 -20.33
CA THR B 359 -3.04 16.13 -19.75
C THR B 359 -2.91 14.95 -18.81
N PRO B 360 -1.89 14.11 -18.98
CA PRO B 360 -1.57 12.95 -18.17
C PRO B 360 -1.46 13.33 -16.71
N VAL B 361 -2.24 12.66 -15.88
CA VAL B 361 -2.23 12.91 -14.46
C VAL B 361 -1.19 12.02 -13.81
N PRO B 362 -0.27 12.59 -13.03
CA PRO B 362 0.79 11.92 -12.34
C PRO B 362 0.18 11.11 -11.25
N VAL B 363 0.81 10.01 -10.96
CA VAL B 363 0.29 9.14 -9.95
C VAL B 363 1.43 8.48 -9.24
N VAL B 364 1.30 8.37 -7.94
CA VAL B 364 2.33 7.76 -7.15
C VAL B 364 2.17 6.28 -7.35
N ARG B 365 3.25 5.59 -7.66
CA ARG B 365 3.11 4.20 -8.06
C ARG B 365 3.15 3.21 -6.90
N GLY B 366 3.48 3.70 -5.72
CA GLY B 366 3.56 2.86 -4.54
C GLY B 366 3.93 3.74 -3.36
N PRO B 367 4.18 3.17 -2.22
CA PRO B 367 4.52 3.84 -0.99
C PRO B 367 5.88 4.51 -1.03
N GLN B 368 6.02 5.51 -0.17
CA GLN B 368 7.26 6.25 -0.02
C GLN B 368 7.61 6.35 1.44
N THR B 369 8.83 6.74 1.75
CA THR B 369 9.13 6.92 3.17
C THR B 369 9.25 8.39 3.46
N ALA B 370 9.08 8.75 4.72
CA ALA B 370 9.13 10.14 5.11
C ALA B 370 9.50 10.28 6.56
N VAL B 371 9.88 11.48 6.96
CA VAL B 371 10.25 11.74 8.33
C VAL B 371 9.26 12.64 9.02
N VAL B 372 8.85 12.27 10.23
CA VAL B 372 7.91 13.10 10.96
C VAL B 372 8.58 14.34 11.47
N VAL B 373 7.97 15.49 11.23
CA VAL B 373 8.54 16.76 11.64
C VAL B 373 7.59 17.63 12.42
N GLY B 374 8.14 18.65 13.05
CA GLY B 374 7.37 19.58 13.85
C GLY B 374 8.29 20.69 14.35
N PRO B 375 7.78 21.56 15.21
CA PRO B 375 8.42 22.70 15.83
C PRO B 375 9.68 22.30 16.56
N LYS B 376 10.64 23.19 16.57
CA LYS B 376 11.96 22.95 17.16
C LYS B 376 11.96 22.56 18.62
N GLY B 377 11.01 23.08 19.39
CA GLY B 377 10.97 22.76 20.81
C GLY B 377 10.05 21.60 21.17
N GLU B 378 9.56 20.87 20.17
CA GLU B 378 8.65 19.77 20.45
C GLU B 378 9.23 18.40 20.17
N GLU B 379 8.61 17.39 20.77
CA GLU B 379 8.93 15.99 20.54
C GLU B 379 7.76 15.30 19.87
N ILE B 380 6.56 15.74 20.24
CA ILE B 380 5.34 15.22 19.67
C ILE B 380 4.54 16.37 19.11
N TRP B 381 4.02 16.21 17.91
CA TRP B 381 3.25 17.27 17.30
C TRP B 381 2.03 16.74 16.57
N THR B 382 0.85 16.91 17.17
CA THR B 382 -0.36 16.40 16.56
C THR B 382 -1.58 17.32 16.74
N ASP B 383 -2.78 16.76 16.55
CA ASP B 383 -4.03 17.49 16.71
C ASP B 383 -5.09 16.55 17.26
N GLN B 384 -6.35 16.98 17.26
CA GLN B 384 -7.42 16.15 17.82
C GLN B 384 -7.74 14.89 17.05
N TYR B 385 -7.19 14.72 15.86
CA TYR B 385 -7.45 13.51 15.10
C TYR B 385 -6.24 12.62 15.07
N GLY B 386 -5.19 13.03 15.76
CA GLY B 386 -3.98 12.22 15.77
C GLY B 386 -3.18 12.37 14.50
N ARG B 387 -3.37 13.47 13.77
CA ARG B 387 -2.65 13.63 12.53
C ARG B 387 -1.26 14.19 12.77
N VAL B 388 -0.36 14.01 11.81
CA VAL B 388 1.01 14.50 11.96
C VAL B 388 1.51 15.21 10.71
N LYS B 389 2.64 15.88 10.85
CA LYS B 389 3.29 16.53 9.71
C LYS B 389 4.53 15.74 9.32
N VAL B 390 4.80 15.65 8.02
CA VAL B 390 6.00 14.92 7.58
C VAL B 390 6.78 15.70 6.56
N HIS B 391 8.01 15.25 6.36
CA HIS B 391 8.91 15.76 5.37
C HIS B 391 9.28 14.66 4.39
N PHE B 392 8.84 14.80 3.14
CA PHE B 392 9.14 13.83 2.10
C PHE B 392 10.56 14.00 1.64
N HIS B 393 11.22 12.91 1.31
CA HIS B 393 12.63 12.99 0.93
C HIS B 393 12.84 13.83 -0.31
N TRP B 394 11.90 13.77 -1.25
CA TRP B 394 12.03 14.56 -2.45
C TRP B 394 11.72 16.04 -2.31
N ASP B 395 11.20 16.49 -1.17
CA ASP B 395 10.88 17.91 -1.09
C ASP B 395 12.05 18.74 -0.64
N ARG B 396 12.95 18.97 -1.57
CA ARG B 396 14.16 19.73 -1.37
C ARG B 396 13.98 21.23 -1.15
N HIS B 397 12.76 21.72 -1.05
CA HIS B 397 12.55 23.14 -0.92
C HIS B 397 12.01 23.56 0.44
N ASP B 398 11.65 22.60 1.29
CA ASP B 398 11.11 23.01 2.59
C ASP B 398 12.21 23.06 3.63
N GLN B 399 11.82 23.34 4.88
CA GLN B 399 12.78 23.46 5.97
C GLN B 399 12.67 22.37 7.03
N SER B 400 12.10 21.22 6.66
CA SER B 400 11.91 20.09 7.61
C SER B 400 11.22 20.50 8.91
N ASN B 401 10.26 21.40 8.83
CA ASN B 401 9.58 21.85 10.04
C ASN B 401 8.08 21.67 9.91
N GLU B 402 7.32 22.26 10.83
CA GLU B 402 5.88 22.09 10.85
C GLU B 402 5.12 22.60 9.63
N ASN B 403 5.78 23.31 8.72
CA ASN B 403 5.14 23.79 7.52
C ASN B 403 5.50 22.96 6.29
N SER B 404 6.20 21.84 6.49
CA SER B 404 6.64 21.00 5.37
C SER B 404 5.51 20.28 4.64
N SER B 405 4.39 20.08 5.31
CA SER B 405 3.27 19.39 4.69
C SER B 405 1.99 19.65 5.46
N CYS B 406 0.89 19.09 4.98
CA CYS B 406 -0.40 19.23 5.65
C CYS B 406 -0.54 18.13 6.67
N TRP B 407 -1.63 18.17 7.41
CA TRP B 407 -1.85 17.13 8.39
C TRP B 407 -2.18 15.82 7.73
N ILE B 408 -1.60 14.74 8.24
CA ILE B 408 -1.80 13.42 7.69
C ILE B 408 -2.33 12.43 8.68
N ARG B 409 -3.42 11.72 8.35
CA ARG B 409 -3.93 10.72 9.28
C ARG B 409 -2.99 9.56 9.36
N VAL B 410 -2.91 8.99 10.53
CA VAL B 410 -1.98 7.93 10.78
C VAL B 410 -2.68 6.63 11.12
N SER B 411 -2.33 5.56 10.42
CA SER B 411 -2.97 4.29 10.72
C SER B 411 -2.52 3.74 12.06
N GLN B 412 -3.41 2.99 12.66
CA GLN B 412 -3.23 2.42 13.97
C GLN B 412 -3.50 0.94 13.95
N ALA B 413 -3.07 0.26 15.01
CA ALA B 413 -3.27 -1.17 15.13
C ALA B 413 -4.75 -1.51 15.19
N TRP B 414 -5.52 -0.71 15.93
CA TRP B 414 -6.95 -0.96 16.03
C TRP B 414 -7.68 0.35 16.31
N ALA B 415 -8.66 0.70 15.49
CA ALA B 415 -9.36 1.96 15.73
C ALA B 415 -10.85 1.79 15.88
N GLY B 416 -11.40 2.27 16.99
CA GLY B 416 -12.84 2.20 17.23
C GLY B 416 -13.41 3.54 17.68
N LYS B 417 -14.64 3.52 18.18
CA LYS B 417 -15.29 4.77 18.58
C LYS B 417 -14.91 5.21 19.97
N ASN B 418 -13.82 5.96 20.04
CA ASN B 418 -13.24 6.48 21.27
C ASN B 418 -12.53 5.40 22.05
N TRP B 419 -12.09 4.37 21.35
CA TRP B 419 -11.35 3.27 21.95
C TRP B 419 -10.51 2.62 20.91
N GLY B 420 -9.58 1.78 21.32
CA GLY B 420 -8.70 1.12 20.40
C GLY B 420 -7.26 1.36 20.77
N SER B 421 -6.38 1.29 19.80
CA SER B 421 -4.98 1.49 20.05
C SER B 421 -4.57 2.92 19.86
N MET B 422 -3.45 3.27 20.45
CA MET B 422 -2.88 4.59 20.29
C MET B 422 -1.38 4.60 20.31
N GLN B 423 -0.77 4.84 19.16
CA GLN B 423 0.68 4.97 19.09
C GLN B 423 1.03 6.08 18.12
N ILE B 424 1.27 7.26 18.68
CA ILE B 424 1.55 8.44 17.90
C ILE B 424 3.02 8.58 17.54
N PRO B 425 3.34 8.76 16.24
CA PRO B 425 4.65 9.00 15.69
C PRO B 425 5.24 10.25 16.28
N ARG B 426 6.54 10.25 16.48
CA ARG B 426 7.20 11.39 17.07
C ARG B 426 8.16 12.00 16.10
N ILE B 427 8.63 13.18 16.42
CA ILE B 427 9.49 13.88 15.51
C ILE B 427 10.81 13.20 15.33
N GLY B 428 11.17 13.02 14.07
CA GLY B 428 12.40 12.37 13.68
C GLY B 428 12.21 10.92 13.31
N GLN B 429 11.01 10.38 13.54
CA GLN B 429 10.78 8.99 13.22
C GLN B 429 10.45 8.78 11.75
N GLU B 430 10.83 7.63 11.21
CA GLU B 430 10.57 7.33 9.81
C GLU B 430 9.32 6.51 9.63
N VAL B 431 8.47 6.94 8.70
CA VAL B 431 7.21 6.28 8.44
C VAL B 431 7.00 5.97 6.98
N ILE B 432 6.05 5.08 6.73
CA ILE B 432 5.68 4.72 5.37
C ILE B 432 4.43 5.46 4.97
N VAL B 433 4.50 6.20 3.89
CA VAL B 433 3.36 6.96 3.43
C VAL B 433 2.76 6.38 2.17
N SER B 434 1.46 6.16 2.21
CA SER B 434 0.72 5.66 1.06
C SER B 434 -0.16 6.77 0.57
N PHE B 435 -0.57 6.68 -0.68
CA PHE B 435 -1.43 7.72 -1.21
C PHE B 435 -2.74 7.13 -1.64
N LEU B 436 -3.84 7.76 -1.27
CA LEU B 436 -5.12 7.19 -1.62
C LEU B 436 -5.27 7.32 -3.11
N GLU B 437 -5.59 6.20 -3.74
CA GLU B 437 -5.62 6.13 -5.20
C GLU B 437 -4.40 6.71 -5.90
N GLY B 438 -3.24 6.69 -5.26
CA GLY B 438 -2.03 7.17 -5.89
C GLY B 438 -1.98 8.68 -6.06
N ASP B 439 -2.95 9.38 -5.48
CA ASP B 439 -3.02 10.81 -5.62
C ASP B 439 -2.08 11.49 -4.64
N PRO B 440 -1.03 12.16 -5.09
CA PRO B 440 -0.03 12.90 -4.32
C PRO B 440 -0.66 13.84 -3.28
N ASP B 441 -1.89 14.28 -3.53
CA ASP B 441 -2.56 15.19 -2.63
C ASP B 441 -3.34 14.47 -1.53
N ARG B 442 -3.25 13.14 -1.47
CA ARG B 442 -3.94 12.36 -0.45
C ARG B 442 -3.04 11.32 0.24
N PRO B 443 -2.03 11.75 0.99
CA PRO B 443 -1.10 10.94 1.76
C PRO B 443 -1.74 10.39 3.02
N ILE B 444 -1.28 9.23 3.46
CA ILE B 444 -1.74 8.62 4.69
C ILE B 444 -0.68 7.68 5.24
N ILE B 445 -0.41 7.72 6.53
CA ILE B 445 0.66 6.87 7.03
C ILE B 445 0.21 5.46 7.31
N THR B 446 0.89 4.51 6.67
CA THR B 446 0.53 3.11 6.75
C THR B 446 1.62 2.22 7.28
N GLY B 447 2.58 2.77 8.01
CA GLY B 447 3.63 1.92 8.57
C GLY B 447 4.70 2.71 9.28
N ARG B 448 5.56 2.01 9.99
CA ARG B 448 6.63 2.66 10.74
C ARG B 448 7.87 1.83 10.63
N VAL B 449 8.99 2.46 10.31
CA VAL B 449 10.17 1.67 10.03
C VAL B 449 11.44 2.14 10.73
N TYR B 450 12.21 1.17 11.22
CA TYR B 450 13.48 1.44 11.87
C TYR B 450 14.59 1.64 10.83
N ASN B 451 15.59 2.44 11.16
CA ASN B 451 16.69 2.70 10.23
C ASN B 451 17.99 2.81 11.02
N ALA B 452 19.08 3.20 10.39
CA ALA B 452 20.37 3.26 11.10
C ALA B 452 20.41 4.25 12.27
N GLU B 453 19.47 5.18 12.34
CA GLU B 453 19.43 6.11 13.45
C GLU B 453 18.34 5.67 14.40
N GLN B 454 17.19 5.35 13.84
CA GLN B 454 16.08 4.84 14.61
C GLN B 454 16.32 3.36 14.77
N THR B 455 17.16 2.95 15.70
CA THR B 455 17.53 1.54 15.79
C THR B 455 16.50 0.71 16.51
N VAL B 456 16.56 -0.61 16.31
CA VAL B 456 15.62 -1.51 16.94
C VAL B 456 15.86 -1.62 18.44
N PRO B 457 14.80 -1.84 19.24
CA PRO B 457 14.76 -1.96 20.68
C PRO B 457 15.73 -2.96 21.27
N TYR B 458 15.98 -4.06 20.56
CA TYR B 458 16.85 -5.07 21.12
C TYR B 458 17.91 -5.42 20.11
N GLU B 459 19.11 -5.72 20.57
CA GLU B 459 20.19 -6.07 19.65
C GLU B 459 19.86 -7.29 18.84
N LEU B 460 19.96 -7.17 17.52
CA LEU B 460 19.68 -8.27 16.63
C LEU B 460 20.92 -8.74 15.93
N PRO B 461 20.94 -10.01 15.56
CA PRO B 461 19.95 -11.07 15.72
C PRO B 461 20.03 -11.77 17.07
N ALA B 462 20.90 -11.31 17.95
CA ALA B 462 21.10 -11.90 19.26
C ALA B 462 19.81 -12.03 20.05
N ASN B 463 18.98 -11.01 19.99
CA ASN B 463 17.72 -11.02 20.71
C ASN B 463 16.55 -11.17 19.79
N ALA B 464 16.72 -11.87 18.68
CA ALA B 464 15.65 -12.07 17.71
C ALA B 464 14.43 -12.81 18.29
N THR B 465 14.62 -13.49 19.42
CA THR B 465 13.55 -14.19 20.09
C THR B 465 12.76 -13.29 21.05
N GLN B 466 13.15 -12.02 21.15
CA GLN B 466 12.43 -11.10 21.99
C GLN B 466 11.49 -10.25 21.19
N SER B 467 10.36 -9.93 21.78
CA SER B 467 9.37 -9.09 21.14
C SER B 467 8.64 -8.28 22.17
N GLY B 468 7.97 -7.24 21.74
CA GLY B 468 7.22 -6.46 22.71
C GLY B 468 7.21 -4.99 22.43
N MET B 469 6.97 -4.22 23.48
CA MET B 469 6.87 -2.78 23.37
C MET B 469 7.69 -2.06 24.42
N LYS B 470 8.61 -1.22 23.97
CA LYS B 470 9.43 -0.42 24.85
C LYS B 470 9.17 1.02 24.56
N SER B 471 8.76 1.77 25.55
CA SER B 471 8.42 3.15 25.32
C SER B 471 9.59 4.07 25.62
N ARG B 472 9.30 5.36 25.78
CA ARG B 472 10.36 6.31 26.04
C ARG B 472 9.81 7.61 26.62
N SER B 473 10.35 7.99 27.77
CA SER B 473 9.93 9.20 28.46
C SER B 473 10.16 10.45 27.64
N SER B 474 9.25 11.40 27.74
CA SER B 474 9.33 12.64 26.99
C SER B 474 8.70 13.79 27.78
N LYS B 475 9.28 14.99 27.74
CA LYS B 475 10.47 15.36 26.97
C LYS B 475 11.76 15.14 27.74
N GLY B 476 12.84 14.92 26.99
CA GLY B 476 14.17 14.80 27.58
C GLY B 476 14.53 13.45 28.17
N GLY B 477 13.76 12.42 27.86
CA GLY B 477 14.05 11.10 28.41
C GLY B 477 15.35 10.51 27.88
N THR B 478 16.01 9.73 28.72
CA THR B 478 17.25 9.08 28.39
C THR B 478 16.92 7.63 28.14
N PRO B 479 17.85 6.82 27.67
CA PRO B 479 17.72 5.39 27.42
C PRO B 479 17.25 4.61 28.65
N ALA B 480 17.45 5.14 29.85
CA ALA B 480 17.03 4.45 31.05
C ALA B 480 15.63 4.85 31.50
N ASN B 481 14.95 5.71 30.74
CA ASN B 481 13.63 6.18 31.14
C ASN B 481 12.54 5.65 30.24
N PHE B 482 12.05 4.46 30.53
CA PHE B 482 11.05 3.86 29.67
C PHE B 482 10.14 2.88 30.36
N ASN B 483 8.98 2.67 29.77
CA ASN B 483 8.04 1.68 30.26
C ASN B 483 8.07 0.53 29.29
N GLU B 484 7.97 -0.71 29.74
CA GLU B 484 7.93 -1.72 28.71
C GLU B 484 7.28 -3.02 29.09
N ILE B 485 6.87 -3.73 28.06
CA ILE B 485 6.37 -5.09 28.18
C ILE B 485 7.15 -5.94 27.20
N ARG B 486 7.94 -6.85 27.71
CA ARG B 486 8.80 -7.65 26.88
C ARG B 486 8.51 -9.11 26.99
N MET B 487 8.53 -9.79 25.86
CA MET B 487 8.32 -11.21 25.86
C MET B 487 9.51 -11.91 25.27
N GLU B 488 10.01 -12.89 25.99
CA GLU B 488 11.13 -13.70 25.57
C GLU B 488 10.68 -15.10 25.25
N ASP B 489 10.80 -15.49 24.00
CA ASP B 489 10.42 -16.85 23.62
C ASP B 489 11.56 -17.84 23.55
N LYS B 490 12.78 -17.43 23.91
CA LYS B 490 13.89 -18.37 23.88
C LYS B 490 13.53 -19.61 24.65
N LYS B 491 13.55 -20.74 23.96
CA LYS B 491 13.17 -22.02 24.55
C LYS B 491 13.94 -22.34 25.80
N GLY B 492 13.22 -22.44 26.91
CA GLY B 492 13.81 -22.77 28.20
C GLY B 492 14.24 -21.55 29.00
N ALA B 493 14.22 -20.37 28.38
CA ALA B 493 14.58 -19.14 29.05
C ALA B 493 13.48 -18.11 28.93
N GLU B 494 12.24 -18.56 28.78
CA GLU B 494 11.12 -17.66 28.58
C GLU B 494 10.92 -16.66 29.70
N GLN B 495 10.47 -15.49 29.31
CA GLN B 495 10.26 -14.42 30.27
C GLN B 495 9.22 -13.41 29.87
N LEU B 496 8.42 -13.00 30.84
CA LEU B 496 7.51 -11.90 30.64
C LEU B 496 7.97 -10.79 31.55
N TYR B 497 8.50 -9.73 30.97
CA TYR B 497 9.07 -8.65 31.75
C TYR B 497 8.27 -7.40 31.64
N ILE B 498 7.95 -6.82 32.76
CA ILE B 498 7.19 -5.60 32.80
C ILE B 498 7.95 -4.54 33.56
N HIS B 499 7.98 -3.34 33.06
CA HIS B 499 8.74 -2.30 33.71
C HIS B 499 8.04 -0.98 33.72
N ALA B 500 7.87 -0.42 34.91
CA ALA B 500 7.29 0.90 35.02
C ALA B 500 8.37 1.86 35.47
N GLU B 501 8.57 2.92 34.73
CA GLU B 501 9.60 3.88 35.09
C GLU B 501 9.23 4.64 36.33
N ARG B 502 7.95 4.89 36.51
CA ARG B 502 7.40 5.50 37.70
C ARG B 502 6.34 4.63 38.32
N ASN B 503 5.11 5.11 38.30
CA ASN B 503 4.05 4.45 39.01
C ASN B 503 3.35 3.41 38.18
N GLN B 504 2.80 2.42 38.87
CA GLN B 504 2.04 1.35 38.24
C GLN B 504 0.73 1.18 38.95
N ASP B 505 -0.35 1.10 38.22
CA ASP B 505 -1.65 0.99 38.83
C ASP B 505 -2.52 -0.04 38.16
N ASN B 506 -2.69 -1.16 38.86
CA ASN B 506 -3.48 -2.28 38.39
C ASN B 506 -4.84 -2.29 39.07
N LEU B 507 -5.87 -1.94 38.34
CA LEU B 507 -7.23 -1.89 38.87
C LEU B 507 -8.16 -2.90 38.24
N VAL B 508 -8.61 -3.83 39.07
CA VAL B 508 -9.52 -4.89 38.68
C VAL B 508 -10.88 -4.64 39.25
N GLU B 509 -11.88 -4.54 38.40
CA GLU B 509 -13.21 -4.25 38.89
C GLU B 509 -13.84 -5.38 39.69
N ASN B 510 -13.56 -6.64 39.37
CA ASN B 510 -14.23 -7.68 40.13
C ASN B 510 -13.28 -8.68 40.78
N ASP B 511 -12.97 -9.81 40.12
CA ASP B 511 -12.14 -10.79 40.80
C ASP B 511 -10.77 -10.87 40.19
N ALA B 512 -9.78 -11.10 41.00
CA ALA B 512 -8.42 -11.20 40.51
C ALA B 512 -7.80 -12.49 40.98
N SER B 513 -6.88 -13.01 40.20
CA SER B 513 -6.23 -14.23 40.58
C SER B 513 -4.79 -14.26 40.16
N LEU B 514 -3.97 -14.79 41.03
CA LEU B 514 -2.56 -14.94 40.78
C LEU B 514 -2.12 -16.34 41.08
N SER B 515 -1.61 -17.03 40.08
CA SER B 515 -1.15 -18.37 40.31
C SER B 515 0.26 -18.51 39.83
N VAL B 516 1.11 -18.97 40.70
CA VAL B 516 2.52 -19.14 40.40
C VAL B 516 2.91 -20.57 40.61
N GLY B 517 3.37 -21.23 39.57
CA GLY B 517 3.72 -22.64 39.66
C GLY B 517 4.87 -22.95 40.60
N HIS B 518 5.82 -22.05 40.76
CA HIS B 518 6.94 -22.33 41.63
C HIS B 518 7.17 -21.19 42.65
N ASP B 519 8.29 -20.48 42.59
CA ASP B 519 8.58 -19.49 43.63
C ASP B 519 8.11 -18.09 43.29
N ARG B 520 7.87 -17.30 44.32
CA ARG B 520 7.47 -15.92 44.16
C ARG B 520 8.20 -14.98 45.09
N ASN B 521 8.96 -14.05 44.55
CA ASN B 521 9.68 -13.12 45.38
C ASN B 521 9.11 -11.73 45.28
N LYS B 522 9.06 -11.03 46.40
CA LYS B 522 8.57 -9.68 46.43
C LYS B 522 9.49 -8.79 47.24
N SER B 523 9.89 -7.68 46.67
CA SER B 523 10.77 -6.77 47.39
C SER B 523 10.32 -5.37 47.22
N ILE B 524 10.08 -4.69 48.32
CA ILE B 524 9.57 -3.35 48.29
C ILE B 524 10.52 -2.39 48.99
N GLY B 525 10.93 -1.35 48.32
CA GLY B 525 11.90 -0.41 48.85
C GLY B 525 11.42 0.42 50.03
N HIS B 526 10.15 0.73 50.12
CA HIS B 526 9.71 1.55 51.24
C HIS B 526 8.52 0.93 51.98
N ASP B 527 7.34 1.55 51.97
CA ASP B 527 6.23 1.05 52.77
C ASP B 527 5.15 0.33 51.99
N GLU B 528 4.62 -0.72 52.59
CA GLU B 528 3.53 -1.49 52.00
C GLU B 528 2.30 -1.40 52.86
N LEU B 529 1.16 -1.17 52.26
CA LEU B 529 -0.07 -1.11 53.02
C LEU B 529 -1.16 -1.87 52.33
N ALA B 530 -1.83 -2.75 53.07
CA ALA B 530 -2.89 -3.54 52.47
C ALA B 530 -4.17 -3.49 53.28
N ARG B 531 -5.29 -3.39 52.60
CA ARG B 531 -6.57 -3.35 53.27
C ARG B 531 -7.56 -4.32 52.67
N ILE B 532 -8.04 -5.23 53.50
CA ILE B 532 -8.99 -6.24 53.09
C ILE B 532 -10.41 -5.92 53.52
N GLY B 533 -11.24 -5.59 52.56
CA GLY B 533 -12.63 -5.23 52.78
C GLY B 533 -13.38 -6.15 53.72
N ASN B 534 -13.36 -7.45 53.47
CA ASN B 534 -14.00 -8.41 54.36
C ASN B 534 -13.03 -9.39 55.05
N ASN B 535 -13.08 -10.67 54.65
CA ASN B 535 -12.30 -11.71 55.30
C ASN B 535 -11.01 -12.05 54.58
N ARG B 536 -10.05 -12.57 55.31
CA ARG B 536 -8.80 -13.00 54.71
C ARG B 536 -8.33 -14.32 55.26
N THR B 537 -7.95 -15.22 54.38
CA THR B 537 -7.45 -16.51 54.81
C THR B 537 -6.14 -16.85 54.16
N ARG B 538 -5.16 -17.20 54.96
CA ARG B 538 -3.89 -17.59 54.42
C ARG B 538 -3.50 -18.95 54.93
N ALA B 539 -2.95 -19.76 54.06
CA ALA B 539 -2.49 -21.06 54.47
C ALA B 539 -1.15 -21.35 53.89
N VAL B 540 -0.31 -21.97 54.69
CA VAL B 540 1.03 -22.35 54.27
C VAL B 540 1.20 -23.80 54.57
N LYS B 541 1.55 -24.58 53.58
CA LYS B 541 1.66 -26.01 53.80
C LYS B 541 2.77 -26.36 54.78
N LEU B 542 3.90 -25.68 54.71
CA LEU B 542 4.97 -25.93 55.66
C LEU B 542 5.29 -24.71 56.54
N ASN B 543 6.56 -24.29 56.59
CA ASN B 543 7.01 -23.29 57.55
C ASN B 543 6.67 -21.85 57.19
N ASP B 544 6.48 -21.03 58.22
CA ASP B 544 6.15 -19.62 58.09
C ASP B 544 7.00 -18.77 59.02
N THR B 545 7.97 -18.06 58.45
CA THR B 545 8.90 -17.25 59.23
C THR B 545 8.71 -15.76 59.06
N LEU B 546 8.74 -15.04 60.17
CA LEU B 546 8.61 -13.60 60.16
C LEU B 546 9.70 -12.89 60.92
N LEU B 547 10.42 -12.01 60.24
CA LEU B 547 11.49 -11.26 60.88
C LEU B 547 11.16 -9.78 60.88
N VAL B 548 11.04 -9.19 62.05
CA VAL B 548 10.68 -7.77 62.15
C VAL B 548 11.76 -6.95 62.82
N GLY B 549 12.29 -5.98 62.10
CA GLY B 549 13.36 -5.14 62.61
C GLY B 549 12.89 -4.08 63.57
N GLY B 550 11.63 -3.70 63.52
CA GLY B 550 11.08 -2.72 64.43
C GLY B 550 10.16 -3.37 65.45
N ALA B 551 8.97 -2.80 65.61
CA ALA B 551 7.99 -3.30 66.56
C ALA B 551 6.79 -3.86 65.84
N LYS B 552 6.20 -4.89 66.41
CA LYS B 552 5.02 -5.50 65.83
C LYS B 552 3.83 -5.26 66.71
N SER B 553 2.70 -4.94 66.12
CA SER B 553 1.53 -4.67 66.93
C SER B 553 0.26 -5.18 66.28
N ASP B 554 -0.43 -6.06 67.00
CA ASP B 554 -1.68 -6.61 66.50
C ASP B 554 -2.83 -6.01 67.29
N SER B 555 -3.87 -5.57 66.61
CA SER B 555 -5.03 -5.00 67.27
C SER B 555 -6.28 -5.69 66.80
N VAL B 556 -6.63 -6.77 67.47
CA VAL B 556 -7.79 -7.57 67.10
C VAL B 556 -8.97 -7.18 67.94
N THR B 557 -10.10 -6.83 67.33
CA THR B 557 -11.24 -6.40 68.13
C THR B 557 -11.87 -7.50 68.92
N GLY B 558 -11.87 -8.71 68.39
CA GLY B 558 -12.51 -9.80 69.07
C GLY B 558 -11.57 -10.78 69.73
N THR B 559 -11.77 -12.03 69.35
CA THR B 559 -11.01 -13.14 69.86
C THR B 559 -9.77 -13.36 69.05
N TYR B 560 -8.66 -13.50 69.73
CA TYR B 560 -7.41 -13.81 69.09
C TYR B 560 -7.01 -15.18 69.56
N LEU B 561 -7.37 -16.18 68.78
CA LEU B 561 -7.09 -17.57 69.10
C LEU B 561 -5.82 -18.05 68.48
N ILE B 562 -4.93 -18.53 69.31
CA ILE B 562 -3.68 -19.08 68.86
C ILE B 562 -3.57 -20.53 69.21
N GLU B 563 -3.59 -21.36 68.20
CA GLU B 563 -3.49 -22.79 68.40
C GLU B 563 -2.16 -23.34 67.95
N ALA B 564 -1.68 -24.35 68.65
CA ALA B 564 -0.48 -25.03 68.24
C ALA B 564 -0.67 -26.51 68.46
N GLY B 565 -0.17 -27.32 67.54
CA GLY B 565 -0.34 -28.74 67.66
C GLY B 565 0.73 -29.39 68.51
N ALA B 566 1.80 -28.67 68.83
CA ALA B 566 2.82 -29.28 69.65
C ALA B 566 3.40 -28.35 70.71
N GLN B 567 3.74 -27.12 70.34
CA GLN B 567 4.34 -26.27 71.36
C GLN B 567 4.22 -24.78 71.10
N ILE B 568 3.95 -24.02 72.14
CA ILE B 568 3.95 -22.57 72.02
C ILE B 568 5.07 -22.01 72.84
N ARG B 569 5.89 -21.15 72.25
CA ARG B 569 6.99 -20.60 73.01
C ARG B 569 7.00 -19.09 73.00
N LEU B 570 7.13 -18.50 74.16
CA LEU B 570 7.21 -17.06 74.26
C LEU B 570 8.56 -16.73 74.81
N VAL B 571 9.42 -16.16 74.00
CA VAL B 571 10.75 -15.91 74.49
C VAL B 571 11.19 -14.49 74.32
N CYS B 572 11.70 -13.91 75.39
CA CYS B 572 12.20 -12.57 75.35
C CYS B 572 13.27 -12.39 76.37
N GLY B 573 14.52 -12.32 75.91
CA GLY B 573 15.62 -12.17 76.82
C GLY B 573 15.66 -13.33 77.79
N LYS B 574 15.52 -13.01 79.06
CA LYS B 574 15.54 -13.99 80.12
C LYS B 574 14.16 -14.56 80.44
N SER B 575 13.11 -14.02 79.86
CA SER B 575 11.77 -14.55 80.10
C SER B 575 11.43 -15.64 79.13
N VAL B 576 11.03 -16.80 79.64
CA VAL B 576 10.68 -17.91 78.78
C VAL B 576 9.39 -18.59 79.19
N VAL B 577 8.46 -18.72 78.26
CA VAL B 577 7.26 -19.46 78.58
C VAL B 577 7.07 -20.57 77.58
N GLU B 578 6.81 -21.77 78.10
CA GLU B 578 6.66 -22.94 77.23
C GLU B 578 5.36 -23.69 77.47
N PHE B 579 4.57 -23.85 76.43
CA PHE B 579 3.34 -24.60 76.54
C PHE B 579 3.43 -25.87 75.74
N ASN B 580 3.34 -27.01 76.40
CA ASN B 580 3.42 -28.25 75.69
C ASN B 580 2.08 -28.91 75.53
N ALA B 581 1.92 -29.62 74.41
CA ALA B 581 0.70 -30.34 74.09
C ALA B 581 0.29 -31.32 75.18
N ASP B 582 1.25 -31.87 75.91
CA ASP B 582 0.90 -32.79 76.98
C ASP B 582 0.44 -32.09 78.27
N GLY B 583 0.26 -30.77 78.24
CA GLY B 583 -0.24 -30.05 79.38
C GLY B 583 0.84 -29.42 80.24
N THR B 584 2.10 -29.56 79.88
CA THR B 584 3.14 -28.97 80.70
C THR B 584 3.29 -27.47 80.46
N ILE B 585 3.16 -26.68 81.51
CA ILE B 585 3.31 -25.24 81.37
C ILE B 585 4.46 -24.73 82.17
N ASN B 586 5.52 -24.32 81.50
CA ASN B 586 6.67 -23.82 82.22
C ASN B 586 6.80 -22.33 82.08
N ILE B 587 7.06 -21.65 83.17
CA ILE B 587 7.23 -20.22 83.12
C ILE B 587 8.46 -19.83 83.87
N SER B 588 9.44 -19.31 83.17
CA SER B 588 10.68 -18.94 83.82
C SER B 588 11.03 -17.50 83.63
N GLY B 589 11.50 -16.89 84.69
CA GLY B 589 11.93 -15.52 84.61
C GLY B 589 12.91 -15.23 85.72
N SER B 590 13.28 -13.98 85.85
CA SER B 590 14.16 -13.60 86.90
C SER B 590 13.31 -13.20 88.07
N ALA B 591 12.12 -12.73 87.77
CA ALA B 591 11.19 -12.36 88.81
C ALA B 591 9.79 -12.33 88.27
N PHE B 592 8.82 -12.42 89.15
CA PHE B 592 7.47 -12.31 88.66
C PHE B 592 6.56 -11.69 89.65
N ASN B 593 5.48 -11.12 89.13
CA ASN B 593 4.49 -10.42 89.91
C ASN B 593 3.09 -10.80 89.49
N LEU B 594 2.61 -11.92 89.99
CA LEU B 594 1.27 -12.35 89.70
C LEU B 594 0.33 -11.59 90.60
N TYR B 595 -0.65 -10.94 90.01
CA TYR B 595 -1.53 -10.10 90.79
C TYR B 595 -2.99 -10.08 90.37
N ALA B 596 -3.87 -10.21 91.35
CA ALA B 596 -5.30 -10.07 91.09
C ALA B 596 -5.87 -8.91 91.85
N SER B 597 -6.68 -8.10 91.19
CA SER B 597 -7.34 -7.01 91.89
C SER B 597 -8.36 -7.60 92.85
N GLY B 598 -8.97 -8.69 92.43
CA GLY B 598 -9.91 -9.45 93.25
C GLY B 598 -9.25 -10.73 93.79
N ASN B 599 -9.97 -11.83 93.69
CA ASN B 599 -9.55 -13.12 94.23
C ASN B 599 -8.63 -13.91 93.29
N GLY B 600 -7.78 -14.75 93.86
CA GLY B 600 -6.89 -15.57 93.05
C GLY B 600 -6.89 -17.00 93.55
N ASN B 601 -6.94 -17.96 92.64
CA ASN B 601 -6.92 -19.36 93.00
C ASN B 601 -5.74 -20.08 92.39
N ILE B 602 -5.08 -20.89 93.18
CA ILE B 602 -4.00 -21.72 92.67
C ILE B 602 -4.24 -23.13 93.13
N ASP B 603 -4.80 -23.94 92.26
CA ASP B 603 -5.15 -25.30 92.63
C ASP B 603 -4.38 -26.36 91.87
N THR B 604 -4.13 -27.49 92.52
CA THR B 604 -3.47 -28.62 91.89
C THR B 604 -4.30 -29.87 92.09
N GLY B 605 -3.96 -30.93 91.36
CA GLY B 605 -4.68 -32.20 91.52
C GLY B 605 -3.81 -33.11 92.36
N GLY B 606 -2.51 -32.94 92.23
CA GLY B 606 -1.52 -33.66 92.99
C GLY B 606 -1.03 -32.73 94.10
N ARG B 607 0.28 -32.53 94.16
CA ARG B 607 0.83 -31.64 95.16
C ARG B 607 1.09 -30.25 94.63
N LEU B 608 0.95 -29.28 95.52
CA LEU B 608 1.27 -27.90 95.25
C LEU B 608 2.49 -27.58 96.05
N ASP B 609 3.64 -27.62 95.43
CA ASP B 609 4.88 -27.42 96.16
C ASP B 609 5.44 -26.03 96.01
N LEU B 610 5.94 -25.48 97.10
CA LEU B 610 6.54 -24.17 97.07
C LEU B 610 7.99 -24.26 97.51
N ASN B 611 8.88 -23.67 96.73
CA ASN B 611 10.32 -23.67 97.04
C ASN B 611 10.85 -25.06 97.33
N SER B 612 10.49 -26.02 96.49
CA SER B 612 10.89 -27.41 96.65
C SER B 612 12.05 -27.77 95.75
N GLY B 613 12.24 -26.95 94.73
CA GLY B 613 13.28 -27.22 93.74
C GLY B 613 12.72 -27.92 92.51
N GLY B 614 11.41 -28.22 92.52
CA GLY B 614 10.77 -28.88 91.39
C GLY B 614 10.87 -28.08 90.08
N ALA B 615 10.63 -26.78 90.15
CA ALA B 615 10.71 -25.92 88.97
C ALA B 615 12.13 -25.38 88.79
N SER B 616 12.50 -25.10 87.55
CA SER B 616 13.82 -24.57 87.25
C SER B 616 13.79 -23.71 86.01
N GLU B 617 14.90 -23.05 85.73
CA GLU B 617 14.99 -22.19 84.56
C GLU B 617 14.86 -22.97 83.27
N VAL B 618 14.09 -22.42 82.34
CA VAL B 618 13.85 -23.05 81.05
C VAL B 618 14.78 -22.49 80.00
N ASP B 619 15.42 -23.37 79.25
CA ASP B 619 16.33 -22.94 78.21
C ASP B 619 15.64 -22.14 77.13
N ALA B 620 16.28 -21.05 76.72
CA ALA B 620 15.80 -20.25 75.62
C ALA B 620 16.32 -20.81 74.31
N LYS B 621 17.28 -21.73 74.39
CA LYS B 621 17.91 -22.35 73.23
C LYS B 621 18.43 -21.34 72.22
N GLY B 622 18.97 -20.23 72.71
CA GLY B 622 19.54 -19.20 71.86
C GLY B 622 18.51 -18.25 71.27
N LYS B 623 17.27 -18.37 71.67
CA LYS B 623 16.23 -17.52 71.14
C LYS B 623 16.04 -16.32 72.03
N GLY B 624 15.44 -15.26 71.48
CA GLY B 624 15.15 -14.06 72.25
C GLY B 624 16.33 -13.16 72.48
N VAL B 625 17.44 -13.41 71.78
CA VAL B 625 18.62 -12.59 71.94
C VAL B 625 18.58 -11.45 70.96
N GLN B 626 18.54 -10.22 71.48
CA GLN B 626 18.43 -9.04 70.64
C GLN B 626 19.42 -8.98 69.50
N GLY B 627 20.68 -9.20 69.81
CA GLY B 627 21.73 -9.14 68.81
C GLY B 627 21.53 -10.15 67.70
N THR B 628 21.17 -11.36 68.08
CA THR B 628 20.95 -12.41 67.10
C THR B 628 19.77 -12.11 66.21
N ILE B 629 18.69 -11.64 66.81
CA ILE B 629 17.48 -11.32 66.08
C ILE B 629 17.77 -10.24 65.07
N ASP B 630 18.45 -9.20 65.53
CA ASP B 630 18.85 -8.09 64.70
C ASP B 630 19.65 -8.53 63.52
N GLY B 631 20.63 -9.40 63.74
CA GLY B 631 21.43 -9.91 62.67
C GLY B 631 20.58 -10.61 61.63
N GLN B 632 19.61 -11.41 62.10
CA GLN B 632 18.75 -12.14 61.18
C GLN B 632 17.90 -11.21 60.34
N VAL B 633 17.44 -10.12 60.93
CA VAL B 633 16.64 -9.18 60.17
C VAL B 633 17.48 -8.48 59.14
N GLN B 634 18.63 -7.97 59.54
CA GLN B 634 19.45 -7.23 58.60
C GLN B 634 20.04 -8.10 57.52
N ALA B 635 20.17 -9.40 57.78
CA ALA B 635 20.61 -10.34 56.77
C ALA B 635 19.64 -10.38 55.58
N MET B 636 18.39 -9.96 55.78
CA MET B 636 17.40 -9.98 54.73
C MET B 636 17.44 -8.69 53.94
N PHE B 637 18.12 -7.69 54.46
CA PHE B 637 18.22 -6.41 53.80
C PHE B 637 19.65 -5.93 53.67
N PRO B 638 20.47 -6.59 52.86
CA PRO B 638 21.86 -6.28 52.60
C PRO B 638 21.93 -5.00 51.77
N PRO B 639 23.03 -4.27 51.88
CA PRO B 639 23.36 -3.05 51.19
C PRO B 639 23.67 -3.36 49.73
N PRO B 640 23.52 -2.37 48.87
CA PRO B 640 23.10 -1.00 49.07
C PRO B 640 21.58 -0.88 49.07
N ARG C 5 -30.05 -4.15 -57.37
CA ARG C 5 -29.86 -2.92 -58.14
C ARG C 5 -28.93 -1.94 -57.44
N LEU C 6 -29.22 -1.65 -56.18
CA LEU C 6 -28.42 -0.69 -55.43
C LEU C 6 -28.63 -0.81 -53.92
N VAL C 7 -28.13 0.17 -53.17
CA VAL C 7 -28.30 0.23 -51.74
C VAL C 7 -29.36 1.23 -51.37
N GLN C 8 -30.42 0.76 -50.75
CA GLN C 8 -31.53 1.60 -50.35
C GLN C 8 -31.44 1.98 -48.89
N VAL C 9 -32.16 3.02 -48.52
CA VAL C 9 -32.14 3.52 -47.15
C VAL C 9 -33.52 3.52 -46.51
N ASP C 10 -33.56 3.10 -45.26
CA ASP C 10 -34.78 3.08 -44.46
C ASP C 10 -34.48 3.71 -43.12
N CYS C 11 -34.88 4.96 -42.94
CA CYS C 11 -34.51 5.63 -41.71
C CYS C 11 -35.56 6.64 -41.26
N PRO C 12 -35.34 7.27 -40.11
CA PRO C 12 -36.15 8.34 -39.59
C PRO C 12 -36.12 9.46 -40.60
N LEU C 13 -37.22 10.17 -40.70
CA LEU C 13 -37.43 11.26 -41.66
C LEU C 13 -37.65 10.76 -43.10
N GLY C 14 -37.74 9.43 -43.32
CA GLY C 14 -38.04 8.94 -44.66
C GLY C 14 -37.05 7.90 -45.18
N PRO C 15 -37.33 7.35 -46.35
CA PRO C 15 -36.44 6.37 -46.96
C PRO C 15 -35.83 6.91 -48.25
N ASP C 16 -36.67 7.56 -49.05
CA ASP C 16 -36.24 8.13 -50.32
C ASP C 16 -35.74 9.56 -50.20
N VAL C 17 -35.62 10.06 -48.98
CA VAL C 17 -35.13 11.41 -48.75
C VAL C 17 -33.64 11.49 -48.93
N LEU C 18 -32.92 10.58 -48.30
CA LEU C 18 -31.47 10.51 -48.38
C LEU C 18 -31.04 9.46 -49.37
N LEU C 19 -30.06 9.80 -50.19
CA LEU C 19 -29.55 8.86 -51.16
C LEU C 19 -28.13 8.53 -50.82
N LEU C 20 -27.77 7.26 -50.91
CA LEU C 20 -26.43 6.90 -50.55
C LEU C 20 -25.44 7.16 -51.65
N GLN C 21 -24.74 8.28 -51.52
CA GLN C 21 -23.70 8.63 -52.47
C GLN C 21 -22.57 7.63 -52.40
N ARG C 22 -22.22 7.22 -51.19
CA ARG C 22 -21.17 6.24 -51.01
C ARG C 22 -21.07 5.78 -49.57
N MET C 23 -20.51 4.59 -49.38
CA MET C 23 -20.35 4.05 -48.06
C MET C 23 -19.02 3.37 -47.88
N GLU C 24 -18.44 3.53 -46.71
CA GLU C 24 -17.20 2.86 -46.43
C GLU C 24 -17.14 2.45 -44.98
N GLY C 25 -16.72 1.23 -44.71
CA GLY C 25 -16.72 0.86 -43.29
C GLY C 25 -16.05 -0.45 -42.96
N ARG C 26 -16.15 -0.82 -41.69
CA ARG C 26 -15.47 -1.99 -41.20
C ARG C 26 -16.23 -2.82 -40.17
N GLU C 27 -16.07 -4.13 -40.27
CA GLU C 27 -16.64 -5.11 -39.37
C GLU C 27 -15.52 -5.93 -38.72
N GLU C 28 -15.75 -6.44 -37.52
CA GLU C 28 -14.73 -7.23 -36.85
C GLU C 28 -15.23 -7.97 -35.60
N LEU C 29 -14.81 -9.22 -35.44
CA LEU C 29 -15.24 -10.03 -34.31
C LEU C 29 -14.82 -9.45 -33.00
N GLY C 30 -15.77 -9.39 -32.08
CA GLY C 30 -15.53 -8.86 -30.75
C GLY C 30 -15.48 -7.34 -30.71
N ARG C 31 -15.70 -6.67 -31.84
CA ARG C 31 -15.56 -5.24 -31.87
C ARG C 31 -16.76 -4.55 -32.45
N LEU C 32 -16.79 -3.24 -32.27
CA LEU C 32 -17.91 -2.44 -32.74
C LEU C 32 -17.67 -2.09 -34.20
N PHE C 33 -18.73 -2.13 -35.02
CA PHE C 33 -18.54 -1.81 -36.42
C PHE C 33 -18.64 -0.33 -36.64
N ALA C 34 -18.20 0.11 -37.81
CA ALA C 34 -18.34 1.50 -38.16
C ALA C 34 -18.61 1.67 -39.63
N TYR C 35 -19.68 2.39 -39.96
CA TYR C 35 -19.92 2.64 -41.38
C TYR C 35 -20.02 4.13 -41.62
N GLU C 36 -19.30 4.60 -42.62
CA GLU C 36 -19.30 5.99 -43.02
C GLU C 36 -20.25 6.20 -44.15
N LEU C 37 -21.25 7.04 -43.94
CA LEU C 37 -22.20 7.29 -44.97
C LEU C 37 -22.10 8.66 -45.55
N HIS C 38 -22.14 8.73 -46.86
CA HIS C 38 -22.23 9.99 -47.54
C HIS C 38 -23.58 9.98 -48.17
N LEU C 39 -24.47 10.76 -47.59
CA LEU C 39 -25.85 10.79 -47.99
C LEU C 39 -26.20 12.11 -48.59
N VAL C 40 -27.09 12.13 -49.57
CA VAL C 40 -27.43 13.42 -50.11
C VAL C 40 -28.95 13.58 -50.22
N SER C 41 -29.43 14.82 -50.25
CA SER C 41 -30.87 15.01 -50.30
C SER C 41 -31.38 16.33 -50.83
N GLU C 42 -32.58 16.28 -51.37
CA GLU C 42 -33.26 17.45 -51.89
C GLU C 42 -33.67 18.42 -50.79
N ASN C 43 -33.80 17.93 -49.56
CA ASN C 43 -34.11 18.80 -48.43
C ASN C 43 -32.80 19.35 -47.85
N PRO C 44 -32.50 20.64 -48.06
CA PRO C 44 -31.28 21.36 -47.65
C PRO C 44 -31.17 21.54 -46.14
N ASN C 45 -32.25 21.26 -45.41
CA ASN C 45 -32.24 21.40 -43.97
C ASN C 45 -32.91 20.20 -43.33
N LEU C 46 -32.36 19.02 -43.56
CA LEU C 46 -32.91 17.82 -43.00
C LEU C 46 -32.33 17.64 -41.58
N PRO C 47 -33.05 18.09 -40.55
CA PRO C 47 -32.65 18.11 -39.13
C PRO C 47 -31.70 16.99 -38.72
N LEU C 48 -30.42 17.33 -38.52
CA LEU C 48 -29.42 16.33 -38.11
C LEU C 48 -29.78 15.64 -36.81
N GLU C 49 -30.30 16.41 -35.86
CA GLU C 49 -30.70 15.92 -34.55
C GLU C 49 -31.86 14.95 -34.59
N GLN C 50 -32.56 14.89 -35.70
CA GLN C 50 -33.67 14.00 -35.82
C GLN C 50 -33.21 12.70 -36.46
N LEU C 51 -31.91 12.58 -36.69
CA LEU C 51 -31.28 11.38 -37.20
C LEU C 51 -30.24 10.89 -36.19
N LEU C 52 -29.60 11.85 -35.54
CA LEU C 52 -28.57 11.58 -34.57
C LEU C 52 -29.09 10.79 -33.41
N GLY C 53 -28.43 9.67 -33.14
CA GLY C 53 -28.79 8.82 -32.03
C GLY C 53 -29.94 7.90 -32.38
N LYS C 54 -30.35 7.85 -33.64
CA LYS C 54 -31.45 7.00 -33.97
C LYS C 54 -31.05 5.85 -34.86
N PRO C 55 -31.85 4.79 -34.87
CA PRO C 55 -31.75 3.60 -35.70
C PRO C 55 -31.80 3.95 -37.17
N MET C 56 -31.04 3.22 -37.96
CA MET C 56 -30.98 3.43 -39.40
C MET C 56 -30.66 2.14 -40.13
N SER C 57 -31.37 1.88 -41.22
CA SER C 57 -31.11 0.66 -41.98
C SER C 57 -30.67 0.92 -43.41
N LEU C 58 -29.69 0.14 -43.85
CA LEU C 58 -29.26 0.16 -45.24
C LEU C 58 -29.70 -1.14 -45.84
N SER C 59 -29.99 -1.16 -47.12
CA SER C 59 -30.42 -2.40 -47.73
C SER C 59 -29.80 -2.65 -49.07
N LEU C 60 -28.87 -3.58 -49.08
CA LEU C 60 -28.19 -3.97 -50.29
C LEU C 60 -28.97 -5.06 -50.96
N GLU C 61 -29.45 -4.80 -52.16
CA GLU C 61 -30.16 -5.86 -52.82
C GLU C 61 -29.18 -6.93 -53.23
N LEU C 62 -29.52 -8.17 -52.92
CA LEU C 62 -28.68 -9.31 -53.19
C LEU C 62 -29.24 -10.14 -54.31
N PRO C 63 -28.45 -11.09 -54.79
CA PRO C 63 -28.83 -12.07 -55.77
C PRO C 63 -29.98 -12.86 -55.21
N GLY C 64 -30.87 -13.28 -56.10
CA GLY C 64 -32.03 -14.04 -55.71
C GLY C 64 -33.14 -13.15 -55.14
N GLY C 65 -32.93 -11.84 -55.13
CA GLY C 65 -33.94 -10.93 -54.62
C GLY C 65 -33.90 -10.80 -53.10
N SER C 66 -32.89 -11.40 -52.47
CA SER C 66 -32.78 -11.26 -51.02
C SER C 66 -32.10 -9.94 -50.73
N ARG C 67 -32.03 -9.55 -49.47
CA ARG C 67 -31.41 -8.28 -49.11
C ARG C 67 -30.45 -8.38 -47.94
N ARG C 68 -29.37 -7.61 -47.98
CA ARG C 68 -28.45 -7.56 -46.86
C ARG C 68 -28.71 -6.29 -46.13
N PHE C 69 -29.02 -6.42 -44.86
CA PHE C 69 -29.33 -5.25 -44.12
C PHE C 69 -28.23 -4.84 -43.23
N PHE C 70 -28.11 -3.55 -43.04
CA PHE C 70 -27.16 -3.00 -42.13
C PHE C 70 -27.92 -2.16 -41.17
N HIS C 71 -28.07 -2.60 -39.95
CA HIS C 71 -28.85 -1.81 -39.03
C HIS C 71 -27.97 -1.31 -37.93
N GLY C 72 -28.00 -0.01 -37.71
CA GLY C 72 -27.15 0.59 -36.70
C GLY C 72 -27.70 1.92 -36.21
N ILE C 73 -26.91 2.60 -35.40
CA ILE C 73 -27.32 3.86 -34.81
C ILE C 73 -26.42 4.98 -35.22
N VAL C 74 -27.02 6.09 -35.60
CA VAL C 74 -26.25 7.25 -36.00
C VAL C 74 -25.48 7.83 -34.84
N ALA C 75 -24.28 7.33 -34.64
CA ALA C 75 -23.43 7.81 -33.55
C ALA C 75 -23.04 9.26 -33.76
N ARG C 76 -22.81 9.60 -35.01
CA ARG C 76 -22.43 10.95 -35.36
C ARG C 76 -22.94 11.36 -36.70
N CYS C 77 -23.23 12.64 -36.86
CA CYS C 77 -23.70 13.10 -38.15
C CYS C 77 -23.18 14.48 -38.47
N SER C 78 -23.27 14.87 -39.72
CA SER C 78 -22.78 16.16 -40.09
C SER C 78 -23.41 16.75 -41.32
N GLN C 79 -23.58 18.06 -41.28
CA GLN C 79 -24.09 18.79 -42.41
C GLN C 79 -22.89 19.29 -43.16
N VAL C 80 -22.79 18.92 -44.42
CA VAL C 80 -21.63 19.36 -45.17
C VAL C 80 -22.05 20.05 -46.44
N ALA C 81 -21.08 20.48 -47.21
CA ALA C 81 -21.33 21.12 -48.48
C ALA C 81 -21.93 20.11 -49.45
N GLY C 82 -22.75 20.59 -50.36
CA GLY C 82 -23.40 19.70 -51.32
C GLY C 82 -23.79 20.46 -52.56
N HIS C 83 -24.52 19.79 -53.43
CA HIS C 83 -24.92 20.37 -54.70
C HIS C 83 -26.20 21.18 -54.56
N GLY C 84 -26.76 21.57 -55.71
CA GLY C 84 -28.01 22.28 -55.76
C GLY C 84 -29.16 21.33 -55.48
N GLN C 85 -29.31 20.35 -56.36
CA GLN C 85 -30.37 19.37 -56.25
C GLN C 85 -30.21 18.51 -55.02
N PHE C 86 -28.98 18.20 -54.64
CA PHE C 86 -28.76 17.37 -53.48
C PHE C 86 -27.70 17.91 -52.52
N ALA C 87 -28.13 18.23 -51.30
CA ALA C 87 -27.25 18.71 -50.23
C ALA C 87 -26.52 17.55 -49.57
N GLY C 88 -25.31 17.77 -49.07
CA GLY C 88 -24.53 16.70 -48.47
C GLY C 88 -24.78 16.47 -46.98
N TYR C 89 -24.87 15.21 -46.59
CA TYR C 89 -25.03 14.79 -45.22
C TYR C 89 -24.09 13.64 -44.91
N GLN C 90 -23.54 13.61 -43.72
CA GLN C 90 -22.69 12.49 -43.38
C GLN C 90 -23.16 11.82 -42.12
N ALA C 91 -22.93 10.53 -42.02
CA ALA C 91 -23.32 9.84 -40.82
C ALA C 91 -22.40 8.68 -40.50
N THR C 92 -22.21 8.44 -39.22
CA THR C 92 -21.42 7.33 -38.76
C THR C 92 -22.32 6.37 -38.03
N LEU C 93 -22.39 5.15 -38.52
CA LEU C 93 -23.21 4.15 -37.89
C LEU C 93 -22.41 3.29 -36.96
N ARG C 94 -22.95 3.04 -35.79
CA ARG C 94 -22.33 2.18 -34.81
C ARG C 94 -23.39 1.32 -34.14
N PRO C 95 -23.04 0.14 -33.65
CA PRO C 95 -23.89 -0.85 -33.01
C PRO C 95 -24.29 -0.34 -31.65
N TRP C 96 -25.44 -0.78 -31.12
CA TRP C 96 -25.90 -0.28 -29.84
C TRP C 96 -25.02 -0.46 -28.59
N PRO C 97 -24.06 -1.41 -28.52
CA PRO C 97 -23.12 -1.55 -27.42
C PRO C 97 -22.23 -0.33 -27.37
N TRP C 98 -22.12 0.40 -28.47
CA TRP C 98 -21.35 1.62 -28.53
C TRP C 98 -21.86 2.62 -27.53
N LEU C 99 -23.16 2.64 -27.30
CA LEU C 99 -23.77 3.55 -26.35
C LEU C 99 -23.33 3.27 -24.92
N LEU C 100 -22.72 2.11 -24.69
CA LEU C 100 -22.24 1.75 -23.38
C LEU C 100 -20.90 2.43 -23.12
N THR C 101 -20.37 3.14 -24.11
CA THR C 101 -19.16 3.91 -23.93
C THR C 101 -19.54 5.30 -23.49
N ARG C 102 -20.83 5.65 -23.61
CA ARG C 102 -21.33 6.95 -23.22
C ARG C 102 -21.72 6.98 -21.75
N THR C 103 -21.53 5.86 -21.05
CA THR C 103 -21.89 5.77 -19.65
C THR C 103 -20.85 5.02 -18.87
N SER C 104 -20.72 5.38 -17.60
CA SER C 104 -19.71 4.77 -16.75
C SER C 104 -20.20 4.62 -15.35
N ASP C 105 -19.56 3.72 -14.61
CA ASP C 105 -20.00 3.54 -13.25
C ASP C 105 -19.07 2.63 -12.47
N CYS C 106 -19.31 2.52 -11.17
CA CYS C 106 -18.57 1.63 -10.29
C CYS C 106 -19.56 0.65 -9.68
N ARG C 107 -19.38 -0.64 -9.92
CA ARG C 107 -20.35 -1.62 -9.45
C ARG C 107 -19.73 -2.92 -8.96
N ILE C 108 -20.43 -3.61 -8.10
CA ILE C 108 -19.96 -4.90 -7.63
C ILE C 108 -20.93 -6.00 -7.98
N PHE C 109 -20.42 -7.06 -8.56
CA PHE C 109 -21.23 -8.20 -8.92
C PHE C 109 -20.79 -9.38 -8.09
N GLN C 110 -21.74 -10.15 -7.60
CA GLN C 110 -21.36 -11.28 -6.76
C GLN C 110 -22.09 -12.55 -7.12
N ASN C 111 -21.37 -13.66 -7.09
CA ASN C 111 -21.92 -14.97 -7.37
C ASN C 111 -22.61 -15.05 -8.72
N GLN C 112 -21.92 -14.61 -9.76
CA GLN C 112 -22.48 -14.64 -11.10
C GLN C 112 -21.42 -15.01 -12.13
N SER C 113 -21.83 -15.73 -13.17
CA SER C 113 -20.90 -16.04 -14.25
C SER C 113 -20.81 -14.84 -15.13
N VAL C 114 -19.76 -14.75 -15.92
CA VAL C 114 -19.63 -13.61 -16.81
C VAL C 114 -20.78 -13.42 -17.78
N PRO C 115 -21.28 -14.46 -18.45
CA PRO C 115 -22.44 -14.42 -19.30
C PRO C 115 -23.60 -13.78 -18.58
N GLU C 116 -23.81 -14.17 -17.33
CA GLU C 116 -24.88 -13.59 -16.55
C GLU C 116 -24.65 -12.13 -16.28
N ILE C 117 -23.42 -11.76 -15.97
CA ILE C 117 -23.09 -10.38 -15.68
C ILE C 117 -23.35 -9.48 -16.86
N ILE C 118 -22.90 -9.91 -18.02
CA ILE C 118 -23.08 -9.13 -19.22
C ILE C 118 -24.54 -8.94 -19.54
N LYS C 119 -25.31 -10.01 -19.42
CA LYS C 119 -26.72 -9.92 -19.66
C LYS C 119 -27.36 -8.95 -18.68
N GLN C 120 -26.89 -8.97 -17.44
CA GLN C 120 -27.40 -8.08 -16.43
C GLN C 120 -27.18 -6.63 -16.80
N VAL C 121 -26.01 -6.34 -17.36
CA VAL C 121 -25.72 -5.00 -17.81
C VAL C 121 -26.68 -4.55 -18.87
N PHE C 122 -26.92 -5.41 -19.85
CA PHE C 122 -27.81 -5.08 -20.93
C PHE C 122 -29.21 -4.82 -20.40
N ARG C 123 -29.65 -5.64 -19.46
CA ARG C 123 -30.96 -5.48 -18.87
C ARG C 123 -31.07 -4.20 -18.11
N ASN C 124 -30.02 -3.86 -17.37
CA ASN C 124 -30.02 -2.65 -16.58
C ASN C 124 -30.20 -1.42 -17.42
N LEU C 125 -29.62 -1.45 -18.62
CA LEU C 125 -29.71 -0.30 -19.48
C LEU C 125 -30.79 -0.39 -20.58
N GLY C 126 -31.72 -1.33 -20.45
CA GLY C 126 -32.84 -1.41 -21.39
C GLY C 126 -32.57 -2.03 -22.75
N PHE C 127 -31.55 -2.87 -22.87
CA PHE C 127 -31.28 -3.48 -24.16
C PHE C 127 -31.78 -4.90 -24.20
N SER C 128 -32.35 -5.30 -25.33
CA SER C 128 -32.87 -6.65 -25.46
C SER C 128 -32.44 -7.36 -26.74
N ASP C 129 -31.86 -6.63 -27.69
CA ASP C 129 -31.49 -7.26 -28.95
C ASP C 129 -30.14 -7.95 -28.90
N PHE C 130 -30.12 -9.09 -28.23
CA PHE C 130 -28.94 -9.90 -28.12
C PHE C 130 -29.34 -11.35 -27.95
N GLU C 131 -28.42 -12.24 -28.22
CA GLU C 131 -28.71 -13.65 -28.14
C GLU C 131 -27.54 -14.45 -27.67
N ASP C 132 -27.81 -15.35 -26.76
CA ASP C 132 -26.80 -16.22 -26.18
C ASP C 132 -26.57 -17.48 -26.97
N ALA C 133 -25.46 -17.56 -27.71
CA ALA C 133 -25.16 -18.79 -28.43
C ALA C 133 -23.89 -19.40 -27.87
N LEU C 134 -23.70 -19.26 -26.56
CA LEU C 134 -22.54 -19.82 -25.87
C LEU C 134 -22.77 -21.31 -25.63
N THR C 135 -21.68 -22.06 -25.49
CA THR C 135 -21.78 -23.50 -25.35
C THR C 135 -20.98 -24.05 -24.20
N ARG C 136 -19.75 -23.57 -24.04
CA ARG C 136 -18.90 -24.06 -22.96
C ARG C 136 -19.43 -23.58 -21.63
N PRO C 137 -19.14 -24.27 -20.53
CA PRO C 137 -19.47 -23.93 -19.16
C PRO C 137 -18.57 -22.80 -18.70
N TYR C 138 -19.08 -21.96 -17.81
CA TYR C 138 -18.31 -20.85 -17.31
C TYR C 138 -18.25 -20.81 -15.80
N ARG C 139 -17.18 -20.21 -15.29
CA ARG C 139 -16.95 -20.09 -13.87
C ARG C 139 -17.83 -19.06 -13.24
N GLU C 140 -18.32 -19.38 -12.05
CA GLU C 140 -19.11 -18.43 -11.30
C GLU C 140 -18.17 -17.55 -10.51
N TRP C 141 -18.27 -16.25 -10.72
CA TRP C 141 -17.42 -15.34 -10.01
C TRP C 141 -18.00 -14.96 -8.69
N GLU C 142 -17.22 -15.15 -7.65
CA GLU C 142 -17.64 -14.77 -6.33
C GLU C 142 -17.75 -13.27 -6.24
N TYR C 143 -16.72 -12.58 -6.70
CA TYR C 143 -16.66 -11.14 -6.61
C TYR C 143 -16.03 -10.54 -7.86
N CYS C 144 -16.76 -9.67 -8.54
CA CYS C 144 -16.27 -9.03 -9.74
C CYS C 144 -16.64 -7.56 -9.76
N VAL C 145 -15.66 -6.70 -9.98
CA VAL C 145 -15.93 -5.28 -9.87
C VAL C 145 -15.73 -4.44 -11.13
N GLN C 146 -16.72 -3.58 -11.39
CA GLN C 146 -16.66 -2.56 -12.42
C GLN C 146 -16.12 -1.33 -11.75
N TYR C 147 -15.06 -0.75 -12.27
CA TYR C 147 -14.49 0.37 -11.53
C TYR C 147 -13.83 1.38 -12.41
N ARG C 148 -14.22 2.65 -12.23
CA ARG C 148 -13.70 3.76 -13.02
C ARG C 148 -13.55 3.43 -14.49
N GLU C 149 -14.58 2.86 -15.07
CA GLU C 149 -14.55 2.45 -16.45
C GLU C 149 -15.92 2.50 -17.05
N THR C 150 -15.98 2.51 -18.37
CA THR C 150 -17.27 2.54 -19.01
C THR C 150 -17.88 1.18 -18.98
N SER C 151 -19.19 1.14 -19.12
CA SER C 151 -19.88 -0.13 -19.11
C SER C 151 -19.41 -1.00 -20.24
N PHE C 152 -19.17 -0.39 -21.40
CA PHE C 152 -18.65 -1.11 -22.52
C PHE C 152 -17.32 -1.74 -22.21
N ASP C 153 -16.38 -0.96 -21.70
CA ASP C 153 -15.06 -1.46 -21.39
C ASP C 153 -15.11 -2.60 -20.41
N PHE C 154 -15.98 -2.48 -19.42
CA PHE C 154 -16.15 -3.51 -18.44
C PHE C 154 -16.52 -4.82 -19.08
N ILE C 155 -17.57 -4.82 -19.89
CA ILE C 155 -17.94 -6.07 -20.49
C ILE C 155 -16.95 -6.52 -21.52
N SER C 156 -16.24 -5.58 -22.13
CA SER C 156 -15.28 -5.92 -23.14
C SER C 156 -14.14 -6.72 -22.56
N ARG C 157 -13.59 -6.28 -21.44
CA ARG C 157 -12.49 -7.02 -20.83
C ARG C 157 -12.95 -8.30 -20.18
N LEU C 158 -14.21 -8.37 -19.77
CA LEU C 158 -14.69 -9.63 -19.25
C LEU C 158 -14.71 -10.67 -20.32
N MET C 159 -15.14 -10.26 -21.51
CA MET C 159 -15.19 -11.18 -22.62
C MET C 159 -13.83 -11.57 -23.09
N GLU C 160 -12.88 -10.64 -23.12
CA GLU C 160 -11.54 -11.02 -23.52
C GLU C 160 -10.99 -12.08 -22.57
N GLN C 161 -11.14 -11.84 -21.28
CA GLN C 161 -10.65 -12.77 -20.28
C GLN C 161 -11.29 -14.15 -20.37
N GLU C 162 -12.59 -14.20 -20.56
CA GLU C 162 -13.28 -15.47 -20.64
C GLU C 162 -13.25 -16.14 -22.00
N GLY C 163 -12.65 -15.51 -23.00
CA GLY C 163 -12.62 -16.11 -24.31
C GLY C 163 -13.95 -15.99 -25.04
N ILE C 164 -14.78 -15.04 -24.62
CA ILE C 164 -16.06 -14.83 -25.24
C ILE C 164 -15.92 -13.78 -26.32
N TYR C 165 -16.57 -13.99 -27.44
CA TYR C 165 -16.49 -12.99 -28.48
C TYR C 165 -17.84 -12.88 -29.10
N TYR C 166 -18.03 -11.90 -29.94
CA TYR C 166 -19.35 -11.74 -30.48
C TYR C 166 -19.39 -11.18 -31.87
N TRP C 167 -20.54 -11.34 -32.48
CA TRP C 167 -20.75 -10.87 -33.82
C TRP C 167 -22.17 -10.44 -33.93
N PHE C 168 -22.49 -9.69 -34.96
CA PHE C 168 -23.82 -9.18 -35.03
C PHE C 168 -24.64 -9.74 -36.15
N ARG C 169 -25.93 -9.82 -35.91
CA ARG C 169 -26.88 -10.27 -36.89
C ARG C 169 -27.77 -9.09 -37.25
N HIS C 170 -27.94 -8.86 -38.54
CA HIS C 170 -28.73 -7.73 -38.96
C HIS C 170 -30.08 -8.12 -39.49
N GLU C 171 -31.11 -7.48 -38.96
CA GLU C 171 -32.46 -7.66 -39.46
C GLU C 171 -32.91 -6.31 -39.92
N GLN C 172 -33.74 -6.27 -40.96
CA GLN C 172 -34.25 -5.01 -41.47
C GLN C 172 -34.59 -3.94 -40.44
N LYS C 173 -35.15 -4.34 -39.31
CA LYS C 173 -35.56 -3.38 -38.30
C LYS C 173 -34.77 -3.43 -36.99
N ARG C 174 -33.75 -4.26 -36.88
CA ARG C 174 -33.01 -4.29 -35.61
C ARG C 174 -31.62 -4.88 -35.70
N HIS C 175 -30.88 -4.68 -34.64
CA HIS C 175 -29.50 -5.08 -34.60
C HIS C 175 -29.20 -6.01 -33.42
N ILE C 176 -28.81 -7.24 -33.71
CA ILE C 176 -28.63 -8.26 -32.68
C ILE C 176 -27.21 -8.64 -32.32
N LEU C 177 -26.88 -8.60 -31.05
CA LEU C 177 -25.56 -9.02 -30.59
C LEU C 177 -25.55 -10.48 -30.18
N VAL C 178 -24.90 -11.32 -30.98
CA VAL C 178 -24.86 -12.73 -30.67
C VAL C 178 -23.56 -13.13 -29.99
N LEU C 179 -23.68 -13.70 -28.80
CA LEU C 179 -22.51 -14.15 -28.06
C LEU C 179 -22.06 -15.49 -28.60
N SER C 180 -20.76 -15.66 -28.74
CA SER C 180 -20.21 -16.87 -29.32
C SER C 180 -18.92 -17.34 -28.66
N ASP C 181 -18.68 -18.63 -28.76
CA ASP C 181 -17.47 -19.20 -28.18
C ASP C 181 -17.00 -20.40 -28.98
N ALA C 182 -17.72 -20.74 -30.04
CA ALA C 182 -17.37 -21.87 -30.89
C ALA C 182 -17.89 -21.63 -32.29
N TYR C 183 -17.20 -22.20 -33.29
CA TYR C 183 -17.57 -22.02 -34.69
C TYR C 183 -19.01 -22.46 -34.97
N GLY C 184 -19.57 -23.32 -34.12
CA GLY C 184 -20.93 -23.81 -34.28
C GLY C 184 -21.98 -22.71 -34.16
N ALA C 185 -21.60 -21.56 -33.62
CA ALA C 185 -22.50 -20.43 -33.50
C ALA C 185 -22.44 -19.54 -34.74
N HIS C 186 -21.70 -19.95 -35.77
CA HIS C 186 -21.53 -19.16 -36.96
C HIS C 186 -22.20 -19.80 -38.15
N ARG C 187 -22.55 -19.00 -39.14
CA ARG C 187 -23.30 -19.49 -40.28
C ARG C 187 -22.81 -18.97 -41.61
N SER C 188 -23.16 -19.69 -42.67
CA SER C 188 -22.87 -19.26 -44.02
C SER C 188 -24.08 -18.53 -44.56
N PRO C 189 -23.90 -17.40 -45.23
CA PRO C 189 -24.93 -16.61 -45.88
C PRO C 189 -25.56 -17.40 -47.00
N GLY C 190 -26.84 -17.12 -47.27
CA GLY C 190 -27.56 -17.82 -48.32
C GLY C 190 -26.90 -17.64 -49.67
N GLY C 191 -26.44 -18.74 -50.26
CA GLY C 191 -25.79 -18.72 -51.56
C GLY C 191 -24.28 -18.51 -51.46
N TYR C 192 -23.78 -18.30 -50.26
CA TYR C 192 -22.37 -18.09 -50.04
C TYR C 192 -21.74 -19.19 -49.23
N ALA C 193 -22.17 -20.42 -49.48
CA ALA C 193 -21.58 -21.57 -48.81
C ALA C 193 -20.13 -21.70 -49.22
N SER C 194 -19.87 -21.42 -50.48
CA SER C 194 -18.54 -21.46 -51.05
C SER C 194 -18.42 -20.41 -52.10
N VAL C 195 -17.26 -19.77 -52.13
CA VAL C 195 -17.05 -18.69 -53.07
C VAL C 195 -15.85 -19.00 -53.94
N PRO C 196 -16.04 -18.97 -55.26
CA PRO C 196 -15.05 -19.24 -56.27
C PRO C 196 -14.06 -18.13 -56.40
N TYR C 197 -12.86 -18.50 -56.77
CA TYR C 197 -11.78 -17.60 -57.03
C TYR C 197 -11.46 -17.55 -58.48
N TYR C 198 -11.33 -16.35 -59.01
CA TYR C 198 -10.94 -16.19 -60.38
C TYR C 198 -9.80 -15.20 -60.46
N PRO C 199 -8.91 -15.34 -61.42
CA PRO C 199 -7.80 -14.47 -61.65
C PRO C 199 -8.27 -13.06 -61.94
N PRO C 200 -7.60 -12.06 -61.38
CA PRO C 200 -7.84 -10.63 -61.52
C PRO C 200 -7.49 -10.18 -62.94
N THR C 201 -6.69 -11.00 -63.63
CA THR C 201 -6.26 -10.76 -64.99
C THR C 201 -7.41 -10.89 -65.99
N LEU C 202 -8.55 -11.42 -65.53
CA LEU C 202 -9.73 -11.54 -66.37
C LEU C 202 -10.52 -10.23 -66.40
N GLY C 203 -10.07 -9.22 -65.64
CA GLY C 203 -10.71 -7.91 -65.63
C GLY C 203 -12.00 -7.90 -64.84
N HIS C 204 -13.09 -8.21 -65.52
CA HIS C 204 -14.39 -8.21 -64.88
C HIS C 204 -15.06 -9.55 -65.01
N ARG C 205 -15.58 -10.00 -63.89
CA ARG C 205 -16.26 -11.27 -63.77
C ARG C 205 -17.55 -10.99 -63.04
N GLU C 206 -18.68 -11.31 -63.67
CA GLU C 206 -19.98 -10.93 -63.12
C GLU C 206 -20.43 -11.66 -61.86
N ARG C 207 -20.18 -12.96 -61.76
CA ARG C 207 -20.59 -13.71 -60.58
C ARG C 207 -19.77 -13.29 -59.37
N ASP C 208 -20.39 -13.26 -58.19
CA ASP C 208 -19.67 -12.87 -56.99
C ASP C 208 -18.50 -13.79 -56.77
N HIS C 209 -17.34 -13.21 -56.52
CA HIS C 209 -16.13 -14.00 -56.45
C HIS C 209 -15.00 -13.28 -55.76
N PHE C 210 -13.91 -14.02 -55.55
CA PHE C 210 -12.69 -13.45 -55.03
C PHE C 210 -11.69 -13.31 -56.15
N PHE C 211 -10.78 -12.37 -56.01
CA PHE C 211 -9.78 -12.14 -57.03
C PHE C 211 -8.43 -11.75 -56.44
N ASP C 212 -8.40 -11.30 -55.19
CA ASP C 212 -7.10 -11.04 -54.57
C ASP C 212 -6.94 -12.01 -53.43
N TRP C 213 -5.71 -12.27 -53.06
CA TRP C 213 -5.38 -13.24 -52.04
C TRP C 213 -3.99 -13.05 -51.47
N GLN C 214 -3.89 -13.15 -50.14
CA GLN C 214 -2.62 -13.06 -49.46
C GLN C 214 -2.62 -13.84 -48.17
N MET C 215 -1.55 -14.57 -47.90
CA MET C 215 -1.46 -15.32 -46.67
C MET C 215 -0.26 -14.88 -45.88
N ALA C 216 -0.48 -14.51 -44.64
CA ALA C 216 0.62 -14.04 -43.81
C ALA C 216 0.83 -14.92 -42.61
N ARG C 217 2.10 -15.18 -42.31
CA ARG C 217 2.47 -15.97 -41.15
C ARG C 217 3.49 -15.26 -40.29
N GLU C 218 3.37 -15.46 -38.99
CA GLU C 218 4.28 -14.77 -38.07
C GLU C 218 4.64 -15.60 -36.87
N VAL C 219 5.90 -15.49 -36.44
CA VAL C 219 6.36 -16.26 -35.31
C VAL C 219 5.68 -15.83 -34.03
N GLN C 220 4.94 -16.75 -33.42
CA GLN C 220 4.27 -16.48 -32.16
C GLN C 220 4.88 -17.34 -31.06
N PRO C 221 4.57 -17.05 -29.80
CA PRO C 221 4.92 -17.81 -28.62
C PRO C 221 4.31 -19.20 -28.69
N GLY C 222 4.96 -20.17 -28.10
CA GLY C 222 4.49 -21.55 -28.15
C GLY C 222 3.82 -22.03 -26.87
N SER C 223 4.18 -21.43 -25.73
CA SER C 223 3.61 -21.93 -24.49
C SER C 223 3.32 -20.86 -23.48
N LEU C 224 2.28 -21.09 -22.68
CA LEU C 224 1.89 -20.16 -21.65
C LEU C 224 1.67 -20.81 -20.31
N THR C 225 2.39 -20.35 -19.30
CA THR C 225 2.24 -20.85 -17.95
C THR C 225 1.65 -19.79 -17.05
N LEU C 226 0.61 -20.14 -16.33
CA LEU C 226 -0.02 -19.21 -15.40
C LEU C 226 0.14 -19.68 -13.98
N ASN C 227 -0.12 -18.80 -13.05
CA ASN C 227 0.00 -19.14 -11.66
C ASN C 227 -0.89 -18.23 -10.81
N ASP C 228 -1.16 -18.63 -9.58
CA ASP C 228 -1.96 -17.85 -8.66
C ASP C 228 -1.73 -18.38 -7.25
N TYR C 229 -2.42 -17.83 -6.27
CA TYR C 229 -2.26 -18.28 -4.89
C TYR C 229 -3.55 -18.30 -4.12
N ASP C 230 -3.91 -19.46 -3.62
CA ASP C 230 -5.09 -19.63 -2.81
C ASP C 230 -4.72 -19.77 -1.37
N PHE C 231 -4.94 -18.72 -0.58
CA PHE C 231 -4.61 -18.75 0.84
C PHE C 231 -5.34 -19.83 1.61
N GLN C 232 -6.45 -20.35 1.08
CA GLN C 232 -7.17 -21.40 1.76
C GLN C 232 -6.54 -22.76 1.54
N ARG C 233 -5.60 -22.84 0.61
CA ARG C 233 -4.88 -24.06 0.34
C ARG C 233 -3.43 -23.78 0.04
N PRO C 234 -2.83 -22.82 0.74
CA PRO C 234 -1.46 -22.30 0.51
C PRO C 234 -0.48 -23.17 -0.28
N GLY C 235 -0.28 -24.42 0.15
CA GLY C 235 0.71 -25.30 -0.47
C GLY C 235 0.29 -25.98 -1.77
N ALA C 236 -0.89 -25.66 -2.28
CA ALA C 236 -1.39 -26.24 -3.52
C ALA C 236 -0.58 -25.78 -4.71
N ARG C 237 -0.60 -26.58 -5.76
CA ARG C 237 0.14 -26.25 -6.97
C ARG C 237 -0.78 -25.78 -8.07
N LEU C 238 -1.09 -24.49 -8.04
CA LEU C 238 -1.97 -23.89 -9.03
C LEU C 238 -1.31 -23.57 -10.35
N GLU C 239 -0.02 -23.84 -10.47
CA GLU C 239 0.65 -23.59 -11.73
C GLU C 239 0.04 -24.42 -12.84
N VAL C 240 -0.31 -23.76 -13.95
CA VAL C 240 -0.91 -24.46 -15.09
C VAL C 240 -0.19 -24.09 -16.35
N ARG C 241 -0.32 -24.92 -17.38
CA ARG C 241 0.37 -24.64 -18.63
C ARG C 241 -0.40 -25.11 -19.85
N SER C 242 -0.41 -24.27 -20.87
CA SER C 242 -1.07 -24.60 -22.13
C SER C 242 -0.08 -24.52 -23.27
N ASN C 243 -0.12 -25.50 -24.16
CA ASN C 243 0.85 -25.55 -25.24
C ASN C 243 0.21 -25.72 -26.60
N ILE C 244 0.68 -24.95 -27.59
CA ILE C 244 0.23 -25.10 -28.97
C ILE C 244 1.43 -25.18 -29.88
N ALA C 245 1.51 -26.24 -30.66
CA ALA C 245 2.67 -26.45 -31.51
C ALA C 245 2.44 -26.08 -32.97
N ARG C 246 3.47 -25.51 -33.57
CA ARG C 246 3.49 -25.16 -34.98
C ARG C 246 4.64 -25.91 -35.63
N PRO C 247 4.52 -26.22 -36.92
CA PRO C 247 5.45 -27.01 -37.73
C PRO C 247 6.78 -26.33 -38.02
N HIS C 248 6.81 -25.00 -37.89
CA HIS C 248 8.04 -24.28 -38.18
C HIS C 248 8.98 -24.21 -36.99
N ALA C 249 10.18 -23.71 -37.25
CA ALA C 249 11.20 -23.58 -36.23
C ALA C 249 10.97 -22.37 -35.35
N ALA C 250 11.61 -22.37 -34.18
CA ALA C 250 11.50 -21.26 -33.23
C ALA C 250 10.08 -21.09 -32.74
N ALA C 251 9.36 -22.19 -32.60
CA ALA C 251 7.98 -22.16 -32.13
C ALA C 251 7.85 -22.58 -30.68
N ASP C 252 8.97 -22.61 -29.96
CA ASP C 252 8.96 -23.07 -28.58
C ASP C 252 9.28 -21.99 -27.55
N TYR C 253 8.75 -20.80 -27.72
CA TYR C 253 9.02 -19.75 -26.74
C TYR C 253 7.91 -19.68 -25.68
N PRO C 254 8.27 -19.77 -24.40
CA PRO C 254 7.42 -19.76 -23.23
C PRO C 254 7.07 -18.38 -22.74
N LEU C 255 5.86 -18.29 -22.22
CA LEU C 255 5.37 -17.10 -21.58
C LEU C 255 4.99 -17.43 -20.17
N TYR C 256 5.10 -16.47 -19.28
CA TYR C 256 4.70 -16.72 -17.91
C TYR C 256 4.03 -15.52 -17.31
N ASP C 257 2.91 -15.73 -16.65
CA ASP C 257 2.18 -14.63 -16.07
C ASP C 257 1.72 -14.95 -14.65
N TYR C 258 1.36 -13.92 -13.93
CA TYR C 258 0.96 -14.01 -12.54
C TYR C 258 0.38 -12.70 -12.05
N PRO C 259 -0.79 -12.74 -11.42
CA PRO C 259 -1.72 -13.83 -11.16
C PRO C 259 -2.64 -14.05 -12.32
N GLY C 260 -3.10 -15.28 -12.50
CA GLY C 260 -4.03 -15.58 -13.58
C GLY C 260 -5.52 -15.44 -13.22
N GLU C 261 -5.83 -15.03 -12.00
CA GLU C 261 -7.21 -14.86 -11.54
C GLU C 261 -8.03 -16.13 -11.52
N TYR C 262 -7.51 -17.15 -10.86
CA TYR C 262 -8.24 -18.40 -10.71
C TYR C 262 -7.84 -19.12 -9.45
N VAL C 263 -8.70 -20.01 -8.99
CA VAL C 263 -8.40 -20.80 -7.81
C VAL C 263 -8.42 -22.29 -8.08
N GLN C 264 -9.02 -22.69 -9.18
CA GLN C 264 -8.99 -24.09 -9.51
C GLN C 264 -8.03 -24.29 -10.65
N SER C 265 -7.34 -25.41 -10.64
CA SER C 265 -6.40 -25.68 -11.70
C SER C 265 -7.10 -25.84 -13.03
N GLN C 266 -8.33 -26.31 -12.98
CA GLN C 266 -9.13 -26.49 -14.18
C GLN C 266 -9.46 -25.16 -14.80
N ASP C 267 -9.77 -24.20 -13.94
CA ASP C 267 -10.11 -22.88 -14.40
C ASP C 267 -8.91 -22.21 -14.98
N GLY C 268 -7.78 -22.38 -14.29
CA GLY C 268 -6.53 -21.82 -14.74
C GLY C 268 -6.19 -22.36 -16.10
N GLU C 269 -6.36 -23.66 -16.28
CA GLU C 269 -6.12 -24.31 -17.55
C GLU C 269 -6.88 -23.64 -18.65
N GLN C 270 -8.16 -23.38 -18.40
CA GLN C 270 -8.96 -22.75 -19.42
C GLN C 270 -8.58 -21.31 -19.67
N TYR C 271 -8.17 -20.58 -18.64
CA TYR C 271 -7.75 -19.21 -18.88
C TYR C 271 -6.47 -19.17 -19.69
N ALA C 272 -5.57 -20.11 -19.42
CA ALA C 272 -4.32 -20.19 -20.14
C ALA C 272 -4.57 -20.53 -21.57
N ARG C 273 -5.47 -21.49 -21.78
CA ARG C 273 -5.80 -21.92 -23.11
C ARG C 273 -6.41 -20.79 -23.91
N ASN C 274 -7.31 -20.03 -23.30
CA ASN C 274 -7.89 -18.91 -24.01
C ASN C 274 -6.85 -17.92 -24.46
N ARG C 275 -5.94 -17.58 -23.56
CA ARG C 275 -4.91 -16.61 -23.88
C ARG C 275 -4.00 -17.05 -24.99
N ILE C 276 -3.49 -18.27 -24.90
CA ILE C 276 -2.57 -18.72 -25.91
C ILE C 276 -3.24 -18.92 -27.25
N GLU C 277 -4.53 -19.26 -27.25
CA GLU C 277 -5.23 -19.40 -28.51
C GLU C 277 -5.45 -18.05 -29.14
N ALA C 278 -5.67 -17.02 -28.33
CA ALA C 278 -5.81 -15.68 -28.86
C ALA C 278 -4.55 -15.27 -29.59
N ILE C 279 -3.41 -15.60 -29.00
CA ILE C 279 -2.14 -15.32 -29.62
C ILE C 279 -1.97 -16.11 -30.91
N GLN C 280 -2.29 -17.39 -30.84
CA GLN C 280 -2.19 -18.27 -31.98
C GLN C 280 -3.13 -17.92 -33.11
N ALA C 281 -4.24 -17.26 -32.80
CA ALA C 281 -5.17 -16.80 -33.82
C ALA C 281 -4.51 -15.79 -34.77
N GLN C 282 -3.37 -15.20 -34.36
CA GLN C 282 -2.66 -14.24 -35.17
C GLN C 282 -1.54 -14.88 -35.95
N HIS C 283 -1.31 -16.18 -35.75
CA HIS C 283 -0.25 -16.89 -36.44
C HIS C 283 -0.42 -16.88 -37.93
N GLU C 284 -1.64 -17.12 -38.40
CA GLU C 284 -1.88 -17.16 -39.83
C GLU C 284 -3.19 -16.50 -40.19
N ARG C 285 -3.14 -15.53 -41.09
CA ARG C 285 -4.34 -14.85 -41.56
C ARG C 285 -4.34 -14.66 -43.06
N VAL C 286 -5.53 -14.72 -43.64
CA VAL C 286 -5.68 -14.60 -45.08
C VAL C 286 -6.48 -13.38 -45.49
N ARG C 287 -5.93 -12.63 -46.42
CA ARG C 287 -6.57 -11.44 -46.94
C ARG C 287 -7.19 -11.72 -48.29
N LEU C 288 -8.49 -11.49 -48.43
CA LEU C 288 -9.16 -11.75 -49.70
C LEU C 288 -9.90 -10.54 -50.21
N ARG C 289 -9.87 -10.32 -51.51
CA ARG C 289 -10.69 -9.24 -52.06
C ARG C 289 -11.62 -9.80 -53.06
N GLY C 290 -12.83 -9.29 -53.05
CA GLY C 290 -13.86 -9.78 -53.94
C GLY C 290 -15.07 -8.87 -53.92
N VAL C 291 -16.11 -9.33 -54.59
CA VAL C 291 -17.33 -8.55 -54.67
C VAL C 291 -18.51 -9.26 -54.05
N VAL C 292 -18.26 -10.18 -53.12
CA VAL C 292 -19.34 -10.90 -52.50
C VAL C 292 -20.17 -9.93 -51.72
N ARG C 293 -21.48 -10.14 -51.68
CA ARG C 293 -22.33 -9.18 -51.03
C ARG C 293 -22.87 -9.62 -49.69
N GLY C 294 -23.08 -10.91 -49.52
CA GLY C 294 -23.71 -11.42 -48.31
C GLY C 294 -22.75 -11.82 -47.19
N ILE C 295 -21.47 -11.93 -47.49
CA ILE C 295 -20.53 -12.34 -46.46
C ILE C 295 -19.99 -11.18 -45.66
N GLY C 296 -20.10 -11.28 -44.34
CA GLY C 296 -19.58 -10.29 -43.42
C GLY C 296 -18.86 -10.94 -42.24
N ALA C 297 -18.47 -10.13 -41.27
CA ALA C 297 -17.75 -10.66 -40.13
C ALA C 297 -18.59 -11.67 -39.40
N GLY C 298 -17.96 -12.78 -39.03
CA GLY C 298 -18.62 -13.84 -38.31
C GLY C 298 -19.20 -14.90 -39.23
N HIS C 299 -19.15 -14.69 -40.53
CA HIS C 299 -19.70 -15.66 -41.44
C HIS C 299 -18.71 -16.70 -41.86
N LEU C 300 -19.23 -17.86 -42.24
CA LEU C 300 -18.39 -18.95 -42.69
C LEU C 300 -18.51 -19.17 -44.19
N PHE C 301 -17.39 -19.44 -44.85
CA PHE C 301 -17.47 -19.76 -46.26
C PHE C 301 -16.31 -20.62 -46.68
N ARG C 302 -16.46 -21.35 -47.77
CA ARG C 302 -15.36 -22.15 -48.25
C ARG C 302 -14.78 -21.57 -49.51
N LEU C 303 -13.48 -21.38 -49.52
CA LEU C 303 -12.82 -20.86 -50.70
C LEU C 303 -12.66 -21.95 -51.73
N SER C 304 -12.98 -21.66 -52.98
CA SER C 304 -12.80 -22.65 -54.01
C SER C 304 -12.23 -22.04 -55.27
N GLY C 305 -11.57 -22.86 -56.07
CA GLY C 305 -10.99 -22.43 -57.33
C GLY C 305 -9.62 -21.74 -57.21
N TYR C 306 -9.03 -21.72 -56.02
CA TYR C 306 -7.74 -21.07 -55.91
C TYR C 306 -6.68 -22.08 -56.33
N PRO C 307 -5.79 -21.74 -57.27
CA PRO C 307 -4.70 -22.55 -57.82
C PRO C 307 -3.98 -23.40 -56.78
N ARG C 308 -3.58 -22.80 -55.67
CA ARG C 308 -2.93 -23.56 -54.61
C ARG C 308 -3.94 -24.35 -53.83
N ASP C 309 -3.81 -25.67 -53.95
CA ASP C 309 -4.74 -26.64 -53.38
C ASP C 309 -5.17 -26.40 -51.95
N ASP C 310 -4.21 -26.22 -51.04
CA ASP C 310 -4.56 -26.11 -49.64
C ASP C 310 -5.12 -24.77 -49.22
N GLN C 311 -5.37 -23.86 -50.16
CA GLN C 311 -6.00 -22.63 -49.79
C GLN C 311 -7.48 -22.77 -49.90
N ASN C 312 -7.92 -23.83 -50.57
CA ASN C 312 -9.33 -24.06 -50.76
C ASN C 312 -9.90 -24.74 -49.53
N ARG C 313 -10.12 -23.95 -48.50
CA ARG C 313 -10.58 -24.45 -47.23
C ARG C 313 -11.66 -23.56 -46.64
N GLU C 314 -12.23 -24.00 -45.52
CA GLU C 314 -13.27 -23.23 -44.86
C GLU C 314 -12.66 -22.11 -44.03
N TYR C 315 -13.28 -20.95 -44.11
CA TYR C 315 -12.81 -19.78 -43.41
C TYR C 315 -13.85 -19.09 -42.55
N LEU C 316 -13.35 -18.44 -41.51
CA LEU C 316 -14.13 -17.61 -40.62
C LEU C 316 -13.77 -16.18 -40.85
N VAL C 317 -14.76 -15.33 -41.13
CA VAL C 317 -14.42 -13.96 -41.37
C VAL C 317 -14.18 -13.23 -40.08
N VAL C 318 -12.94 -12.90 -39.82
CA VAL C 318 -12.59 -12.18 -38.61
C VAL C 318 -12.92 -10.73 -38.76
N GLY C 319 -12.55 -10.15 -39.89
CA GLY C 319 -12.86 -8.75 -40.13
C GLY C 319 -13.16 -8.47 -41.58
N ALA C 320 -13.68 -7.28 -41.87
CA ALA C 320 -14.00 -6.96 -43.23
C ALA C 320 -14.09 -5.47 -43.50
N GLU C 321 -13.72 -5.06 -44.70
CA GLU C 321 -13.87 -3.67 -45.11
C GLU C 321 -14.78 -3.57 -46.31
N TYR C 322 -15.54 -2.49 -46.37
CA TYR C 322 -16.49 -2.31 -47.45
C TYR C 322 -16.36 -0.99 -48.16
N ARG C 323 -16.63 -1.01 -49.45
CA ARG C 323 -16.65 0.20 -50.25
C ARG C 323 -17.85 0.19 -51.20
N VAL C 324 -18.66 1.23 -51.11
CA VAL C 324 -19.84 1.36 -51.94
C VAL C 324 -19.84 2.69 -52.63
N VAL C 325 -20.01 2.68 -53.95
CA VAL C 325 -20.09 3.94 -54.68
C VAL C 325 -21.30 3.97 -55.57
N GLN C 326 -22.18 4.94 -55.40
CA GLN C 326 -23.37 4.94 -56.25
C GLN C 326 -23.55 6.24 -56.99
N GLU C 327 -23.66 6.15 -58.31
CA GLU C 327 -23.85 7.32 -59.16
C GLU C 327 -25.31 7.72 -59.19
N LEU C 328 -25.55 9.01 -59.06
CA LEU C 328 -26.91 9.54 -59.04
C LEU C 328 -27.14 10.47 -60.23
N SER C 338 -23.14 1.76 -59.92
CA SER C 338 -23.10 1.24 -58.57
C SER C 338 -21.97 0.24 -58.39
N GLN C 339 -20.96 0.64 -57.64
CA GLN C 339 -19.82 -0.21 -57.39
C GLN C 339 -19.87 -0.78 -56.00
N PHE C 340 -19.26 -1.94 -55.84
CA PHE C 340 -19.22 -2.59 -54.54
C PHE C 340 -17.97 -3.42 -54.42
N GLU C 341 -17.24 -3.21 -53.33
CA GLU C 341 -16.02 -3.95 -53.08
C GLU C 341 -15.85 -4.29 -51.63
N SER C 342 -15.33 -5.49 -51.38
CA SER C 342 -15.09 -5.89 -50.01
C SER C 342 -13.79 -6.65 -49.84
N GLU C 343 -13.14 -6.40 -48.71
CA GLU C 343 -11.91 -7.09 -48.39
C GLU C 343 -12.07 -7.83 -47.08
N LEU C 344 -11.69 -9.09 -47.05
CA LEU C 344 -11.89 -9.89 -45.86
C LEU C 344 -10.61 -10.30 -45.17
N ASP C 345 -10.66 -10.34 -43.85
CA ASP C 345 -9.59 -10.85 -43.01
C ASP C 345 -10.10 -12.16 -42.44
N CYS C 346 -9.59 -13.27 -42.94
CA CYS C 346 -10.13 -14.55 -42.51
C CYS C 346 -9.11 -15.49 -41.92
N ILE C 347 -9.61 -16.45 -41.16
CA ILE C 347 -8.75 -17.48 -40.61
C ILE C 347 -9.31 -18.84 -40.92
N ASP C 348 -8.45 -19.83 -40.79
CA ASP C 348 -8.85 -21.20 -40.98
C ASP C 348 -9.87 -21.55 -39.94
N ALA C 349 -11.07 -21.92 -40.39
CA ALA C 349 -12.20 -22.22 -39.50
C ALA C 349 -11.93 -23.32 -38.47
N SER C 350 -10.89 -24.14 -38.66
CA SER C 350 -10.55 -25.16 -37.68
C SER C 350 -9.80 -24.60 -36.49
N GLN C 351 -9.40 -23.34 -36.58
CA GLN C 351 -8.67 -22.71 -35.50
C GLN C 351 -9.64 -22.12 -34.50
N SER C 352 -9.23 -22.10 -33.26
CA SER C 352 -10.08 -21.59 -32.20
C SER C 352 -9.92 -20.10 -32.05
N PHE C 353 -10.87 -19.36 -32.57
CA PHE C 353 -10.81 -17.91 -32.48
C PHE C 353 -11.01 -17.38 -31.08
N ARG C 354 -10.11 -16.50 -30.68
CA ARG C 354 -10.18 -15.83 -29.39
C ARG C 354 -9.75 -14.38 -29.54
N LEU C 355 -10.21 -13.53 -28.64
CA LEU C 355 -9.87 -12.13 -28.71
C LEU C 355 -8.57 -11.79 -28.01
N LEU C 356 -7.87 -10.82 -28.57
CA LEU C 356 -6.65 -10.33 -27.95
C LEU C 356 -7.00 -9.32 -26.88
N PRO C 357 -6.29 -9.34 -25.75
CA PRO C 357 -6.37 -8.44 -24.59
C PRO C 357 -6.09 -6.98 -24.91
N GLN C 358 -6.87 -6.38 -25.81
CA GLN C 358 -6.66 -5.00 -26.22
C GLN C 358 -7.27 -4.02 -25.25
N THR C 359 -8.44 -4.37 -24.72
CA THR C 359 -9.15 -3.51 -23.79
C THR C 359 -8.31 -3.24 -22.56
N PRO C 360 -8.10 -1.99 -22.19
CA PRO C 360 -7.38 -1.55 -21.02
C PRO C 360 -8.04 -2.08 -19.76
N VAL C 361 -7.22 -2.54 -18.82
CA VAL C 361 -7.70 -3.06 -17.56
C VAL C 361 -7.56 -1.99 -16.49
N PRO C 362 -8.59 -1.75 -15.69
CA PRO C 362 -8.63 -0.77 -14.64
C PRO C 362 -7.74 -1.22 -13.53
N VAL C 363 -7.01 -0.27 -12.99
CA VAL C 363 -6.09 -0.54 -11.91
C VAL C 363 -6.33 0.41 -10.78
N VAL C 364 -6.54 -0.12 -9.60
CA VAL C 364 -6.75 0.74 -8.47
C VAL C 364 -5.38 1.30 -8.19
N ARG C 365 -5.27 2.62 -8.15
CA ARG C 365 -3.94 3.20 -8.11
C ARG C 365 -3.33 3.30 -6.72
N GLY C 366 -4.11 3.00 -5.70
CA GLY C 366 -3.62 3.06 -4.34
C GLY C 366 -4.73 2.62 -3.42
N PRO C 367 -4.55 2.77 -2.14
CA PRO C 367 -5.47 2.40 -1.09
C PRO C 367 -6.72 3.26 -1.07
N GLN C 368 -7.78 2.71 -0.49
CA GLN C 368 -9.06 3.39 -0.34
C GLN C 368 -9.59 3.16 1.05
N THR C 369 -10.38 4.08 1.57
CA THR C 369 -10.95 3.81 2.87
C THR C 369 -12.28 3.09 2.71
N ALA C 370 -12.71 2.41 3.74
CA ALA C 370 -13.97 1.68 3.69
C ALA C 370 -14.51 1.47 5.09
N VAL C 371 -15.79 1.15 5.18
CA VAL C 371 -16.40 0.92 6.48
C VAL C 371 -16.78 -0.53 6.69
N VAL C 372 -16.45 -1.08 7.84
CA VAL C 372 -16.79 -2.46 8.10
C VAL C 372 -18.27 -2.61 8.38
N VAL C 373 -18.90 -3.54 7.69
CA VAL C 373 -20.34 -3.73 7.84
C VAL C 373 -20.73 -5.16 8.12
N GLY C 374 -21.97 -5.34 8.53
CA GLY C 374 -22.52 -6.65 8.84
C GLY C 374 -24.00 -6.51 9.18
N PRO C 375 -24.61 -7.60 9.63
CA PRO C 375 -26.01 -7.75 10.00
C PRO C 375 -26.42 -6.75 11.06
N LYS C 376 -27.68 -6.35 11.00
CA LYS C 376 -28.23 -5.34 11.89
C LYS C 376 -28.15 -5.67 13.37
N GLY C 377 -28.22 -6.95 13.71
CA GLY C 377 -28.18 -7.33 15.11
C GLY C 377 -26.77 -7.69 15.61
N GLU C 378 -25.75 -7.42 14.80
CA GLU C 378 -24.40 -7.76 15.20
C GLU C 378 -23.53 -6.55 15.42
N GLU C 379 -22.47 -6.73 16.21
CA GLU C 379 -21.46 -5.70 16.40
C GLU C 379 -20.14 -6.18 15.83
N ILE C 380 -19.98 -7.51 15.79
CA ILE C 380 -18.81 -8.14 15.22
C ILE C 380 -19.25 -9.16 14.20
N TRP C 381 -18.64 -9.15 13.03
CA TRP C 381 -19.04 -10.09 11.99
C TRP C 381 -17.86 -10.64 11.23
N THR C 382 -17.51 -11.90 11.50
CA THR C 382 -16.37 -12.51 10.84
C THR C 382 -16.58 -13.99 10.51
N ASP C 383 -15.49 -14.70 10.24
CA ASP C 383 -15.55 -16.12 9.93
C ASP C 383 -14.32 -16.82 10.47
N GLN C 384 -14.11 -18.07 10.08
CA GLN C 384 -13.00 -18.86 10.58
C GLN C 384 -11.61 -18.35 10.20
N TYR C 385 -11.50 -17.46 9.24
CA TYR C 385 -10.21 -16.94 8.86
C TYR C 385 -10.02 -15.53 9.34
N GLY C 386 -10.98 -15.01 10.08
CA GLY C 386 -10.88 -13.66 10.57
C GLY C 386 -11.19 -12.64 9.50
N ARG C 387 -11.91 -13.04 8.45
CA ARG C 387 -12.20 -12.11 7.39
C ARG C 387 -13.40 -11.25 7.73
N VAL C 388 -13.52 -10.11 7.07
CA VAL C 388 -14.64 -9.22 7.32
C VAL C 388 -15.23 -8.71 6.03
N LYS C 389 -16.37 -8.05 6.10
CA LYS C 389 -16.96 -7.46 4.93
C LYS C 389 -17.04 -5.96 5.10
N VAL C 390 -16.92 -5.22 4.00
CA VAL C 390 -16.91 -3.77 4.07
C VAL C 390 -17.82 -3.16 3.03
N HIS C 391 -18.04 -1.87 3.20
CA HIS C 391 -18.78 -1.05 2.28
C HIS C 391 -17.87 0.05 1.74
N PHE C 392 -17.58 -0.01 0.44
CA PHE C 392 -16.75 1.01 -0.19
C PHE C 392 -17.53 2.27 -0.42
N HIS C 393 -16.88 3.40 -0.29
CA HIS C 393 -17.57 4.68 -0.41
C HIS C 393 -18.19 4.88 -1.78
N TRP C 394 -17.53 4.40 -2.82
CA TRP C 394 -18.06 4.54 -4.17
C TRP C 394 -19.19 3.61 -4.51
N ASP C 395 -19.48 2.63 -3.66
CA ASP C 395 -20.55 1.72 -4.01
C ASP C 395 -21.87 2.26 -3.56
N ARG C 396 -22.51 3.02 -4.43
CA ARG C 396 -23.78 3.62 -4.07
C ARG C 396 -24.97 2.72 -4.42
N HIS C 397 -24.76 1.42 -4.58
CA HIS C 397 -25.85 0.54 -4.94
C HIS C 397 -26.04 -0.62 -3.98
N ASP C 398 -25.97 -0.35 -2.69
CA ASP C 398 -26.22 -1.40 -1.73
C ASP C 398 -26.87 -0.82 -0.48
N GLN C 399 -26.97 -1.61 0.57
CA GLN C 399 -27.60 -1.16 1.80
C GLN C 399 -26.65 -1.15 2.98
N SER C 400 -25.35 -1.05 2.72
CA SER C 400 -24.31 -1.12 3.77
C SER C 400 -24.50 -2.32 4.69
N ASN C 401 -25.00 -3.42 4.15
CA ASN C 401 -25.27 -4.61 4.94
C ASN C 401 -24.26 -5.69 4.63
N GLU C 402 -24.48 -6.87 5.19
CA GLU C 402 -23.59 -8.01 5.00
C GLU C 402 -23.43 -8.52 3.56
N ASN C 403 -24.18 -7.98 2.62
CA ASN C 403 -24.05 -8.39 1.23
C ASN C 403 -23.29 -7.36 0.40
N SER C 404 -22.75 -6.32 1.04
CA SER C 404 -22.04 -5.25 0.32
C SER C 404 -20.74 -5.67 -0.34
N SER C 405 -20.12 -6.73 0.14
CA SER C 405 -18.87 -7.19 -0.43
C SER C 405 -18.56 -8.61 -0.03
N CYS C 406 -17.49 -9.16 -0.57
CA CYS C 406 -17.09 -10.52 -0.24
C CYS C 406 -16.24 -10.46 1.00
N TRP C 407 -15.84 -11.62 1.49
CA TRP C 407 -14.99 -11.64 2.66
C TRP C 407 -13.62 -11.11 2.31
N ILE C 408 -13.06 -10.32 3.21
CA ILE C 408 -11.77 -9.70 3.01
C ILE C 408 -10.78 -10.08 4.07
N ARG C 409 -9.59 -10.49 3.66
CA ARG C 409 -8.54 -10.86 4.59
C ARG C 409 -8.08 -9.63 5.30
N VAL C 410 -7.77 -9.78 6.57
CA VAL C 410 -7.40 -8.63 7.36
C VAL C 410 -6.00 -8.74 7.90
N SER C 411 -5.17 -7.73 7.63
CA SER C 411 -3.81 -7.78 8.15
C SER C 411 -3.81 -7.56 9.65
N GLN C 412 -2.81 -8.12 10.29
CA GLN C 412 -2.66 -8.08 11.72
C GLN C 412 -1.25 -7.70 12.09
N ALA C 413 -1.08 -7.37 13.35
CA ALA C 413 0.23 -6.98 13.86
C ALA C 413 1.25 -8.10 13.73
N TRP C 414 0.83 -9.33 14.03
CA TRP C 414 1.76 -10.44 13.93
C TRP C 414 0.99 -11.74 13.69
N ALA C 415 1.30 -12.45 12.63
CA ALA C 415 0.56 -13.67 12.36
C ALA C 415 1.44 -14.90 12.30
N GLY C 416 1.13 -15.90 13.11
CA GLY C 416 1.87 -17.15 13.10
C GLY C 416 0.96 -18.37 12.98
N LYS C 417 1.51 -19.54 13.22
CA LYS C 417 0.72 -20.75 13.06
C LYS C 417 -0.10 -21.08 14.28
N ASN C 418 -1.30 -20.53 14.32
CA ASN C 418 -2.24 -20.68 15.43
C ASN C 418 -1.79 -19.91 16.64
N TRP C 419 -1.06 -18.83 16.41
CA TRP C 419 -0.59 -17.95 17.45
C TRP C 419 -0.29 -16.62 16.83
N GLY C 420 -0.07 -15.63 17.65
CA GLY C 420 0.22 -14.31 17.13
C GLY C 420 -0.73 -13.30 17.73
N SER C 421 -0.85 -12.17 17.08
CA SER C 421 -1.71 -11.13 17.54
C SER C 421 -3.01 -11.11 16.78
N MET C 422 -4.07 -10.69 17.46
CA MET C 422 -5.33 -10.58 16.75
C MET C 422 -6.21 -9.50 17.30
N GLN C 423 -6.64 -8.62 16.42
CA GLN C 423 -7.54 -7.54 16.73
C GLN C 423 -8.53 -7.41 15.58
N ILE C 424 -9.68 -8.04 15.75
CA ILE C 424 -10.71 -8.08 14.71
C ILE C 424 -11.50 -6.78 14.60
N PRO C 425 -11.64 -6.21 13.40
CA PRO C 425 -12.42 -5.03 13.06
C PRO C 425 -13.87 -5.24 13.43
N ARG C 426 -14.52 -4.19 13.85
CA ARG C 426 -15.91 -4.28 14.23
C ARG C 426 -16.75 -3.42 13.34
N ILE C 427 -18.04 -3.64 13.38
CA ILE C 427 -18.92 -2.93 12.50
C ILE C 427 -18.95 -1.47 12.81
N GLY C 428 -18.79 -0.66 11.78
CA GLY C 428 -18.78 0.77 11.91
C GLY C 428 -17.38 1.34 11.94
N GLN C 429 -16.36 0.49 12.00
CA GLN C 429 -15.00 1.00 12.03
C GLN C 429 -14.49 1.29 10.63
N GLU C 430 -13.60 2.27 10.51
CA GLU C 430 -13.05 2.64 9.22
C GLU C 430 -11.69 2.01 9.01
N VAL C 431 -11.50 1.41 7.84
CA VAL C 431 -10.27 0.74 7.52
C VAL C 431 -9.68 1.15 6.19
N ILE C 432 -8.40 0.85 6.02
CA ILE C 432 -7.70 1.11 4.78
C ILE C 432 -7.62 -0.16 3.98
N VAL C 433 -8.15 -0.12 2.77
CA VAL C 433 -8.15 -1.28 1.91
C VAL C 433 -7.16 -1.15 0.79
N SER C 434 -6.33 -2.16 0.63
CA SER C 434 -5.36 -2.20 -0.45
C SER C 434 -5.78 -3.27 -1.41
N PHE C 435 -5.34 -3.18 -2.64
CA PHE C 435 -5.71 -4.18 -3.61
C PHE C 435 -4.50 -4.89 -4.11
N LEU C 436 -4.55 -6.21 -4.13
CA LEU C 436 -3.38 -6.95 -4.54
C LEU C 436 -3.17 -6.68 -5.99
N GLU C 437 -1.95 -6.27 -6.34
CA GLU C 437 -1.64 -5.87 -7.70
C GLU C 437 -2.62 -4.89 -8.33
N GLY C 438 -3.30 -4.07 -7.54
CA GLY C 438 -4.20 -3.07 -8.09
C GLY C 438 -5.48 -3.68 -8.65
N ASP C 439 -5.67 -4.97 -8.43
CA ASP C 439 -6.82 -5.68 -8.92
C ASP C 439 -8.01 -5.42 -8.04
N PRO C 440 -9.02 -4.68 -8.52
CA PRO C 440 -10.27 -4.35 -7.85
C PRO C 440 -10.95 -5.55 -7.21
N ASP C 441 -10.69 -6.74 -7.74
CA ASP C 441 -11.29 -7.95 -7.23
C ASP C 441 -10.49 -8.61 -6.10
N ARG C 442 -9.43 -7.96 -5.65
CA ARG C 442 -8.60 -8.51 -4.58
C ARG C 442 -8.27 -7.53 -3.46
N PRO C 443 -9.24 -7.09 -2.68
CA PRO C 443 -9.12 -6.19 -1.56
C PRO C 443 -8.52 -6.89 -0.36
N ILE C 444 -7.79 -6.14 0.46
CA ILE C 444 -7.21 -6.66 1.69
C ILE C 444 -7.00 -5.52 2.68
N ILE C 445 -7.40 -5.71 3.92
CA ILE C 445 -7.28 -4.59 4.85
C ILE C 445 -5.90 -4.44 5.42
N THR C 446 -5.36 -3.24 5.27
CA THR C 446 -3.99 -2.94 5.66
C THR C 446 -3.83 -1.80 6.67
N GLY C 447 -4.85 -1.51 7.46
CA GLY C 447 -4.68 -0.45 8.47
C GLY C 447 -5.99 0.06 9.04
N ARG C 448 -5.98 0.48 10.30
CA ARG C 448 -7.18 1.00 10.90
C ARG C 448 -7.05 2.47 11.15
N VAL C 449 -8.09 3.24 10.91
CA VAL C 449 -7.98 4.67 11.13
C VAL C 449 -9.13 5.27 11.89
N TYR C 450 -8.87 6.41 12.51
CA TYR C 450 -9.86 7.15 13.25
C TYR C 450 -10.42 8.27 12.40
N ASN C 451 -11.64 8.68 12.71
CA ASN C 451 -12.30 9.77 11.98
C ASN C 451 -13.13 10.58 12.96
N ALA C 452 -13.92 11.54 12.48
CA ALA C 452 -14.69 12.38 13.41
C ALA C 452 -15.74 11.62 14.23
N GLU C 453 -16.11 10.42 13.83
CA GLU C 453 -17.08 9.64 14.60
C GLU C 453 -16.33 8.61 15.39
N GLN C 454 -15.41 7.92 14.74
CA GLN C 454 -14.57 6.97 15.41
C GLN C 454 -13.45 7.75 16.03
N THR C 455 -13.68 8.31 17.20
CA THR C 455 -12.67 9.19 17.79
C THR C 455 -11.58 8.45 18.49
N VAL C 456 -10.50 9.17 18.78
CA VAL C 456 -9.36 8.58 19.44
C VAL C 456 -9.60 8.37 20.92
N PRO C 457 -8.97 7.35 21.52
CA PRO C 457 -9.01 6.94 22.90
C PRO C 457 -8.69 8.03 23.90
N TYR C 458 -7.80 8.95 23.54
CA TYR C 458 -7.41 9.97 24.51
C TYR C 458 -7.50 11.32 23.88
N GLU C 459 -7.88 12.33 24.66
CA GLU C 459 -7.97 13.66 24.10
C GLU C 459 -6.64 14.15 23.61
N LEU C 460 -6.59 14.57 22.36
CA LEU C 460 -5.36 15.06 21.78
C LEU C 460 -5.46 16.53 21.48
N PRO C 461 -4.33 17.22 21.53
CA PRO C 461 -2.97 16.78 21.82
C PRO C 461 -2.64 16.76 23.30
N ALA C 462 -3.63 17.04 24.15
CA ALA C 462 -3.44 17.07 25.59
C ALA C 462 -2.81 15.80 26.14
N ASN C 463 -3.26 14.66 25.63
CA ASN C 463 -2.73 13.38 26.08
C ASN C 463 -1.87 12.73 25.02
N ALA C 464 -1.20 13.54 24.21
CA ALA C 464 -0.36 13.01 23.14
C ALA C 464 0.78 12.14 23.65
N THR C 465 1.12 12.25 24.94
CA THR C 465 2.16 11.45 25.55
C THR C 465 1.64 10.11 26.05
N GLN C 466 0.36 9.82 25.84
CA GLN C 466 -0.20 8.54 26.23
C GLN C 466 -0.32 7.61 25.06
N SER C 467 -0.14 6.33 25.34
CA SER C 467 -0.22 5.31 24.31
C SER C 467 -0.77 4.05 24.89
N GLY C 468 -1.19 3.13 24.04
CA GLY C 468 -1.67 1.87 24.59
C GLY C 468 -2.87 1.29 23.88
N MET C 469 -3.56 0.41 24.59
CA MET C 469 -4.74 -0.27 24.07
C MET C 469 -5.92 -0.20 25.01
N LYS C 470 -7.06 0.23 24.50
CA LYS C 470 -8.27 0.32 25.28
C LYS C 470 -9.39 -0.36 24.54
N SER C 471 -10.00 -1.37 25.14
CA SER C 471 -11.04 -2.12 24.44
C SER C 471 -12.42 -1.58 24.74
N ARG C 472 -13.44 -2.39 24.43
CA ARG C 472 -14.81 -2.01 24.70
C ARG C 472 -15.69 -3.24 24.72
N SER C 473 -16.43 -3.38 25.80
CA SER C 473 -17.31 -4.51 26.01
C SER C 473 -18.40 -4.58 24.96
N SER C 474 -18.73 -5.79 24.55
CA SER C 474 -19.79 -5.98 23.56
C SER C 474 -20.50 -7.29 23.83
N LYS C 475 -21.78 -7.40 23.46
CA LYS C 475 -22.58 -6.34 22.86
C LYS C 475 -23.20 -5.40 23.87
N GLY C 476 -23.47 -4.18 23.43
CA GLY C 476 -24.16 -3.20 24.26
C GLY C 476 -23.31 -2.50 25.32
N GLY C 477 -22.00 -2.50 25.16
CA GLY C 477 -21.15 -1.85 26.15
C GLY C 477 -21.23 -0.33 26.08
N THR C 478 -20.72 0.32 27.12
CA THR C 478 -20.72 1.77 27.21
C THR C 478 -19.28 2.17 27.44
N PRO C 479 -18.96 3.46 27.44
CA PRO C 479 -17.65 4.05 27.66
C PRO C 479 -16.99 3.60 28.97
N ALA C 480 -17.79 3.15 29.94
CA ALA C 480 -17.24 2.70 31.20
C ALA C 480 -16.92 1.21 31.22
N ASN C 481 -17.11 0.53 30.10
CA ASN C 481 -16.91 -0.91 30.06
C ASN C 481 -15.74 -1.30 29.18
N PHE C 482 -14.54 -1.29 29.72
CA PHE C 482 -13.38 -1.58 28.89
C PHE C 482 -12.20 -2.14 29.62
N ASN C 483 -11.30 -2.77 28.89
CA ASN C 483 -10.06 -3.25 29.46
C ASN C 483 -8.96 -2.39 28.89
N GLU C 484 -7.94 -2.07 29.66
CA GLU C 484 -6.91 -1.32 28.98
C GLU C 484 -5.54 -1.47 29.57
N ILE C 485 -4.56 -1.27 28.71
CA ILE C 485 -3.18 -1.17 29.12
C ILE C 485 -2.68 0.13 28.58
N ARG C 486 -2.38 1.05 29.47
CA ARG C 486 -2.03 2.39 29.09
C ARG C 486 -0.68 2.80 29.59
N MET C 487 0.04 3.51 28.75
CA MET C 487 1.33 4.00 29.13
C MET C 487 1.41 5.50 29.02
N GLU C 488 1.89 6.13 30.06
CA GLU C 488 2.08 7.56 30.12
C GLU C 488 3.54 7.88 30.13
N ASP C 489 4.01 8.58 29.10
CA ASP C 489 5.41 8.93 29.01
C ASP C 489 5.74 10.31 29.53
N LYS C 490 4.75 11.06 29.97
CA LYS C 490 5.01 12.41 30.46
C LYS C 490 6.14 12.42 31.45
N LYS C 491 7.16 13.21 31.14
CA LYS C 491 8.36 13.28 31.95
C LYS C 491 8.05 13.67 33.37
N GLY C 492 8.40 12.79 34.29
CA GLY C 492 8.19 13.03 35.71
C GLY C 492 6.80 12.64 36.19
N ALA C 493 5.98 12.09 35.32
CA ALA C 493 4.65 11.65 35.68
C ALA C 493 4.30 10.38 34.95
N GLU C 494 5.30 9.54 34.73
CA GLU C 494 5.12 8.29 34.01
C GLU C 494 4.18 7.34 34.72
N GLN C 495 3.46 6.56 33.93
CA GLN C 495 2.51 5.61 34.51
C GLN C 495 2.23 4.41 33.64
N LEU C 496 2.16 3.27 34.28
CA LEU C 496 1.73 2.06 33.61
C LEU C 496 0.43 1.66 34.24
N TYR C 497 -0.64 1.80 33.50
CA TYR C 497 -1.95 1.57 34.03
C TYR C 497 -2.63 0.40 33.41
N ILE C 498 -3.16 -0.46 34.24
CA ILE C 498 -3.85 -1.63 33.75
C ILE C 498 -5.23 -1.72 34.34
N HIS C 499 -6.23 -1.88 33.52
CA HIS C 499 -7.57 -1.98 34.04
C HIS C 499 -8.34 -3.14 33.48
N ALA C 500 -9.06 -3.83 34.36
CA ALA C 500 -9.88 -4.94 33.93
C ALA C 500 -11.32 -4.68 34.27
N GLU C 501 -12.19 -4.81 33.29
CA GLU C 501 -13.60 -4.57 33.49
C GLU C 501 -14.23 -5.57 34.43
N ARG C 502 -13.81 -6.81 34.32
CA ARG C 502 -14.22 -7.89 35.20
C ARG C 502 -13.04 -8.56 35.85
N ASN C 503 -12.83 -9.81 35.47
CA ASN C 503 -11.86 -10.63 36.14
C ASN C 503 -10.48 -10.58 35.50
N GLN C 504 -9.46 -10.62 36.34
CA GLN C 504 -8.08 -10.62 35.90
C GLN C 504 -7.40 -11.89 36.36
N ASP C 505 -6.68 -12.54 35.48
CA ASP C 505 -6.05 -13.80 35.84
C ASP C 505 -4.63 -13.88 35.34
N ASN C 506 -3.68 -13.72 36.27
CA ASN C 506 -2.27 -13.79 35.98
C ASN C 506 -1.72 -15.15 36.38
N LEU C 507 -1.29 -15.92 35.39
CA LEU C 507 -0.75 -17.25 35.61
C LEU C 507 0.69 -17.37 35.16
N VAL C 508 1.56 -17.71 36.09
CA VAL C 508 2.97 -17.89 35.82
C VAL C 508 3.37 -19.32 36.07
N GLU C 509 3.93 -19.97 35.07
CA GLU C 509 4.28 -21.36 35.27
C GLU C 509 5.45 -21.60 36.20
N ASN C 510 6.46 -20.73 36.17
CA ASN C 510 7.60 -20.98 37.03
C ASN C 510 7.76 -19.91 38.11
N ASP C 511 8.78 -19.06 38.01
CA ASP C 511 9.03 -18.12 39.08
C ASP C 511 8.54 -16.74 38.75
N ALA C 512 7.94 -16.09 39.72
CA ALA C 512 7.44 -14.75 39.55
C ALA C 512 8.16 -13.81 40.48
N SER C 513 8.27 -12.56 40.07
CA SER C 513 8.93 -11.59 40.90
C SER C 513 8.32 -10.23 40.80
N LEU C 514 8.22 -9.57 41.92
CA LEU C 514 7.70 -8.23 42.00
C LEU C 514 8.62 -7.34 42.78
N SER C 515 9.09 -6.30 42.14
CA SER C 515 9.97 -5.39 42.83
C SER C 515 9.44 -3.99 42.69
N VAL C 516 9.28 -3.33 43.82
CA VAL C 516 8.76 -1.99 43.86
C VAL C 516 9.76 -1.09 44.55
N GLY C 517 10.25 -0.09 43.84
CA GLY C 517 11.26 0.79 44.38
C GLY C 517 10.81 1.61 45.58
N HIS C 518 9.54 1.96 45.66
CA HIS C 518 9.09 2.78 46.78
C HIS C 518 7.85 2.15 47.46
N ASP C 519 6.69 2.81 47.43
CA ASP C 519 5.55 2.29 48.18
C ASP C 519 4.64 1.37 47.37
N ARG C 520 3.92 0.52 48.08
CA ARG C 520 2.97 -0.38 47.44
C ARG C 520 1.67 -0.47 48.20
N ASN C 521 0.58 -0.07 47.57
CA ASN C 521 -0.70 -0.13 48.23
C ASN C 521 -1.58 -1.19 47.63
N LYS C 522 -2.33 -1.88 48.47
CA LYS C 522 -3.26 -2.89 48.00
C LYS C 522 -4.59 -2.75 48.68
N SER C 523 -5.65 -2.74 47.91
CA SER C 523 -6.97 -2.62 48.49
C SER C 523 -7.92 -3.56 47.84
N ILE C 524 -8.55 -4.40 48.63
CA ILE C 524 -9.46 -5.40 48.13
C ILE C 524 -10.83 -5.24 48.73
N GLY C 525 -11.84 -5.15 47.88
CA GLY C 525 -13.20 -4.92 48.34
C GLY C 525 -13.85 -6.05 49.11
N HIS C 526 -13.48 -7.28 48.85
CA HIS C 526 -14.12 -8.37 49.56
C HIS C 526 -13.10 -9.32 50.20
N ASP C 527 -13.05 -10.57 49.77
CA ASP C 527 -12.19 -11.54 50.42
C ASP C 527 -10.88 -11.80 49.72
N GLU C 528 -9.85 -12.10 50.50
CA GLU C 528 -8.56 -12.46 49.95
C GLU C 528 -8.13 -13.80 50.48
N LEU C 529 -7.68 -14.67 49.61
CA LEU C 529 -7.23 -15.96 50.06
C LEU C 529 -5.94 -16.34 49.41
N ALA C 530 -4.96 -16.73 50.22
CA ALA C 530 -3.66 -17.08 49.69
C ALA C 530 -3.21 -18.44 50.18
N ARG C 531 -2.61 -19.21 49.29
CA ARG C 531 -2.12 -20.53 49.64
C ARG C 531 -0.70 -20.76 49.17
N ILE C 532 0.18 -21.05 50.11
CA ILE C 532 1.57 -21.31 49.83
C ILE C 532 1.87 -22.79 49.87
N GLY C 533 2.20 -23.34 48.73
CA GLY C 533 2.47 -24.76 48.60
C GLY C 533 3.61 -25.29 49.45
N ASN C 534 4.66 -24.50 49.68
CA ASN C 534 5.73 -25.03 50.51
C ASN C 534 6.09 -24.12 51.71
N ASN C 535 7.07 -23.20 51.57
CA ASN C 535 7.45 -22.34 52.70
C ASN C 535 7.21 -20.87 52.42
N ARG C 536 7.04 -20.08 53.46
CA ARG C 536 6.88 -18.66 53.29
C ARG C 536 7.67 -17.88 54.30
N THR C 537 8.39 -16.88 53.82
CA THR C 537 9.17 -16.04 54.70
C THR C 537 8.89 -14.59 54.43
N ARG C 538 8.74 -13.82 55.48
CA ARG C 538 8.52 -12.42 55.31
C ARG C 538 9.39 -11.63 56.25
N ALA C 539 10.04 -10.62 55.74
CA ALA C 539 10.88 -9.78 56.55
C ALA C 539 10.47 -8.35 56.40
N VAL C 540 10.42 -7.64 57.50
CA VAL C 540 10.08 -6.23 57.51
C VAL C 540 11.15 -5.50 58.25
N LYS C 541 11.82 -4.59 57.59
CA LYS C 541 12.93 -3.91 58.22
C LYS C 541 12.54 -3.08 59.43
N LEU C 542 11.32 -2.58 59.51
CA LEU C 542 10.93 -1.79 60.67
C LEU C 542 9.58 -2.18 61.26
N ASN C 543 8.56 -1.34 61.18
CA ASN C 543 7.34 -1.67 61.91
C ASN C 543 6.35 -2.51 61.14
N ASP C 544 5.60 -3.32 61.86
CA ASP C 544 4.60 -4.20 61.26
C ASP C 544 3.32 -4.15 62.07
N THR C 545 2.33 -3.45 61.54
CA THR C 545 1.08 -3.25 62.25
C THR C 545 -0.06 -3.99 61.60
N LEU C 546 -0.86 -4.64 62.42
CA LEU C 546 -2.00 -5.39 61.95
C LEU C 546 -3.27 -5.07 62.69
N LEU C 547 -4.32 -4.73 61.96
CA LEU C 547 -5.58 -4.46 62.61
C LEU C 547 -6.62 -5.43 62.11
N VAL C 548 -7.41 -5.98 63.01
CA VAL C 548 -8.42 -6.95 62.63
C VAL C 548 -9.77 -6.59 63.19
N GLY C 549 -10.70 -6.21 62.33
CA GLY C 549 -12.02 -5.81 62.77
C GLY C 549 -12.84 -6.95 63.33
N GLY C 550 -12.52 -8.18 62.97
CA GLY C 550 -13.21 -9.34 63.50
C GLY C 550 -12.32 -10.16 64.44
N ALA C 551 -12.26 -11.47 64.19
CA ALA C 551 -11.48 -12.38 65.00
C ALA C 551 -10.30 -12.93 64.23
N LYS C 552 -9.21 -13.17 64.93
CA LYS C 552 -8.02 -13.70 64.32
C LYS C 552 -7.78 -15.10 64.83
N SER C 553 -7.44 -16.00 63.95
CA SER C 553 -7.24 -17.38 64.36
C SER C 553 -6.06 -18.02 63.70
N ASP C 554 -5.04 -18.31 64.49
CA ASP C 554 -3.85 -18.95 63.99
C ASP C 554 -3.88 -20.40 64.37
N SER C 555 -3.47 -21.26 63.48
CA SER C 555 -3.45 -22.67 63.80
C SER C 555 -2.25 -23.34 63.19
N VAL C 556 -1.25 -23.56 64.01
CA VAL C 556 0.02 -24.12 63.58
C VAL C 556 0.14 -25.56 64.03
N THR C 557 0.41 -26.49 63.12
CA THR C 557 0.49 -27.89 63.52
C THR C 557 1.65 -28.18 64.42
N GLY C 558 2.74 -27.46 64.26
CA GLY C 558 3.90 -27.73 65.08
C GLY C 558 4.13 -26.74 66.20
N THR C 559 5.33 -26.19 66.17
CA THR C 559 5.78 -25.24 67.14
C THR C 559 5.52 -23.83 66.68
N TYR C 560 4.96 -23.03 67.55
CA TYR C 560 4.75 -21.63 67.27
C TYR C 560 5.62 -20.82 68.21
N LEU C 561 6.77 -20.44 67.72
CA LEU C 561 7.75 -19.68 68.47
C LEU C 561 7.60 -18.22 68.27
N ILE C 562 7.45 -17.50 69.36
CA ILE C 562 7.36 -16.06 69.34
C ILE C 562 8.49 -15.44 70.10
N GLU C 563 9.32 -14.72 69.39
CA GLU C 563 10.46 -14.06 70.01
C GLU C 563 10.31 -12.57 70.00
N ALA C 564 10.87 -11.95 71.01
CA ALA C 564 10.91 -10.51 71.08
C ALA C 564 12.28 -10.12 71.58
N GLY C 565 12.77 -8.98 71.14
CA GLY C 565 14.08 -8.57 71.57
C GLY C 565 14.02 -7.69 72.79
N ALA C 566 12.82 -7.21 73.12
CA ALA C 566 12.72 -6.35 74.28
C ALA C 566 11.47 -6.60 75.10
N GLN C 567 10.32 -6.78 74.46
CA GLN C 567 9.14 -6.95 75.28
C GLN C 567 7.97 -7.63 74.59
N ILE C 568 7.31 -8.54 75.29
CA ILE C 568 6.11 -9.17 74.76
C ILE C 568 4.94 -8.72 75.59
N ARG C 569 3.89 -8.22 74.97
CA ARG C 569 2.76 -7.78 75.75
C ARG C 569 1.48 -8.44 75.31
N LEU C 570 0.68 -8.86 76.27
CA LEU C 570 -0.61 -9.43 75.96
C LEU C 570 -1.62 -8.58 76.63
N VAL C 571 -2.40 -7.85 75.88
CA VAL C 571 -3.34 -6.97 76.51
C VAL C 571 -4.74 -7.26 76.06
N CYS C 572 -5.65 -7.31 77.01
CA CYS C 572 -7.03 -7.62 76.73
C CYS C 572 -7.92 -7.05 77.79
N GLY C 573 -8.30 -5.78 77.61
CA GLY C 573 -9.15 -5.13 78.60
C GLY C 573 -8.39 -4.94 79.88
N LYS C 574 -8.87 -5.60 80.92
CA LYS C 574 -8.25 -5.52 82.23
C LYS C 574 -7.15 -6.56 82.41
N SER C 575 -7.02 -7.51 81.50
CA SER C 575 -5.96 -8.49 81.61
C SER C 575 -4.70 -7.99 80.95
N VAL C 576 -3.61 -7.98 81.68
CA VAL C 576 -2.35 -7.51 81.11
C VAL C 576 -1.18 -8.41 81.44
N VAL C 577 -0.47 -8.87 80.43
CA VAL C 577 0.71 -9.65 80.71
C VAL C 577 1.92 -9.02 80.06
N GLU C 578 2.98 -8.88 80.83
CA GLU C 578 4.19 -8.24 80.33
C GLU C 578 5.43 -9.09 80.52
N PHE C 579 6.12 -9.37 79.44
CA PHE C 579 7.34 -10.14 79.52
C PHE C 579 8.51 -9.28 79.11
N ASN C 580 9.38 -8.98 80.05
CA ASN C 580 10.51 -8.13 79.72
C ASN C 580 11.77 -8.93 79.53
N ALA C 581 12.62 -8.45 78.63
CA ALA C 581 13.89 -9.09 78.31
C ALA C 581 14.79 -9.29 79.53
N ASP C 582 14.64 -8.46 80.57
CA ASP C 582 15.46 -8.67 81.75
C ASP C 582 14.92 -9.78 82.67
N GLY C 583 13.88 -10.51 82.22
CA GLY C 583 13.34 -11.60 82.99
C GLY C 583 12.13 -11.24 83.84
N THR C 584 11.69 -9.99 83.78
CA THR C 584 10.54 -9.62 84.60
C THR C 584 9.23 -10.08 83.98
N ILE C 585 8.44 -10.85 84.72
CA ILE C 585 7.17 -11.31 84.23
C ILE C 585 6.02 -10.79 85.05
N ASN C 586 5.26 -9.88 84.50
CA ASN C 586 4.15 -9.33 85.24
C ASN C 586 2.83 -9.87 84.72
N ILE C 587 1.96 -10.29 85.61
CA ILE C 587 0.68 -10.77 85.19
C ILE C 587 -0.40 -10.16 86.01
N SER C 588 -1.19 -9.29 85.43
CA SER C 588 -2.22 -8.61 86.16
C SER C 588 -3.60 -8.90 85.64
N GLY C 589 -4.51 -9.15 86.55
CA GLY C 589 -5.88 -9.37 86.15
C GLY C 589 -6.81 -9.04 87.28
N SER C 590 -8.08 -9.25 87.03
CA SER C 590 -9.11 -9.05 88.01
C SER C 590 -9.08 -10.25 88.92
N ALA C 591 -8.89 -11.39 88.30
CA ALA C 591 -8.84 -12.62 89.04
C ALA C 591 -8.08 -13.65 88.26
N PHE C 592 -7.63 -14.68 88.93
CA PHE C 592 -6.98 -15.72 88.17
C PHE C 592 -7.21 -17.07 88.74
N ASN C 593 -7.09 -18.06 87.88
CA ASN C 593 -7.33 -19.44 88.22
C ASN C 593 -6.26 -20.34 87.65
N LEU C 594 -5.14 -20.43 88.34
CA LEU C 594 -4.07 -21.30 87.91
C LEU C 594 -4.39 -22.69 88.36
N TYR C 595 -4.39 -23.62 87.43
CA TYR C 595 -4.79 -24.97 87.75
C TYR C 595 -4.00 -26.08 87.07
N ALA C 596 -3.58 -27.05 87.86
CA ALA C 596 -2.94 -28.24 87.31
C ALA C 596 -3.76 -29.45 87.62
N SER C 597 -3.89 -30.35 86.67
CA SER C 597 -4.60 -31.59 86.97
C SER C 597 -3.68 -32.53 87.73
N GLY C 598 -2.37 -32.29 87.63
CA GLY C 598 -1.37 -33.03 88.35
C GLY C 598 -0.64 -32.10 89.34
N ASN C 599 0.68 -32.18 89.35
CA ASN C 599 1.50 -31.41 90.28
C ASN C 599 1.82 -30.01 89.79
N GLY C 600 1.92 -29.07 90.72
CA GLY C 600 2.29 -27.72 90.36
C GLY C 600 3.42 -27.26 91.26
N ASN C 601 4.42 -26.63 90.67
CA ASN C 601 5.56 -26.15 91.42
C ASN C 601 5.74 -24.66 91.28
N ILE C 602 5.99 -23.99 92.39
CA ILE C 602 6.32 -22.58 92.34
C ILE C 602 7.58 -22.38 93.12
N ASP C 603 8.65 -22.01 92.45
CA ASP C 603 9.94 -21.86 93.11
C ASP C 603 10.60 -20.52 92.86
N THR C 604 11.24 -19.98 93.90
CA THR C 604 11.99 -18.74 93.73
C THR C 604 13.41 -18.92 94.20
N GLY C 605 14.33 -18.13 93.64
CA GLY C 605 15.71 -18.19 94.08
C GLY C 605 15.83 -17.34 95.33
N GLY C 606 15.02 -16.30 95.37
CA GLY C 606 14.90 -15.42 96.51
C GLY C 606 13.65 -15.81 97.27
N ARG C 607 12.88 -14.81 97.69
CA ARG C 607 11.67 -15.07 98.45
C ARG C 607 10.43 -15.20 97.60
N LEU C 608 9.53 -16.04 98.08
CA LEU C 608 8.20 -16.20 97.50
C LEU C 608 7.23 -15.52 98.42
N ASP C 609 6.85 -14.32 98.09
CA ASP C 609 5.99 -13.56 99.00
C ASP C 609 4.54 -13.56 98.55
N LEU C 610 3.65 -13.94 99.46
CA LEU C 610 2.24 -13.95 99.17
C LEU C 610 1.54 -12.80 99.87
N ASN C 611 0.71 -12.08 99.13
CA ASN C 611 -0.05 -10.93 99.64
C ASN C 611 0.83 -9.92 100.37
N SER C 612 1.98 -9.62 99.81
CA SER C 612 2.93 -8.71 100.42
C SER C 612 2.74 -7.27 100.02
N GLY C 613 2.10 -7.05 98.88
CA GLY C 613 1.93 -5.73 98.32
C GLY C 613 3.00 -5.43 97.27
N GLY C 614 3.93 -6.37 97.06
CA GLY C 614 4.99 -6.20 96.07
C GLY C 614 4.49 -6.22 94.62
N ALA C 615 3.31 -6.80 94.38
CA ALA C 615 2.75 -6.85 93.04
C ALA C 615 1.50 -5.97 92.94
N SER C 616 1.25 -5.43 91.76
CA SER C 616 0.12 -4.55 91.54
C SER C 616 -0.32 -4.54 90.08
N GLU C 617 -1.35 -3.77 89.78
CA GLU C 617 -1.84 -3.66 88.42
C GLU C 617 -0.80 -3.13 87.46
N VAL C 618 -0.81 -3.66 86.25
CA VAL C 618 0.11 -3.24 85.22
C VAL C 618 -0.54 -2.24 84.29
N ASP C 619 0.16 -1.15 84.03
CA ASP C 619 -0.36 -0.10 83.18
C ASP C 619 -0.54 -0.59 81.75
N ALA C 620 -1.80 -0.64 81.30
CA ALA C 620 -2.13 -1.07 79.95
C ALA C 620 -1.82 0.01 78.91
N LYS C 621 -1.48 1.21 79.37
CA LYS C 621 -1.13 2.34 78.52
C LYS C 621 -2.14 2.65 77.43
N GLY C 622 -3.41 2.52 77.76
CA GLY C 622 -4.48 2.82 76.83
C GLY C 622 -4.75 1.73 75.81
N LYS C 623 -4.11 0.58 75.96
CA LYS C 623 -4.32 -0.48 75.03
C LYS C 623 -5.37 -1.43 75.55
N GLY C 624 -5.91 -2.24 74.66
CA GLY C 624 -6.87 -3.25 75.01
C GLY C 624 -8.29 -2.74 75.14
N VAL C 625 -8.53 -1.51 74.69
CA VAL C 625 -9.85 -0.93 74.77
C VAL C 625 -10.59 -1.19 73.48
N GLN C 626 -11.69 -1.91 73.57
CA GLN C 626 -12.47 -2.29 72.41
C GLN C 626 -12.83 -1.12 71.51
N GLY C 627 -13.38 -0.07 72.11
CA GLY C 627 -13.80 1.10 71.35
C GLY C 627 -12.65 1.73 70.58
N THR C 628 -11.49 1.82 71.20
CA THR C 628 -10.33 2.39 70.56
C THR C 628 -9.90 1.56 69.38
N ILE C 629 -9.87 0.25 69.57
CA ILE C 629 -9.46 -0.67 68.53
C ILE C 629 -10.40 -0.54 67.34
N ASP C 630 -11.70 -0.52 67.62
CA ASP C 630 -12.72 -0.38 66.60
C ASP C 630 -12.49 0.87 65.79
N GLY C 631 -12.23 1.98 66.47
CA GLY C 631 -11.98 3.23 65.80
C GLY C 631 -10.83 3.12 64.84
N GLN C 632 -9.77 2.45 65.24
CA GLN C 632 -8.60 2.33 64.39
C GLN C 632 -8.89 1.50 63.15
N VAL C 633 -9.68 0.45 63.30
CA VAL C 633 -10.04 -0.34 62.14
C VAL C 633 -10.88 0.47 61.18
N GLN C 634 -11.83 1.22 61.73
CA GLN C 634 -12.70 2.04 60.90
C GLN C 634 -11.91 3.14 60.21
N ALA C 635 -10.85 3.62 60.84
CA ALA C 635 -9.99 4.59 60.20
C ALA C 635 -9.35 3.98 58.97
N MET C 636 -8.94 2.72 59.07
CA MET C 636 -8.36 2.02 57.93
C MET C 636 -9.37 1.78 56.83
N PHE C 637 -10.63 1.58 57.20
CA PHE C 637 -11.68 1.40 56.21
C PHE C 637 -12.76 2.45 56.24
N PRO C 638 -12.51 3.65 55.70
CA PRO C 638 -13.41 4.77 55.60
C PRO C 638 -14.46 4.48 54.55
N PRO C 639 -15.62 5.11 54.63
CA PRO C 639 -16.75 5.04 53.72
C PRO C 639 -16.36 5.77 52.44
N PRO C 640 -17.01 5.43 51.33
CA PRO C 640 -16.81 5.95 49.98
C PRO C 640 -17.45 7.32 49.82
#